data_6UEB
#
_entry.id   6UEB
#
_cell.length_a   1.00
_cell.length_b   1.00
_cell.length_c   1.00
_cell.angle_alpha   90.00
_cell.angle_beta   90.00
_cell.angle_gamma   90.00
#
_symmetry.space_group_name_H-M   'P 1'
#
loop_
_entity.id
_entity.type
_entity.pdbx_description
1 polymer 'Large structural protein'
2 polymer Phosphoprotein,Phosphoprotein
3 non-polymer 'ZINC ION'
#
loop_
_entity_poly.entity_id
_entity_poly.type
_entity_poly.pdbx_seq_one_letter_code
_entity_poly.pdbx_strand_id
1 'polypeptide(L)'
;MLDPGEVYDDPIDPIELEAEPRGTPIVPNILRNSDYNLNSPLIEDPARLMLEWLKTGNRPYRMTLTDNCSRSFRVLKDYF
KKVDLGSLKVGGMAAQSMISLWLYGAHSESNRSRRCITDLAHFYSKSSPIEKLLNLTLGNRGLRIPPEGVLSCLERVDYD
NAFGRYLANTYSSYLFFHVITLYMNALDWDEEKTILALWKDLTSVDIGKDLVKFKDQIWGLLIVTKDFVYSQSSNCLFDR
NYTLMLKDLFLSRFNSLMVLLSPPEPRYSDDLISQLCQLYIAGDQVLSMCGNSGYEVIKILEPYVVNSLVQRAEKFRPLI
HSLGDFPVFIKDKVSQLEETFGPCARRFFRALDQFDNIHDLVFVFGCYRHWGHPYIDYRKGLSKLYDQVHLKKMIDKSYQ
ECLASDLARRILRWGFDKYSKWYLDSRFLARDHPLTPYIKTQTWPPKHIVDLVGDTWHKLPITQIFEIPESMDPSEILDD
KSHSFTRTRLASWLSENRGGPVPSEKVIITALSKPPVNPREFLRSIDLGGLPDEDLIIGLKPKERELKIEGRFFALMSWN
LRLYFVITEKLLANYILPLFDALTMTDNLNKVFKKLIDRVTGQGLLDYSRVTYAFHLDYEKWNNHQRLESTEDVFSVLDQ
VFGLKRVFSRTHEFFQKAWIYYSDRSDLIGLREDQIYCLDASNGPTCWNGQDGGLEGLRQKGWSLVSLLMIDRESQIRNT
RTKILAQGDNQVLCPTYMLSPGLSQEGLLYELERISRNALSIYRAVEEGASKLGLIIKKEETMCSYDFLIYGKTPLFRGN
ILVPESKRWARVSCVSNDQIVNLANIMSTVSTNALTVAQHSQSLIKPMRDFLLMSVQAVFHYLLFSPILKGRVYKILSAE
GESFLLAMSRIIYLDPSLGGISGMSLGRFHIRQFSDPVSEGLSFWREIWLSSQESWIHALCQEAGNPDLGERTLESFTRL
LEDPTTLNIRGGASPTILLKDAIRKALYDEVDKVENSEFREAILLSKTHRDNFILFLISVEPLFPRFLSELFSSSFLGIP
ESIIGLIQNSRTIRRQFRKSLSKTLEESFYNSEIHGISRMTQTPQRVGGVWPCSSERADLLREISWGRKVVGTTVPHPSE
MLGLLPKSSISCTCGATGGGNPRVSVSVLPSFDQSFFSRGPLKGYLGSSTSMSTQLFHAWEKVTNVHVVKRALSLKESIN
WFITRDSNLAQALIRNIMSLTGPDFPLEEAPVFKRTGSALHRFKSARYSEGGYSSVCPNLLSHISVSTDTMSDLTQDGKN
YDFMFQPLMLYAQTWTSELVQRDTRLRDSTFHWHLRCNRCVRPIDDVTLETSQIFEFPDVSKRISRMVSGAVPHFQRLPD
IRLRPGDFESLSGREKSHHIGSAQGLLYSILVAIHDSGYNDGTIFPVNIYGKVSPRDYLRGLARGVLIGSSICFLTRMTN
ININRPLELVSGVISYILLRLDNHPSLYIMLREPSLRGEIFSIPQKIPAAYPTTMKEGNRSILCYLQHVLRYEREIITAS
PENDWLWIFSDFRSAKMTYLSLITYQSHLLLQRVERNLSKSMRDNLRQLSSLMRQVLGGHGEDTLESDDNIQRLLKDSLR
RTRWVDQEVRHAARTMTGDYSPNKKVSRKVGCSEWVCSAQQVAVSTSANPAPVSELDIRALSKRFQNPLISGLRVVQWAT
GAHYKLKPILDDLNVFPSLCLVVGDGSGGISRAVLNMFPDAKLVFNSLLEVNDLMASGTHPLPPSAIMRGGNDIVSRVID
LDSIWEKPSDLRNLATWKYFQSVQKQVNMSYDLIICDAEVTDIASINRITLLMSDFALSIDGPLYLVFKTYGTMLVNPNY
KAIQHLSRAFPSVTGFITQVTSSFSSELYLRFSKRGKFFRDAEYLTSSTLREMSLVLFNCSSPKSEMQRARSLNYQDLVR
GFPEEIISNPYNEMIITLIDSDVESFLVHKMVDDLELQRGTLSKVAIIIAIMIVFSNRVFNVSKPLTDPSFYPPSDPKIL
RHFNICCSTMMYLSTALGDVPSFARLHDLYNRPITYYFRKQVIRGNVYLSWSWSNDTSVFKRVACNSSLSLSSHWIRLIY
KIVKTTRLVGSIKDLSREVERHLHRYNRWITLEDIRSRSSLLDYSCL
;
A
2 'polypeptide(L)' (UNK)(UNK)(UNK)(UNK)(UNK)EDMGRLHLDDGKSPNHGEIAKVGEGKYREDFQMDEGE B
#
loop_
_chem_comp.id
_chem_comp.type
_chem_comp.name
_chem_comp.formula
ZN non-polymer 'ZINC ION' 'Zn 2'
#
# COMPACT_ATOMS: atom_id res chain seq x y z
N ASN A 29 12.52 -52.64 -1.20
CA ASN A 29 13.96 -52.68 -1.00
C ASN A 29 14.64 -51.49 -1.69
N ILE A 30 13.93 -50.37 -1.74
CA ILE A 30 14.45 -49.15 -2.36
C ILE A 30 13.69 -47.95 -1.79
N LEU A 31 14.43 -46.91 -1.43
CA LEU A 31 13.85 -45.69 -0.89
C LEU A 31 14.57 -44.49 -1.50
N ARG A 32 13.86 -43.37 -1.57
CA ARG A 32 14.43 -42.15 -2.11
C ARG A 32 15.32 -41.48 -1.06
N ASN A 33 16.05 -40.45 -1.50
CA ASN A 33 16.92 -39.69 -0.60
C ASN A 33 16.19 -38.47 -0.04
N SER A 34 15.71 -37.59 -0.92
CA SER A 34 14.87 -36.44 -0.55
C SER A 34 15.45 -35.63 0.60
N ASP A 35 16.78 -35.60 0.71
CA ASP A 35 17.43 -34.84 1.78
C ASP A 35 18.78 -34.37 1.26
N TYR A 36 18.85 -33.11 0.81
CA TYR A 36 20.11 -32.49 0.42
C TYR A 36 20.47 -31.29 1.28
N ASN A 37 19.53 -30.39 1.52
CA ASN A 37 19.78 -29.20 2.33
C ASN A 37 19.22 -29.38 3.73
N LEU A 38 19.62 -28.48 4.62
CA LEU A 38 19.25 -28.55 6.03
C LEU A 38 17.89 -27.90 6.21
N ASN A 39 16.84 -28.71 6.11
CA ASN A 39 15.49 -28.32 6.48
C ASN A 39 15.01 -29.00 7.75
N SER A 40 15.48 -30.22 7.99
CA SER A 40 15.15 -30.93 9.21
C SER A 40 15.70 -30.18 10.42
N PRO A 41 15.21 -30.48 11.62
CA PRO A 41 15.80 -29.89 12.82
C PRO A 41 17.14 -30.52 13.15
N LEU A 42 17.74 -30.11 14.25
CA LEU A 42 19.06 -30.58 14.64
C LEU A 42 19.02 -31.09 16.07
N ILE A 43 19.81 -32.13 16.33
CA ILE A 43 19.62 -32.97 17.51
C ILE A 43 20.91 -33.74 17.74
N GLU A 44 21.12 -34.19 18.98
CA GLU A 44 22.33 -34.89 19.38
C GLU A 44 22.10 -36.31 19.87
N ASP A 45 20.85 -36.76 19.99
CA ASP A 45 20.60 -38.11 20.49
C ASP A 45 21.17 -39.22 19.60
N PRO A 46 21.05 -39.16 18.27
CA PRO A 46 21.58 -40.26 17.44
C PRO A 46 23.06 -40.52 17.66
N ALA A 47 23.86 -39.46 17.70
CA ALA A 47 25.30 -39.65 17.88
C ALA A 47 25.60 -40.24 19.24
N ARG A 48 24.91 -39.79 20.27
CA ARG A 48 25.14 -40.32 21.62
C ARG A 48 24.81 -41.80 21.67
N LEU A 49 23.67 -42.19 21.09
CA LEU A 49 23.29 -43.59 21.12
C LEU A 49 24.25 -44.45 20.30
N MET A 50 24.70 -43.93 19.16
CA MET A 50 25.65 -44.70 18.36
C MET A 50 26.98 -44.83 19.09
N LEU A 51 27.37 -43.82 19.86
CA LEU A 51 28.58 -43.94 20.66
C LEU A 51 28.43 -45.02 21.72
N GLU A 52 27.29 -45.01 22.41
CA GLU A 52 27.06 -46.03 23.43
C GLU A 52 27.02 -47.43 22.83
N TRP A 53 26.57 -47.54 21.58
CA TRP A 53 26.61 -48.84 20.93
C TRP A 53 28.03 -49.22 20.54
N LEU A 54 28.83 -48.24 20.13
CA LEU A 54 30.21 -48.53 19.72
C LEU A 54 31.07 -48.93 20.90
N LYS A 55 30.81 -48.38 22.09
CA LYS A 55 31.58 -48.77 23.26
C LYS A 55 31.34 -50.25 23.59
N THR A 56 30.07 -50.61 23.81
CA THR A 56 29.70 -52.00 24.05
C THR A 56 28.18 -52.10 24.09
N GLY A 57 27.69 -53.32 23.86
CA GLY A 57 26.29 -53.64 24.01
C GLY A 57 25.60 -53.78 22.68
N ASN A 58 24.32 -54.14 22.77
CA ASN A 58 23.43 -54.10 21.62
C ASN A 58 22.84 -52.70 21.47
N ARG A 59 22.09 -52.49 20.39
CA ARG A 59 21.54 -51.17 20.13
C ARG A 59 20.57 -50.80 21.26
N PRO A 60 20.63 -49.56 21.81
CA PRO A 60 19.78 -49.19 22.93
C PRO A 60 18.37 -48.72 22.55
N TYR A 61 17.71 -49.50 21.69
CA TYR A 61 16.26 -49.50 21.49
C TYR A 61 15.74 -48.24 20.82
N ARG A 62 16.58 -47.25 20.52
CA ARG A 62 16.13 -45.95 20.06
C ARG A 62 16.96 -45.46 18.89
N MET A 63 17.25 -46.34 17.93
CA MET A 63 18.29 -46.07 16.94
C MET A 63 17.81 -46.08 15.50
N THR A 64 16.50 -46.15 15.26
CA THR A 64 15.94 -46.04 13.91
C THR A 64 16.57 -47.08 12.98
N LEU A 65 16.35 -48.34 13.34
CA LEU A 65 16.94 -49.48 12.66
C LEU A 65 16.82 -49.39 11.14
N THR A 66 17.93 -49.62 10.46
CA THR A 66 17.99 -49.65 9.00
C THR A 66 19.19 -50.51 8.60
N ASP A 67 19.40 -50.63 7.29
CA ASP A 67 20.58 -51.31 6.76
C ASP A 67 21.82 -50.41 6.83
N ASN A 68 21.61 -49.12 6.54
CA ASN A 68 22.72 -48.18 6.48
C ASN A 68 23.41 -48.07 7.83
N CYS A 69 22.62 -47.89 8.89
CA CYS A 69 23.21 -47.75 10.21
C CYS A 69 23.90 -49.04 10.65
N SER A 70 23.35 -50.19 10.25
CA SER A 70 23.99 -51.46 10.59
C SER A 70 25.36 -51.58 9.94
N ARG A 71 25.45 -51.32 8.64
CA ARG A 71 26.74 -51.43 7.97
C ARG A 71 27.72 -50.38 8.50
N SER A 72 27.20 -49.20 8.84
CA SER A 72 28.05 -48.15 9.39
C SER A 72 28.63 -48.60 10.72
N PHE A 73 27.82 -49.22 11.57
CA PHE A 73 28.30 -49.69 12.85
C PHE A 73 29.34 -50.79 12.66
N ARG A 74 29.12 -51.67 11.69
CA ARG A 74 30.11 -52.72 11.40
C ARG A 74 31.47 -52.11 11.09
N VAL A 75 31.50 -51.19 10.14
CA VAL A 75 32.79 -50.60 9.77
C VAL A 75 33.34 -49.76 10.91
N LEU A 76 32.46 -49.14 11.69
CA LEU A 76 32.90 -48.29 12.77
C LEU A 76 33.56 -49.10 13.87
N LYS A 77 33.03 -50.29 14.19
CA LYS A 77 33.75 -51.16 15.10
C LYS A 77 35.11 -51.54 14.51
N ASP A 78 35.12 -51.88 13.22
CA ASP A 78 36.32 -52.39 12.59
C ASP A 78 37.42 -51.33 12.51
N TYR A 79 37.09 -50.06 12.72
CA TYR A 79 38.11 -49.02 12.81
C TYR A 79 38.21 -48.38 14.19
N PHE A 80 37.23 -48.59 15.07
CA PHE A 80 37.29 -48.17 16.46
C PHE A 80 37.62 -49.32 17.41
N LYS A 81 38.43 -50.27 16.94
CA LYS A 81 39.19 -51.07 17.89
C LYS A 81 40.54 -50.42 18.23
N LYS A 82 40.67 -49.11 18.01
CA LYS A 82 41.74 -48.27 18.53
C LYS A 82 41.39 -47.80 19.94
N VAL A 83 42.18 -46.86 20.47
CA VAL A 83 42.13 -46.47 21.88
C VAL A 83 41.61 -45.07 22.08
N ASP A 84 41.41 -44.29 21.01
CA ASP A 84 40.87 -42.94 21.16
C ASP A 84 39.50 -42.96 21.84
N LEU A 85 38.72 -44.02 21.61
CA LEU A 85 37.40 -44.14 22.23
C LEU A 85 37.54 -44.14 23.75
N GLY A 86 36.90 -43.15 24.37
CA GLY A 86 36.92 -43.01 25.82
C GLY A 86 37.12 -41.57 26.22
N SER A 87 37.82 -40.80 25.39
CA SER A 87 37.91 -39.36 25.53
C SER A 87 37.38 -38.69 24.27
N LEU A 88 36.29 -39.21 23.73
CA LEU A 88 35.68 -38.66 22.53
C LEU A 88 34.66 -37.57 22.88
N LYS A 89 34.50 -36.62 21.97
CA LYS A 89 33.49 -35.59 22.09
C LYS A 89 32.28 -35.93 21.23
N VAL A 90 31.16 -35.26 21.53
CA VAL A 90 29.88 -35.51 20.89
C VAL A 90 29.25 -34.17 20.53
N GLY A 91 28.18 -34.24 19.74
CA GLY A 91 27.39 -33.08 19.40
C GLY A 91 27.04 -32.23 20.60
N GLY A 92 27.02 -30.91 20.41
CA GLY A 92 27.03 -29.96 21.51
C GLY A 92 28.40 -29.63 22.02
N MET A 93 29.38 -30.52 21.83
CA MET A 93 30.78 -30.24 22.05
C MET A 93 31.63 -30.49 20.82
N ALA A 94 31.12 -31.23 19.84
CA ALA A 94 31.92 -31.64 18.70
C ALA A 94 32.30 -30.42 17.87
N ALA A 95 31.31 -29.60 17.53
CA ALA A 95 31.53 -28.33 16.88
C ALA A 95 32.71 -27.57 17.48
N GLN A 96 32.81 -27.58 18.81
CA GLN A 96 33.85 -26.83 19.51
C GLN A 96 35.22 -27.02 18.85
N SER A 97 35.69 -28.26 18.78
CA SER A 97 36.90 -28.58 18.04
C SER A 97 36.84 -28.04 16.61
N MET A 98 35.78 -28.42 15.88
CA MET A 98 35.68 -28.14 14.46
C MET A 98 35.91 -26.67 14.11
N ILE A 99 35.19 -25.77 14.78
CA ILE A 99 35.26 -24.36 14.42
C ILE A 99 36.67 -23.81 14.61
N SER A 100 37.30 -24.17 15.73
CA SER A 100 38.70 -23.83 15.96
C SER A 100 39.57 -24.31 14.81
N LEU A 101 39.48 -25.60 14.51
CA LEU A 101 40.17 -26.17 13.37
C LEU A 101 39.98 -25.33 12.13
N TRP A 102 38.73 -24.95 11.85
CA TRP A 102 38.45 -24.26 10.61
C TRP A 102 39.10 -22.90 10.57
N LEU A 103 39.00 -22.12 11.65
CA LEU A 103 39.63 -20.81 11.61
C LEU A 103 41.13 -20.93 11.45
N TYR A 104 41.72 -21.96 12.08
CA TYR A 104 43.14 -22.23 11.92
C TYR A 104 43.48 -22.42 10.46
N GLY A 105 42.88 -23.42 9.82
CA GLY A 105 43.16 -23.65 8.42
C GLY A 105 42.69 -22.53 7.50
N ALA A 106 41.70 -21.75 7.94
CA ALA A 106 41.19 -20.65 7.13
C ALA A 106 42.21 -19.53 7.03
N HIS A 107 43.08 -19.41 8.02
CA HIS A 107 44.17 -18.46 7.94
C HIS A 107 45.47 -19.11 7.50
N SER A 108 45.55 -20.44 7.50
CA SER A 108 46.60 -21.12 6.77
C SER A 108 46.23 -21.21 5.29
N GLU A 109 47.25 -21.40 4.45
CA GLU A 109 47.09 -21.62 3.03
C GLU A 109 47.14 -23.11 2.73
N SER A 110 46.90 -23.45 1.46
CA SER A 110 46.99 -24.83 1.01
C SER A 110 47.53 -24.84 -0.41
N ASN A 111 47.51 -26.02 -1.03
CA ASN A 111 47.78 -26.20 -2.45
C ASN A 111 46.54 -26.60 -3.22
N ARG A 112 45.40 -26.71 -2.56
CA ARG A 112 44.15 -27.17 -3.17
C ARG A 112 43.25 -26.02 -3.54
N SER A 113 43.15 -25.02 -2.68
CA SER A 113 42.26 -23.91 -2.95
C SER A 113 42.69 -23.13 -4.18
N ARG A 114 44.00 -23.04 -4.41
CA ARG A 114 44.50 -22.45 -5.65
C ARG A 114 43.85 -23.08 -6.87
N ARG A 115 43.90 -24.41 -6.95
CA ARG A 115 43.35 -25.11 -8.11
C ARG A 115 41.85 -24.81 -8.28
N CYS A 116 41.12 -24.78 -7.17
CA CYS A 116 39.67 -24.63 -7.24
C CYS A 116 39.29 -23.28 -7.82
N ILE A 117 39.80 -22.20 -7.22
CA ILE A 117 39.42 -20.87 -7.66
C ILE A 117 40.04 -20.57 -9.02
N THR A 118 41.17 -21.18 -9.33
CA THR A 118 41.73 -21.06 -10.68
C THR A 118 40.75 -21.63 -11.70
N ASP A 119 40.22 -22.82 -11.44
CA ASP A 119 39.26 -23.41 -12.37
C ASP A 119 37.98 -22.59 -12.45
N LEU A 120 37.53 -22.07 -11.31
CA LEU A 120 36.31 -21.27 -11.30
C LEU A 120 36.47 -20.01 -12.14
N ALA A 121 37.60 -19.31 -11.96
CA ALA A 121 37.83 -18.10 -12.74
C ALA A 121 38.05 -18.42 -14.20
N HIS A 122 38.63 -19.58 -14.50
CA HIS A 122 38.71 -20.02 -15.89
C HIS A 122 37.31 -20.18 -16.48
N PHE A 123 36.40 -20.77 -15.70
CA PHE A 123 35.02 -20.92 -16.16
C PHE A 123 34.38 -19.56 -16.41
N TYR A 124 34.62 -18.61 -15.50
CA TYR A 124 34.04 -17.29 -15.67
C TYR A 124 34.58 -16.62 -16.93
N SER A 125 35.90 -16.59 -17.09
CA SER A 125 36.49 -15.98 -18.27
C SER A 125 36.00 -16.65 -19.54
N LYS A 126 35.82 -17.98 -19.50
CA LYS A 126 35.21 -18.68 -20.63
C LYS A 126 33.78 -18.22 -20.85
N SER A 127 33.13 -17.71 -19.81
CA SER A 127 31.76 -17.24 -19.89
C SER A 127 31.64 -15.71 -19.90
N SER A 128 32.74 -15.01 -20.20
CA SER A 128 32.71 -13.55 -20.12
C SER A 128 31.80 -12.93 -21.17
N PRO A 129 31.87 -13.29 -22.46
CA PRO A 129 31.04 -12.61 -23.46
C PRO A 129 29.54 -12.58 -23.16
N ILE A 130 29.09 -13.52 -22.34
CA ILE A 130 27.67 -13.59 -21.96
C ILE A 130 27.14 -12.22 -21.57
N GLU A 131 27.87 -11.51 -20.71
CA GLU A 131 27.44 -10.20 -20.23
C GLU A 131 27.12 -9.22 -21.36
N LYS A 132 27.69 -9.44 -22.56
CA LYS A 132 27.44 -8.55 -23.69
C LYS A 132 25.95 -8.30 -23.90
N LEU A 133 25.13 -9.35 -23.82
CA LEU A 133 23.68 -9.15 -23.90
C LEU A 133 23.20 -8.08 -22.94
N LEU A 134 23.54 -8.24 -21.66
CA LEU A 134 23.18 -7.24 -20.65
C LEU A 134 23.62 -5.85 -21.07
N ASN A 135 24.91 -5.70 -21.40
CA ASN A 135 25.42 -4.38 -21.77
C ASN A 135 24.69 -3.83 -22.99
N LEU A 136 24.28 -4.71 -23.91
CA LEU A 136 23.61 -4.28 -25.12
C LEU A 136 22.22 -3.77 -24.82
N THR A 137 21.49 -4.46 -23.93
CA THR A 137 20.16 -3.98 -23.61
C THR A 137 20.24 -2.70 -22.80
N LEU A 138 21.28 -2.54 -21.99
CA LEU A 138 21.42 -1.30 -21.24
C LEU A 138 21.80 -0.14 -22.14
N GLY A 139 22.60 -0.41 -23.18
CA GLY A 139 22.94 0.64 -24.12
C GLY A 139 21.81 0.98 -25.06
N ASN A 140 20.92 0.02 -25.32
CA ASN A 140 19.70 0.32 -26.06
C ASN A 140 18.71 1.11 -25.21
N ARG A 141 18.72 0.89 -23.89
CA ARG A 141 17.86 1.65 -23.00
C ARG A 141 18.44 3.03 -22.72
N GLY A 142 19.74 3.21 -22.93
CA GLY A 142 20.33 4.53 -22.76
C GLY A 142 21.01 4.76 -21.43
N LEU A 143 21.82 3.80 -21.00
CA LEU A 143 22.54 3.88 -19.74
C LEU A 143 23.96 3.38 -19.92
N ARG A 144 24.82 3.82 -19.03
CA ARG A 144 26.23 3.46 -19.08
C ARG A 144 26.41 2.04 -18.57
N ILE A 145 27.55 1.46 -18.91
CA ILE A 145 27.89 0.09 -18.52
C ILE A 145 29.05 0.18 -17.52
N PRO A 146 28.92 -0.44 -16.34
CA PRO A 146 30.08 -0.57 -15.46
C PRO A 146 31.25 -1.21 -16.18
N PRO A 147 32.42 -0.56 -16.23
CA PRO A 147 33.53 -1.10 -17.00
C PRO A 147 34.42 -2.08 -16.24
N GLU A 148 34.24 -2.23 -14.93
CA GLU A 148 35.06 -3.16 -14.18
C GLU A 148 34.81 -4.60 -14.63
N GLY A 149 33.54 -4.97 -14.76
CA GLY A 149 33.17 -6.28 -15.25
C GLY A 149 32.70 -7.19 -14.13
N VAL A 150 31.37 -7.36 -14.03
CA VAL A 150 30.81 -8.24 -13.01
C VAL A 150 31.47 -9.62 -13.07
N LEU A 151 31.59 -10.17 -14.27
CA LEU A 151 31.82 -11.58 -14.44
C LEU A 151 33.30 -11.94 -14.46
N SER A 152 34.19 -10.94 -14.40
CA SER A 152 35.61 -11.16 -14.25
C SER A 152 36.06 -10.56 -12.93
N CYS A 153 35.21 -10.74 -11.92
CA CYS A 153 35.45 -10.24 -10.58
C CYS A 153 36.49 -11.04 -9.81
N LEU A 154 36.83 -12.24 -10.25
CA LEU A 154 37.80 -13.07 -9.56
C LEU A 154 39.17 -12.99 -10.22
N GLU A 155 39.46 -11.89 -10.91
CA GLU A 155 40.82 -11.63 -11.36
C GLU A 155 41.25 -10.19 -11.14
N ARG A 156 40.91 -9.57 -10.00
CA ARG A 156 41.53 -8.29 -9.69
C ARG A 156 42.44 -8.36 -8.47
N VAL A 157 41.91 -8.79 -7.32
CA VAL A 157 42.69 -9.44 -6.27
C VAL A 157 41.86 -10.59 -5.72
N ASP A 158 42.16 -11.83 -6.11
CA ASP A 158 41.59 -12.96 -5.39
C ASP A 158 42.63 -14.04 -5.16
N TYR A 159 43.85 -13.65 -4.78
CA TYR A 159 44.92 -14.64 -4.64
C TYR A 159 46.01 -14.09 -3.72
N ASP A 160 46.72 -15.03 -3.11
CA ASP A 160 47.95 -14.77 -2.35
C ASP A 160 47.78 -13.62 -1.36
N ASN A 161 46.60 -13.50 -0.79
CA ASN A 161 46.31 -12.44 0.17
C ASN A 161 45.31 -12.97 1.18
N ALA A 162 45.24 -12.28 2.33
CA ALA A 162 44.38 -12.73 3.42
C ALA A 162 42.93 -12.92 2.95
N PHE A 163 42.40 -11.95 2.23
CA PHE A 163 40.99 -12.03 1.86
C PHE A 163 40.77 -13.09 0.79
N GLY A 164 41.76 -13.34 -0.05
CA GLY A 164 41.58 -14.31 -1.09
C GLY A 164 41.91 -15.69 -0.58
N ARG A 165 42.63 -15.75 0.54
CA ARG A 165 42.87 -17.04 1.17
C ARG A 165 41.67 -17.46 1.96
N TYR A 166 40.94 -16.48 2.51
CA TYR A 166 39.73 -16.80 3.25
C TYR A 166 38.60 -17.13 2.30
N LEU A 167 38.58 -16.47 1.14
CA LEU A 167 37.56 -16.80 0.15
C LEU A 167 37.81 -18.16 -0.46
N ALA A 168 39.06 -18.46 -0.79
CA ALA A 168 39.36 -19.72 -1.44
C ALA A 168 39.18 -20.89 -0.49
N ASN A 169 39.59 -20.73 0.78
CA ASN A 169 39.37 -21.79 1.75
C ASN A 169 37.88 -22.01 1.99
N THR A 170 37.10 -20.92 2.01
CA THR A 170 35.66 -21.09 2.19
C THR A 170 35.05 -21.88 1.05
N TYR A 171 35.40 -21.51 -0.19
CA TYR A 171 34.85 -22.23 -1.33
C TYR A 171 35.30 -23.69 -1.33
N SER A 172 36.55 -23.93 -0.96
CA SER A 172 37.06 -25.30 -0.98
C SER A 172 36.36 -26.14 0.06
N SER A 173 36.09 -25.57 1.24
CA SER A 173 35.37 -26.31 2.25
C SER A 173 33.95 -26.61 1.80
N TYR A 174 33.31 -25.65 1.13
CA TYR A 174 31.97 -25.91 0.61
C TYR A 174 31.99 -27.06 -0.38
N LEU A 175 33.00 -27.10 -1.25
CA LEU A 175 33.09 -28.17 -2.23
C LEU A 175 33.30 -29.52 -1.55
N PHE A 176 34.21 -29.54 -0.58
CA PHE A 176 34.44 -30.72 0.26
C PHE A 176 33.13 -31.27 0.80
N PHE A 177 32.35 -30.41 1.46
CA PHE A 177 31.16 -30.89 2.13
C PHE A 177 30.07 -31.24 1.14
N HIS A 178 30.06 -30.60 -0.03
CA HIS A 178 29.13 -30.99 -1.08
C HIS A 178 29.40 -32.41 -1.54
N VAL A 179 30.68 -32.73 -1.79
CA VAL A 179 31.02 -34.09 -2.20
C VAL A 179 30.66 -35.08 -1.09
N ILE A 180 30.90 -34.71 0.16
CA ILE A 180 30.56 -35.58 1.27
C ILE A 180 29.07 -35.87 1.27
N THR A 181 28.25 -34.82 1.15
CA THR A 181 26.82 -35.01 1.19
C THR A 181 26.32 -35.83 0.01
N LEU A 182 26.99 -35.72 -1.14
CA LEU A 182 26.58 -36.53 -2.27
C LEU A 182 26.86 -38.01 -2.00
N TYR A 183 28.03 -38.31 -1.43
CA TYR A 183 28.32 -39.70 -1.09
C TYR A 183 27.34 -40.20 -0.05
N MET A 184 26.94 -39.34 0.88
CA MET A 184 26.03 -39.76 1.92
C MET A 184 24.65 -40.06 1.37
N ASN A 185 24.12 -39.16 0.55
CA ASN A 185 22.78 -39.31 0.01
C ASN A 185 22.72 -40.18 -1.23
N ALA A 186 23.83 -40.78 -1.65
CA ALA A 186 23.76 -41.69 -2.79
C ALA A 186 22.99 -42.96 -2.39
N LEU A 187 22.73 -43.80 -3.38
CA LEU A 187 21.90 -45.00 -3.20
C LEU A 187 22.68 -46.29 -3.37
N ASP A 188 23.38 -46.45 -4.50
CA ASP A 188 24.00 -47.70 -4.89
C ASP A 188 25.51 -47.51 -5.01
N TRP A 189 26.20 -48.65 -5.15
CA TRP A 189 27.66 -48.60 -5.28
C TRP A 189 28.08 -47.91 -6.57
N ASP A 190 27.21 -47.91 -7.59
CA ASP A 190 27.59 -47.32 -8.87
C ASP A 190 27.80 -45.81 -8.74
N GLU A 191 26.92 -45.13 -8.02
CA GLU A 191 27.08 -43.68 -7.82
C GLU A 191 28.36 -43.37 -7.07
N GLU A 192 28.67 -44.17 -6.04
CA GLU A 192 29.87 -43.91 -5.26
C GLU A 192 31.12 -44.15 -6.11
N LYS A 193 31.10 -45.19 -6.94
CA LYS A 193 32.18 -45.40 -7.88
C LYS A 193 32.33 -44.20 -8.81
N THR A 194 31.20 -43.66 -9.27
CA THR A 194 31.23 -42.48 -10.14
C THR A 194 31.88 -41.30 -9.43
N ILE A 195 31.47 -41.05 -8.19
CA ILE A 195 32.01 -39.94 -7.43
C ILE A 195 33.52 -40.08 -7.27
N LEU A 196 33.98 -41.25 -6.81
CA LEU A 196 35.41 -41.46 -6.66
C LEU A 196 36.13 -41.38 -8.00
N ALA A 197 35.44 -41.72 -9.09
CA ALA A 197 36.06 -41.55 -10.40
C ALA A 197 36.30 -40.08 -10.68
N LEU A 198 35.36 -39.23 -10.28
CA LEU A 198 35.53 -37.80 -10.51
C LEU A 198 36.62 -37.23 -9.62
N TRP A 199 36.45 -37.35 -8.30
CA TRP A 199 37.44 -36.90 -7.33
C TRP A 199 38.35 -38.08 -6.99
N LYS A 200 39.60 -38.00 -7.42
CA LYS A 200 40.56 -39.08 -7.22
C LYS A 200 41.67 -38.71 -6.23
N ASP A 201 42.36 -37.61 -6.46
CA ASP A 201 43.49 -37.24 -5.61
C ASP A 201 43.05 -36.65 -4.28
N LEU A 202 41.75 -36.51 -4.03
CA LEU A 202 41.23 -35.99 -2.79
C LEU A 202 40.72 -37.08 -1.86
N THR A 203 40.03 -38.07 -2.41
CA THR A 203 39.35 -39.11 -1.66
C THR A 203 40.16 -40.39 -1.72
N SER A 204 39.90 -41.28 -0.76
CA SER A 204 40.44 -42.63 -0.85
C SER A 204 39.43 -43.62 -0.31
N VAL A 205 39.59 -44.88 -0.74
CA VAL A 205 38.64 -45.94 -0.47
C VAL A 205 39.37 -47.14 0.10
N ASP A 206 38.66 -47.89 0.94
CA ASP A 206 39.10 -49.19 1.42
C ASP A 206 37.90 -50.12 1.24
N ILE A 207 38.02 -50.97 0.22
CA ILE A 207 37.14 -52.06 -0.18
C ILE A 207 37.46 -53.27 0.70
N GLY A 208 36.58 -54.27 0.71
CA GLY A 208 36.53 -55.24 1.79
C GLY A 208 35.85 -54.70 3.02
N LYS A 209 35.31 -53.49 2.93
CA LYS A 209 34.62 -52.74 3.94
C LYS A 209 34.14 -51.49 3.21
N ASP A 210 33.17 -50.81 3.78
CA ASP A 210 32.71 -49.56 3.18
C ASP A 210 33.47 -48.38 3.76
N LEU A 211 34.81 -48.40 3.69
CA LEU A 211 35.60 -47.46 4.49
C LEU A 211 36.14 -46.36 3.58
N VAL A 212 35.47 -45.21 3.56
CA VAL A 212 35.82 -44.10 2.68
C VAL A 212 36.37 -42.95 3.51
N LYS A 213 37.56 -42.51 3.13
CA LYS A 213 38.27 -41.43 3.79
C LYS A 213 38.33 -40.22 2.88
N PHE A 214 38.25 -39.03 3.48
CA PHE A 214 38.40 -37.78 2.78
C PHE A 214 39.43 -36.93 3.53
N LYS A 215 40.50 -36.56 2.83
CA LYS A 215 41.58 -35.81 3.42
C LYS A 215 41.54 -34.36 2.99
N ASP A 216 42.15 -33.51 3.80
CA ASP A 216 42.31 -32.10 3.44
C ASP A 216 43.27 -31.45 4.42
N GLN A 217 44.04 -30.49 3.91
CA GLN A 217 45.07 -29.86 4.72
C GLN A 217 44.48 -29.09 5.88
N ILE A 218 43.20 -28.72 5.81
CA ILE A 218 42.54 -28.04 6.91
C ILE A 218 41.88 -29.05 7.82
N TRP A 219 40.95 -29.84 7.28
CA TRP A 219 40.06 -30.66 8.08
C TRP A 219 40.61 -32.06 8.39
N GLY A 220 41.88 -32.32 8.10
CA GLY A 220 42.49 -33.56 8.51
C GLY A 220 42.08 -34.76 7.68
N LEU A 221 41.41 -35.71 8.34
CA LEU A 221 41.12 -37.02 7.75
C LEU A 221 39.75 -37.48 8.27
N LEU A 222 38.70 -37.24 7.49
CA LEU A 222 37.36 -37.65 7.87
C LEU A 222 37.08 -39.07 7.39
N ILE A 223 36.14 -39.74 8.06
CA ILE A 223 35.79 -41.10 7.70
C ILE A 223 34.29 -41.23 7.53
N VAL A 224 33.74 -40.58 6.50
CA VAL A 224 32.31 -40.62 6.23
C VAL A 224 31.82 -42.06 6.10
N THR A 225 31.38 -42.65 7.19
CA THR A 225 30.90 -44.03 7.18
C THR A 225 29.42 -44.07 6.79
N LYS A 226 29.16 -43.88 5.49
CA LYS A 226 27.80 -43.90 4.92
C LYS A 226 26.81 -42.88 5.53
N ASP A 227 26.32 -43.13 6.76
CA ASP A 227 25.38 -42.20 7.38
C ASP A 227 25.97 -41.52 8.62
N PHE A 228 27.29 -41.56 8.75
CA PHE A 228 27.96 -40.94 9.88
C PHE A 228 29.32 -40.37 9.46
N VAL A 229 29.79 -39.37 10.18
CA VAL A 229 31.08 -38.74 9.88
C VAL A 229 31.95 -38.72 11.15
N TYR A 230 33.25 -38.99 11.00
CA TYR A 230 34.16 -38.99 12.14
C TYR A 230 35.41 -38.20 11.80
N SER A 231 35.89 -37.39 12.75
CA SER A 231 37.06 -36.58 12.54
C SER A 231 38.10 -36.98 13.59
N GLN A 232 39.32 -37.22 13.12
CA GLN A 232 40.41 -37.72 13.94
C GLN A 232 41.19 -36.58 14.57
N SER A 233 41.72 -35.66 13.76
CA SER A 233 42.41 -34.50 14.28
C SER A 233 41.52 -33.73 15.24
N SER A 234 40.35 -33.31 14.78
CA SER A 234 39.28 -32.84 15.65
C SER A 234 38.54 -34.07 16.14
N ASN A 235 38.87 -34.53 17.33
CA ASN A 235 38.51 -35.88 17.76
C ASN A 235 37.03 -35.87 18.13
N CYS A 236 36.19 -36.09 17.12
CA CYS A 236 34.75 -36.03 17.34
C CYS A 236 34.03 -36.84 16.27
N LEU A 237 32.70 -36.88 16.40
CA LEU A 237 31.83 -37.69 15.56
C LEU A 237 30.48 -37.01 15.46
N PHE A 238 29.82 -37.16 14.32
CA PHE A 238 28.53 -36.49 14.13
C PHE A 238 27.83 -37.09 12.92
N ASP A 239 26.69 -36.49 12.57
CA ASP A 239 25.73 -37.04 11.62
C ASP A 239 25.54 -36.06 10.46
N ARG A 240 24.58 -36.39 9.58
CA ARG A 240 24.45 -35.68 8.32
C ARG A 240 24.01 -34.23 8.53
N ASN A 241 23.08 -34.01 9.46
CA ASN A 241 22.50 -32.68 9.62
C ASN A 241 23.58 -31.63 9.89
N TYR A 242 24.59 -31.98 10.68
CA TYR A 242 25.68 -31.05 10.92
C TYR A 242 26.45 -30.76 9.64
N THR A 243 26.61 -31.77 8.78
CA THR A 243 27.31 -31.56 7.53
C THR A 243 26.52 -30.61 6.64
N LEU A 244 25.20 -30.77 6.61
CA LEU A 244 24.37 -29.85 5.84
C LEU A 244 24.47 -28.44 6.39
N MET A 245 24.50 -28.30 7.72
CA MET A 245 24.62 -26.99 8.32
C MET A 245 25.91 -26.31 7.87
N LEU A 246 27.03 -27.04 7.96
CA LEU A 246 28.31 -26.44 7.60
C LEU A 246 28.39 -26.13 6.12
N LYS A 247 27.87 -27.04 5.28
CA LYS A 247 27.81 -26.78 3.85
C LYS A 247 27.03 -25.49 3.57
N ASP A 248 25.90 -25.33 4.24
CA ASP A 248 25.06 -24.17 4.01
C ASP A 248 25.76 -22.90 4.43
N LEU A 249 26.45 -22.92 5.58
CA LEU A 249 27.06 -21.68 6.05
C LEU A 249 28.26 -21.30 5.18
N PHE A 250 29.07 -22.28 4.78
CA PHE A 250 30.18 -21.97 3.89
C PHE A 250 29.66 -21.40 2.57
N LEU A 251 28.58 -21.99 2.05
CA LEU A 251 28.03 -21.48 0.78
C LEU A 251 27.50 -20.07 0.95
N SER A 252 26.84 -19.81 2.07
CA SER A 252 26.33 -18.47 2.35
C SER A 252 27.47 -17.47 2.33
N ARG A 253 28.53 -17.74 3.09
CA ARG A 253 29.65 -16.83 3.15
C ARG A 253 30.23 -16.59 1.76
N PHE A 254 30.44 -17.66 1.01
CA PHE A 254 31.11 -17.53 -0.28
C PHE A 254 30.28 -16.71 -1.25
N ASN A 255 29.02 -17.09 -1.45
CA ASN A 255 28.23 -16.39 -2.47
C ASN A 255 27.92 -14.97 -2.03
N SER A 256 27.76 -14.74 -0.73
CA SER A 256 27.55 -13.39 -0.24
C SER A 256 28.74 -12.51 -0.58
N LEU A 257 29.95 -12.93 -0.22
CA LEU A 257 31.12 -12.12 -0.55
C LEU A 257 31.31 -11.98 -2.05
N MET A 258 30.83 -12.97 -2.81
CA MET A 258 31.04 -12.94 -4.25
C MET A 258 30.19 -11.86 -4.88
N VAL A 259 28.87 -11.89 -4.62
CA VAL A 259 28.02 -10.84 -5.15
C VAL A 259 28.39 -9.50 -4.55
N LEU A 260 28.94 -9.49 -3.33
CA LEU A 260 29.41 -8.25 -2.75
C LEU A 260 30.56 -7.66 -3.55
N LEU A 261 31.32 -8.49 -4.24
CA LEU A 261 32.46 -7.98 -5.00
C LEU A 261 32.01 -7.35 -6.32
N SER A 262 32.82 -6.40 -6.79
CA SER A 262 32.64 -5.69 -8.05
C SER A 262 31.21 -5.20 -8.27
N PRO A 263 30.71 -4.26 -7.48
CA PRO A 263 29.41 -3.67 -7.77
C PRO A 263 29.55 -2.44 -8.64
N PRO A 264 28.47 -2.00 -9.28
CA PRO A 264 28.60 -0.88 -10.23
C PRO A 264 28.91 0.45 -9.59
N GLU A 265 28.23 0.78 -8.50
CA GLU A 265 28.27 2.09 -7.85
C GLU A 265 28.85 1.97 -6.45
N PRO A 266 29.38 3.05 -5.88
CA PRO A 266 29.92 2.97 -4.52
C PRO A 266 28.81 3.04 -3.47
N ARG A 267 27.90 2.06 -3.54
CA ARG A 267 26.92 1.89 -2.47
C ARG A 267 27.60 1.44 -1.18
N TYR A 268 28.52 0.49 -1.27
CA TYR A 268 29.26 0.00 -0.13
C TYR A 268 30.70 0.49 -0.16
N SER A 269 31.39 0.34 0.97
CA SER A 269 32.83 0.44 1.04
C SER A 269 33.50 -0.90 0.67
N ASP A 270 34.83 -0.88 0.65
CA ASP A 270 35.63 -2.11 0.69
C ASP A 270 35.96 -2.55 2.11
N ASP A 271 35.85 -1.65 3.07
CA ASP A 271 36.02 -2.12 4.43
C ASP A 271 34.77 -2.85 4.89
N LEU A 272 33.77 -2.99 4.03
CA LEU A 272 32.67 -3.90 4.34
C LEU A 272 33.14 -5.34 4.18
N ILE A 273 33.86 -5.66 3.11
CA ILE A 273 34.38 -7.02 2.97
C ILE A 273 35.39 -7.28 4.07
N SER A 274 36.26 -6.30 4.35
CA SER A 274 37.26 -6.56 5.39
C SER A 274 36.60 -6.72 6.76
N GLN A 275 35.64 -5.86 7.08
CA GLN A 275 34.94 -5.95 8.35
C GLN A 275 34.13 -7.23 8.46
N LEU A 276 33.61 -7.73 7.34
CA LEU A 276 32.79 -8.94 7.40
C LEU A 276 33.65 -10.17 7.62
N CYS A 277 34.84 -10.19 7.00
CA CYS A 277 35.79 -11.23 7.36
C CYS A 277 36.12 -11.17 8.84
N GLN A 278 36.33 -9.96 9.36
CA GLN A 278 36.62 -9.81 10.78
C GLN A 278 35.47 -10.32 11.63
N LEU A 279 34.24 -10.01 11.24
CA LEU A 279 33.06 -10.40 12.00
C LEU A 279 32.91 -11.92 12.03
N TYR A 280 33.08 -12.57 10.88
CA TYR A 280 32.97 -14.01 10.84
C TYR A 280 34.05 -14.66 11.70
N ILE A 281 35.27 -14.12 11.67
CA ILE A 281 36.31 -14.69 12.51
C ILE A 281 35.99 -14.47 13.98
N ALA A 282 35.35 -13.35 14.31
CA ALA A 282 34.95 -13.10 15.69
C ALA A 282 33.92 -14.12 16.15
N GLY A 283 32.92 -14.39 15.30
CA GLY A 283 31.95 -15.42 15.63
C GLY A 283 32.59 -16.78 15.80
N ASP A 284 33.58 -17.08 14.96
CA ASP A 284 34.32 -18.33 15.12
C ASP A 284 34.98 -18.39 16.49
N GLN A 285 35.60 -17.29 16.91
CA GLN A 285 36.25 -17.28 18.21
C GLN A 285 35.23 -17.49 19.33
N VAL A 286 34.08 -16.83 19.21
CA VAL A 286 33.02 -16.99 20.20
C VAL A 286 32.63 -18.45 20.32
N LEU A 287 32.36 -19.08 19.18
CA LEU A 287 31.96 -20.49 19.22
C LEU A 287 33.07 -21.36 19.78
N SER A 288 34.32 -21.03 19.45
CA SER A 288 35.41 -21.90 19.81
C SER A 288 35.76 -21.84 21.29
N MET A 289 35.42 -20.74 21.97
CA MET A 289 35.72 -20.61 23.39
C MET A 289 34.49 -20.35 24.26
N CYS A 290 33.28 -20.58 23.75
CA CYS A 290 32.09 -20.54 24.60
C CYS A 290 31.09 -21.66 24.33
N GLY A 291 31.39 -22.60 23.45
CA GLY A 291 30.47 -23.69 23.20
C GLY A 291 29.21 -23.25 22.48
N ASN A 292 28.29 -24.21 22.34
CA ASN A 292 27.00 -23.93 21.74
C ASN A 292 26.26 -22.84 22.50
N SER A 293 26.53 -22.72 23.80
CA SER A 293 25.92 -21.68 24.62
C SER A 293 26.19 -20.28 24.07
N GLY A 294 27.21 -20.12 23.25
CA GLY A 294 27.50 -18.85 22.64
C GLY A 294 26.54 -18.44 21.53
N TYR A 295 25.50 -19.22 21.29
CA TYR A 295 24.54 -18.88 20.27
C TYR A 295 23.48 -17.90 20.74
N GLU A 296 23.57 -17.42 21.98
CA GLU A 296 22.75 -16.28 22.38
C GLU A 296 23.31 -14.97 21.84
N VAL A 297 24.56 -14.99 21.41
CA VAL A 297 25.24 -13.76 21.05
C VAL A 297 24.71 -13.20 19.75
N ILE A 298 24.33 -14.06 18.80
CA ILE A 298 23.78 -13.55 17.55
C ILE A 298 22.34 -13.11 17.76
N LYS A 299 21.62 -13.80 18.64
CA LYS A 299 20.34 -13.30 19.14
C LYS A 299 20.48 -11.89 19.70
N ILE A 300 21.67 -11.51 20.15
CA ILE A 300 21.89 -10.12 20.53
C ILE A 300 22.43 -9.29 19.37
N LEU A 301 23.12 -9.94 18.43
CA LEU A 301 23.64 -9.23 17.26
C LEU A 301 22.54 -8.48 16.55
N GLU A 302 21.44 -9.17 16.26
CA GLU A 302 20.43 -8.56 15.40
C GLU A 302 19.85 -7.27 16.00
N PRO A 303 19.32 -7.27 17.22
CA PRO A 303 18.83 -6.02 17.79
C PRO A 303 19.91 -4.97 17.97
N TYR A 304 21.18 -5.36 18.10
CA TYR A 304 22.24 -4.37 18.16
C TYR A 304 22.33 -3.59 16.86
N VAL A 305 22.25 -4.31 15.73
CA VAL A 305 22.24 -3.65 14.43
C VAL A 305 21.02 -2.76 14.32
N VAL A 306 19.87 -3.22 14.81
CA VAL A 306 18.66 -2.40 14.73
C VAL A 306 18.84 -1.12 15.53
N ASN A 307 19.41 -1.22 16.72
CA ASN A 307 19.66 -0.05 17.54
C ASN A 307 20.61 0.91 16.85
N SER A 308 21.66 0.38 16.22
CA SER A 308 22.58 1.23 15.49
C SER A 308 21.87 1.97 14.37
N LEU A 309 21.01 1.27 13.63
CA LEU A 309 20.27 1.91 12.55
C LEU A 309 19.40 3.03 13.08
N VAL A 310 18.66 2.78 14.15
CA VAL A 310 17.83 3.83 14.73
C VAL A 310 18.68 5.02 15.15
N GLN A 311 19.78 4.76 15.84
CA GLN A 311 20.61 5.86 16.32
C GLN A 311 21.27 6.62 15.17
N ARG A 312 21.40 5.99 14.00
CA ARG A 312 21.83 6.71 12.80
C ARG A 312 20.67 7.38 12.08
N ALA A 313 19.43 7.07 12.44
CA ALA A 313 18.30 7.73 11.81
C ALA A 313 18.03 9.10 12.41
N GLU A 314 17.96 9.17 13.74
CA GLU A 314 17.58 10.41 14.41
C GLU A 314 18.47 11.60 14.10
N LYS A 315 19.64 11.38 13.50
CA LYS A 315 20.54 12.50 13.21
C LYS A 315 19.93 13.49 12.24
N PHE A 316 18.96 13.07 11.42
CA PHE A 316 18.39 13.95 10.41
C PHE A 316 17.31 14.85 10.99
N ARG A 317 16.54 14.36 11.94
CA ARG A 317 15.50 15.14 12.64
C ARG A 317 15.75 15.00 14.14
N PRO A 318 16.88 15.52 14.63
CA PRO A 318 17.31 15.21 15.99
C PRO A 318 16.60 16.00 17.07
N LEU A 319 15.52 16.69 16.74
CA LEU A 319 14.87 17.60 17.65
C LEU A 319 13.70 16.97 18.39
N ILE A 320 13.35 15.72 18.06
CA ILE A 320 12.26 15.01 18.71
C ILE A 320 12.86 14.06 19.74
N HIS A 321 12.08 13.72 20.76
CA HIS A 321 12.56 12.94 21.89
C HIS A 321 12.33 11.46 21.61
N SER A 322 13.43 10.69 21.58
CA SER A 322 13.34 9.26 21.40
C SER A 322 13.06 8.57 22.73
N LEU A 323 12.14 7.62 22.71
CA LEU A 323 11.58 7.03 23.91
C LEU A 323 12.10 5.62 24.11
N GLY A 324 11.59 4.96 25.15
CA GLY A 324 11.92 3.59 25.43
C GLY A 324 13.24 3.43 26.14
N ASP A 325 13.66 2.17 26.25
CA ASP A 325 14.91 1.81 26.90
C ASP A 325 15.66 0.76 26.11
N PHE A 326 15.44 0.72 24.80
CA PHE A 326 16.13 -0.26 23.95
C PHE A 326 17.64 -0.14 24.02
N PRO A 327 18.24 1.04 23.90
CA PRO A 327 19.71 1.10 23.95
C PRO A 327 20.26 0.76 25.31
N VAL A 328 19.54 1.09 26.39
CA VAL A 328 19.98 0.71 27.72
C VAL A 328 19.97 -0.81 27.86
N PHE A 329 18.91 -1.44 27.36
CA PHE A 329 18.82 -2.89 27.35
C PHE A 329 20.00 -3.50 26.62
N ILE A 330 20.32 -2.96 25.43
CA ILE A 330 21.43 -3.49 24.64
C ILE A 330 22.74 -3.35 25.40
N LYS A 331 22.98 -2.18 25.97
CA LYS A 331 24.25 -1.94 26.67
C LYS A 331 24.38 -2.87 27.87
N ASP A 332 23.31 -3.04 28.63
CA ASP A 332 23.37 -3.93 29.79
C ASP A 332 23.69 -5.34 29.36
N LYS A 333 23.03 -5.83 28.31
CA LYS A 333 23.27 -7.21 27.91
C LYS A 333 24.67 -7.38 27.31
N VAL A 334 25.21 -6.36 26.66
CA VAL A 334 26.58 -6.46 26.17
C VAL A 334 27.56 -6.53 27.33
N SER A 335 27.35 -5.70 28.35
CA SER A 335 28.23 -5.78 29.51
C SER A 335 28.11 -7.13 30.19
N GLN A 336 26.89 -7.67 30.27
CA GLN A 336 26.70 -9.00 30.85
C GLN A 336 27.49 -10.05 30.09
N LEU A 337 27.26 -10.16 28.77
CA LEU A 337 27.96 -11.12 27.95
C LEU A 337 29.44 -10.83 27.81
N GLU A 338 29.90 -9.64 28.21
CA GLU A 338 31.33 -9.38 28.23
C GLU A 338 31.94 -9.89 29.52
N GLU A 339 31.25 -9.71 30.64
CA GLU A 339 31.76 -10.23 31.90
C GLU A 339 31.74 -11.75 31.89
N THR A 340 30.56 -12.35 31.71
CA THR A 340 30.53 -13.77 31.37
C THR A 340 31.08 -13.97 29.97
N PHE A 341 31.37 -15.21 29.63
CA PHE A 341 31.75 -15.66 28.29
C PHE A 341 33.11 -15.14 27.86
N GLY A 342 33.81 -14.38 28.69
CA GLY A 342 35.11 -13.86 28.35
C GLY A 342 35.03 -12.61 27.49
N PRO A 343 36.17 -12.19 26.95
CA PRO A 343 36.19 -11.00 26.10
C PRO A 343 35.81 -11.27 24.66
N CYS A 344 35.48 -12.51 24.31
CA CYS A 344 35.12 -12.81 22.93
C CYS A 344 33.88 -12.06 22.51
N ALA A 345 32.87 -12.02 23.38
CA ALA A 345 31.69 -11.21 23.10
C ALA A 345 32.06 -9.75 22.93
N ARG A 346 33.03 -9.27 23.70
CA ARG A 346 33.49 -7.90 23.55
C ARG A 346 34.03 -7.67 22.15
N ARG A 347 34.89 -8.58 21.69
CA ARG A 347 35.44 -8.45 20.34
C ARG A 347 34.34 -8.49 19.30
N PHE A 348 33.36 -9.37 19.49
CA PHE A 348 32.26 -9.50 18.54
C PHE A 348 31.49 -8.19 18.43
N PHE A 349 31.02 -7.68 19.57
CA PHE A 349 30.25 -6.44 19.54
C PHE A 349 31.09 -5.26 19.09
N ARG A 350 32.39 -5.29 19.34
CA ARG A 350 33.26 -4.21 18.87
C ARG A 350 33.34 -4.21 17.34
N ALA A 351 33.60 -5.38 16.76
CA ALA A 351 33.63 -5.48 15.31
C ALA A 351 32.28 -5.19 14.70
N LEU A 352 31.20 -5.45 15.45
CA LEU A 352 29.87 -5.12 14.95
C LEU A 352 29.65 -3.61 14.94
N ASP A 353 30.08 -2.92 16.00
CA ASP A 353 29.99 -1.47 16.04
C ASP A 353 31.00 -0.80 15.13
N GLN A 354 31.95 -1.54 14.56
CA GLN A 354 32.93 -0.94 13.67
C GLN A 354 32.27 -0.33 12.43
N PHE A 355 31.17 -0.91 11.98
CA PHE A 355 30.49 -0.40 10.78
C PHE A 355 29.95 0.99 11.03
N ASP A 356 29.94 1.80 9.97
CA ASP A 356 29.41 3.16 10.03
C ASP A 356 28.31 3.42 9.02
N ASN A 357 28.40 2.87 7.81
CA ASN A 357 27.37 3.06 6.82
C ASN A 357 26.09 2.34 7.24
N ILE A 358 25.04 2.57 6.45
CA ILE A 358 23.73 2.01 6.76
C ILE A 358 23.48 0.71 6.00
N HIS A 359 23.81 0.69 4.71
CA HIS A 359 23.58 -0.51 3.93
C HIS A 359 24.53 -1.62 4.35
N ASP A 360 25.72 -1.26 4.83
CA ASP A 360 26.64 -2.26 5.36
C ASP A 360 26.04 -2.89 6.61
N LEU A 361 25.40 -2.08 7.46
CA LEU A 361 24.78 -2.61 8.66
C LEU A 361 23.63 -3.54 8.31
N VAL A 362 22.85 -3.20 7.28
CA VAL A 362 21.81 -4.13 6.85
C VAL A 362 22.42 -5.42 6.31
N PHE A 363 23.54 -5.31 5.59
CA PHE A 363 24.18 -6.53 5.10
C PHE A 363 24.65 -7.40 6.26
N VAL A 364 25.04 -6.79 7.38
CA VAL A 364 25.29 -7.57 8.58
C VAL A 364 23.99 -8.10 9.17
N PHE A 365 22.89 -7.37 8.96
CA PHE A 365 21.59 -7.82 9.47
C PHE A 365 21.22 -9.15 8.86
N GLY A 366 21.41 -9.30 7.55
CA GLY A 366 20.90 -10.47 6.86
C GLY A 366 21.58 -11.76 7.29
N CYS A 367 22.83 -11.67 7.74
CA CYS A 367 23.60 -12.86 8.13
C CYS A 367 23.49 -13.10 9.63
N TYR A 368 22.32 -13.56 10.06
CA TYR A 368 22.17 -14.15 11.38
C TYR A 368 22.11 -15.67 11.31
N ARG A 369 22.49 -16.26 10.19
CA ARG A 369 22.54 -17.70 10.02
C ARG A 369 23.84 -18.17 9.39
N HIS A 370 24.81 -17.28 9.23
CA HIS A 370 26.06 -17.61 8.57
C HIS A 370 27.08 -18.24 9.53
N TRP A 371 26.66 -18.63 10.72
CA TRP A 371 27.53 -19.26 11.69
C TRP A 371 27.12 -20.67 12.04
N GLY A 372 25.83 -20.98 11.99
CA GLY A 372 25.36 -22.33 12.17
C GLY A 372 24.02 -22.35 12.85
N HIS A 373 23.73 -23.48 13.48
CA HIS A 373 22.49 -23.66 14.23
C HIS A 373 22.80 -24.49 15.48
N PRO A 374 22.07 -24.27 16.57
CA PRO A 374 22.47 -24.86 17.84
C PRO A 374 21.85 -26.22 18.10
N TYR A 375 22.65 -27.10 18.72
CA TYR A 375 22.13 -28.37 19.20
C TYR A 375 21.18 -28.09 20.35
N ILE A 376 19.89 -28.24 20.11
CA ILE A 376 18.89 -27.86 21.09
C ILE A 376 18.83 -28.90 22.21
N ASP A 377 18.22 -28.51 23.32
CA ASP A 377 17.98 -29.37 24.47
C ASP A 377 16.47 -29.44 24.64
N TYR A 378 15.87 -30.40 23.94
CA TYR A 378 14.41 -30.52 23.91
C TYR A 378 13.85 -30.69 25.32
N ARG A 379 14.53 -31.42 26.19
CA ARG A 379 14.02 -31.59 27.55
C ARG A 379 13.94 -30.27 28.28
N LYS A 380 15.00 -29.47 28.18
CA LYS A 380 15.01 -28.16 28.83
C LYS A 380 13.91 -27.28 28.28
N GLY A 381 13.78 -27.22 26.96
CA GLY A 381 12.77 -26.35 26.38
C GLY A 381 11.37 -26.79 26.73
N LEU A 382 11.14 -28.10 26.78
CA LEU A 382 9.83 -28.60 27.13
C LEU A 382 9.51 -28.33 28.59
N SER A 383 10.52 -28.39 29.47
CA SER A 383 10.29 -28.05 30.87
C SER A 383 9.89 -26.59 30.99
N LYS A 384 10.61 -25.71 30.28
CA LYS A 384 10.27 -24.30 30.34
C LYS A 384 8.87 -24.05 29.78
N LEU A 385 8.50 -24.78 28.74
CA LEU A 385 7.18 -24.62 28.15
C LEU A 385 6.11 -25.09 29.11
N TYR A 386 6.31 -26.24 29.73
CA TYR A 386 5.36 -26.75 30.72
C TYR A 386 5.14 -25.72 31.82
N ASP A 387 6.23 -25.14 32.34
CA ASP A 387 6.06 -24.18 33.42
C ASP A 387 5.34 -22.92 32.93
N GLN A 388 5.68 -22.45 31.72
CA GLN A 388 5.12 -21.21 31.24
C GLN A 388 3.65 -21.37 30.89
N VAL A 389 3.24 -22.58 30.53
CA VAL A 389 1.85 -22.82 30.20
C VAL A 389 1.02 -23.03 31.45
N HIS A 390 1.52 -23.87 32.36
CA HIS A 390 0.79 -24.13 33.59
C HIS A 390 0.81 -22.97 34.56
N LEU A 391 1.58 -21.93 34.29
CA LEU A 391 1.57 -20.78 35.20
C LEU A 391 0.20 -20.11 35.18
N LYS A 392 -0.51 -20.19 36.30
CA LYS A 392 -1.84 -19.61 36.42
C LYS A 392 -1.76 -18.10 36.61
N LYS A 393 -2.88 -17.44 36.30
CA LYS A 393 -2.97 -15.99 36.37
C LYS A 393 -4.25 -15.59 37.10
N MET A 394 -4.42 -14.28 37.29
CA MET A 394 -5.51 -13.68 38.04
C MET A 394 -6.12 -12.53 37.25
N ILE A 395 -6.36 -12.77 35.97
CA ILE A 395 -6.70 -11.72 35.02
C ILE A 395 -8.16 -11.31 35.13
N ASP A 396 -8.50 -10.17 34.53
CA ASP A 396 -9.83 -9.59 34.58
C ASP A 396 -10.69 -10.12 33.43
N LYS A 397 -11.99 -9.91 33.56
CA LYS A 397 -12.99 -10.29 32.57
C LYS A 397 -13.76 -9.11 32.01
N SER A 398 -13.93 -8.04 32.78
CA SER A 398 -14.68 -6.89 32.31
C SER A 398 -14.01 -6.25 31.10
N TYR A 399 -12.67 -6.26 31.08
CA TYR A 399 -11.95 -5.75 29.92
C TYR A 399 -12.30 -6.55 28.67
N GLN A 400 -12.31 -7.88 28.80
CA GLN A 400 -12.71 -8.70 27.67
C GLN A 400 -14.15 -8.45 27.28
N GLU A 401 -15.01 -8.16 28.25
CA GLU A 401 -16.40 -7.85 27.94
C GLU A 401 -16.49 -6.60 27.07
N CYS A 402 -15.82 -5.53 27.50
CA CYS A 402 -15.82 -4.30 26.71
C CYS A 402 -15.22 -4.53 25.33
N LEU A 403 -14.16 -5.35 25.27
CA LEU A 403 -13.50 -5.62 24.02
C LEU A 403 -14.43 -6.32 23.03
N ALA A 404 -15.09 -7.37 23.49
CA ALA A 404 -16.00 -8.10 22.62
C ALA A 404 -17.22 -7.26 22.28
N SER A 405 -17.64 -6.37 23.17
CA SER A 405 -18.70 -5.44 22.82
C SER A 405 -18.29 -4.54 21.67
N ASP A 406 -17.03 -4.08 21.70
CA ASP A 406 -16.52 -3.29 20.58
C ASP A 406 -16.53 -4.11 19.29
N LEU A 407 -16.11 -5.37 19.39
CA LEU A 407 -16.11 -6.23 18.20
C LEU A 407 -17.50 -6.39 17.63
N ALA A 408 -18.49 -6.64 18.48
CA ALA A 408 -19.85 -6.82 18.00
C ALA A 408 -20.41 -5.53 17.42
N ARG A 409 -20.06 -4.39 18.02
CA ARG A 409 -20.46 -3.12 17.44
C ARG A 409 -19.90 -2.98 16.03
N ARG A 410 -18.64 -3.36 15.84
CA ARG A 410 -18.01 -3.22 14.53
C ARG A 410 -18.67 -4.14 13.51
N ILE A 411 -18.91 -5.40 13.90
CA ILE A 411 -19.45 -6.37 12.96
C ILE A 411 -20.88 -5.98 12.58
N LEU A 412 -21.65 -5.47 13.53
CA LEU A 412 -23.02 -5.09 13.23
C LEU A 412 -23.08 -3.83 12.38
N ARG A 413 -22.17 -2.87 12.62
CA ARG A 413 -22.09 -1.71 11.74
C ARG A 413 -21.79 -2.16 10.31
N TRP A 414 -20.84 -3.08 10.16
CA TRP A 414 -20.49 -3.55 8.82
C TRP A 414 -21.67 -4.26 8.18
N GLY A 415 -22.34 -5.12 8.95
CA GLY A 415 -23.51 -5.81 8.43
C GLY A 415 -24.56 -4.84 7.94
N PHE A 416 -24.90 -3.85 8.77
CA PHE A 416 -25.91 -2.88 8.36
C PHE A 416 -25.47 -2.12 7.12
N ASP A 417 -24.19 -1.74 7.06
CA ASP A 417 -23.70 -0.97 5.93
C ASP A 417 -23.86 -1.76 4.64
N LYS A 418 -23.28 -2.95 4.57
CA LYS A 418 -23.32 -3.71 3.33
C LYS A 418 -24.73 -4.20 3.03
N TYR A 419 -25.35 -4.89 3.98
CA TYR A 419 -26.67 -5.47 3.83
C TYR A 419 -27.58 -4.71 4.80
N SER A 420 -28.51 -3.93 4.28
CA SER A 420 -29.21 -2.96 5.11
C SER A 420 -30.26 -3.70 5.94
N LYS A 421 -29.74 -4.45 6.91
CA LYS A 421 -30.54 -5.35 7.73
C LYS A 421 -29.76 -5.67 8.99
N TRP A 422 -30.39 -5.46 10.14
CA TRP A 422 -29.80 -5.86 11.41
C TRP A 422 -29.68 -7.37 11.49
N TYR A 423 -28.99 -7.84 12.52
CA TYR A 423 -28.76 -9.26 12.76
C TYR A 423 -29.06 -9.62 14.21
N LEU A 424 -30.20 -9.12 14.68
CA LEU A 424 -30.70 -9.36 16.02
C LEU A 424 -32.05 -10.06 15.94
N ASP A 425 -32.68 -10.24 17.10
CA ASP A 425 -34.00 -10.86 17.17
C ASP A 425 -34.71 -10.23 18.37
N SER A 426 -35.58 -9.26 18.10
CA SER A 426 -36.31 -8.57 19.15
C SER A 426 -37.20 -9.52 19.95
N ARG A 427 -37.48 -10.72 19.43
CA ARG A 427 -38.28 -11.68 20.17
C ARG A 427 -37.61 -12.07 21.48
N PHE A 428 -36.29 -12.02 21.53
CA PHE A 428 -35.51 -12.42 22.69
C PHE A 428 -35.03 -11.25 23.53
N LEU A 429 -35.32 -10.02 23.12
CA LEU A 429 -34.72 -8.82 23.70
C LEU A 429 -35.72 -8.10 24.61
N ALA A 430 -35.18 -7.13 25.36
CA ALA A 430 -35.95 -6.37 26.33
C ALA A 430 -36.72 -5.27 25.61
N ARG A 431 -37.34 -4.37 26.39
CA ARG A 431 -38.16 -3.29 25.85
C ARG A 431 -37.72 -1.93 26.36
N ASP A 432 -37.18 -1.88 27.57
CA ASP A 432 -36.59 -0.64 28.08
C ASP A 432 -35.18 -0.49 27.55
N HIS A 433 -35.04 -0.55 26.23
CA HIS A 433 -33.77 -0.60 25.54
C HIS A 433 -33.96 0.23 24.27
N PRO A 434 -33.10 1.20 23.97
CA PRO A 434 -33.36 2.07 22.81
C PRO A 434 -33.29 1.33 21.48
N LEU A 435 -32.84 0.09 21.49
CA LEU A 435 -32.68 -0.62 20.24
C LEU A 435 -33.94 -1.35 19.82
N THR A 436 -34.96 -1.47 20.68
CA THR A 436 -36.19 -2.03 20.12
C THR A 436 -36.87 -1.04 19.17
N PRO A 437 -36.88 0.29 19.42
CA PRO A 437 -37.31 1.18 18.34
C PRO A 437 -36.27 1.32 17.25
N TYR A 438 -34.98 1.31 17.60
CA TYR A 438 -34.00 1.39 16.51
C TYR A 438 -33.88 0.08 15.72
N ILE A 439 -34.70 -0.92 16.04
CA ILE A 439 -34.79 -2.15 15.28
C ILE A 439 -36.14 -2.28 14.58
N LYS A 440 -37.22 -1.86 15.24
CA LYS A 440 -38.49 -1.70 14.54
C LYS A 440 -38.32 -0.79 13.34
N THR A 441 -37.45 0.21 13.46
CA THR A 441 -36.97 0.98 12.32
C THR A 441 -35.56 0.53 12.02
N GLN A 442 -35.34 -0.01 10.82
CA GLN A 442 -34.06 -0.62 10.48
C GLN A 442 -33.06 0.49 10.20
N THR A 443 -32.46 0.99 11.28
CA THR A 443 -31.50 2.09 11.21
C THR A 443 -30.23 1.74 11.98
N TRP A 444 -29.35 2.72 12.12
CA TRP A 444 -28.21 2.64 13.00
C TRP A 444 -28.23 3.83 13.96
N PRO A 445 -27.81 3.66 15.21
CA PRO A 445 -28.06 4.70 16.19
C PRO A 445 -26.91 5.70 16.24
N PRO A 446 -27.12 6.84 16.88
CA PRO A 446 -26.06 7.85 17.01
C PRO A 446 -25.10 7.57 18.17
N LYS A 447 -24.18 8.53 18.34
CA LYS A 447 -23.07 8.35 19.27
C LYS A 447 -23.56 8.27 20.71
N HIS A 448 -24.51 9.13 21.10
CA HIS A 448 -24.92 9.13 22.49
C HIS A 448 -25.68 7.85 22.85
N ILE A 449 -26.44 7.28 21.91
CA ILE A 449 -27.10 6.01 22.19
C ILE A 449 -26.05 4.91 22.35
N VAL A 450 -25.09 4.84 21.43
CA VAL A 450 -24.11 3.77 21.56
C VAL A 450 -23.29 3.94 22.83
N ASP A 451 -23.10 5.19 23.27
CA ASP A 451 -22.46 5.40 24.57
C ASP A 451 -23.34 4.92 25.70
N LEU A 452 -24.66 5.07 25.57
CA LEU A 452 -25.56 4.54 26.60
C LEU A 452 -25.48 3.03 26.69
N VAL A 453 -25.12 2.36 25.60
CA VAL A 453 -25.02 0.90 25.60
C VAL A 453 -23.63 0.45 25.22
N GLY A 454 -22.62 1.27 25.52
CA GLY A 454 -21.28 1.04 25.03
C GLY A 454 -20.68 -0.31 25.38
N ASP A 455 -21.16 -0.96 26.42
CA ASP A 455 -20.58 -2.23 26.88
C ASP A 455 -21.66 -3.26 27.21
N THR A 456 -22.71 -3.36 26.37
CA THR A 456 -23.77 -4.32 26.64
C THR A 456 -24.22 -5.07 25.38
N TRP A 457 -23.41 -5.09 24.32
CA TRP A 457 -23.88 -5.65 23.06
C TRP A 457 -24.03 -7.16 23.15
N HIS A 458 -23.37 -7.78 24.12
CA HIS A 458 -23.50 -9.22 24.31
C HIS A 458 -24.91 -9.58 24.73
N LYS A 459 -25.53 -8.74 25.57
CA LYS A 459 -26.91 -9.01 25.95
C LYS A 459 -27.85 -9.00 24.74
N LEU A 460 -27.39 -8.53 23.58
CA LEU A 460 -28.16 -8.71 22.35
C LEU A 460 -27.92 -10.12 21.80
N PRO A 461 -28.98 -10.88 21.48
CA PRO A 461 -28.76 -12.20 20.87
C PRO A 461 -28.50 -12.14 19.36
N ILE A 462 -27.26 -11.83 19.01
CA ILE A 462 -26.88 -11.72 17.61
C ILE A 462 -27.02 -13.08 16.94
N THR A 463 -27.72 -13.12 15.82
CA THR A 463 -27.97 -14.33 15.07
C THR A 463 -26.94 -14.51 13.95
N GLN A 464 -27.18 -15.51 13.11
CA GLN A 464 -26.25 -15.86 12.04
C GLN A 464 -26.15 -14.74 11.03
N ILE A 465 -24.93 -14.54 10.51
CA ILE A 465 -24.71 -13.61 9.41
C ILE A 465 -24.09 -14.36 8.24
N PHE A 466 -22.94 -14.97 8.46
CA PHE A 466 -22.14 -15.56 7.39
C PHE A 466 -22.48 -17.05 7.31
N GLU A 467 -23.20 -17.43 6.27
CA GLU A 467 -23.54 -18.82 6.08
C GLU A 467 -22.29 -19.61 5.71
N ILE A 468 -22.08 -20.72 6.40
CA ILE A 468 -20.93 -21.59 6.14
C ILE A 468 -21.29 -22.58 5.04
N PRO A 469 -20.30 -23.11 4.32
CA PRO A 469 -20.61 -24.02 3.22
C PRO A 469 -20.73 -25.46 3.69
N GLU A 470 -21.67 -26.18 3.08
CA GLU A 470 -21.85 -27.59 3.39
C GLU A 470 -20.73 -28.45 2.85
N SER A 471 -19.77 -27.88 2.14
CA SER A 471 -18.61 -28.61 1.66
C SER A 471 -17.49 -27.61 1.41
N MET A 472 -16.42 -28.07 0.79
CA MET A 472 -15.25 -27.23 0.58
C MET A 472 -14.33 -27.94 -0.39
N ASP A 473 -13.49 -27.17 -1.05
CA ASP A 473 -12.54 -27.76 -1.97
C ASP A 473 -11.38 -28.38 -1.19
N PRO A 474 -10.90 -29.55 -1.59
CA PRO A 474 -9.77 -30.16 -0.87
C PRO A 474 -8.50 -29.33 -0.93
N SER A 475 -8.34 -28.47 -1.94
CA SER A 475 -7.13 -27.68 -2.05
C SER A 475 -6.93 -26.74 -0.88
N GLU A 476 -8.01 -26.41 -0.16
CA GLU A 476 -7.92 -25.50 0.97
C GLU A 476 -7.62 -26.20 2.28
N ILE A 477 -7.78 -27.52 2.34
CA ILE A 477 -7.66 -28.28 3.58
C ILE A 477 -6.49 -29.24 3.50
N LEU A 478 -6.54 -30.15 2.53
CA LEU A 478 -5.52 -31.18 2.40
C LEU A 478 -4.16 -30.55 2.12
N ASP A 479 -3.14 -31.09 2.77
CA ASP A 479 -1.75 -30.67 2.58
C ASP A 479 -0.87 -31.63 3.36
N ASP A 480 0.40 -31.70 2.96
CA ASP A 480 1.34 -32.63 3.58
C ASP A 480 1.78 -32.05 4.94
N LYS A 481 0.89 -32.22 5.92
CA LYS A 481 1.08 -31.68 7.26
C LYS A 481 1.38 -32.74 8.31
N SER A 482 1.59 -33.99 7.89
CA SER A 482 1.97 -35.07 8.80
C SER A 482 0.96 -35.23 9.94
N HIS A 483 -0.27 -35.55 9.53
CA HIS A 483 -1.35 -35.85 10.45
C HIS A 483 -0.91 -36.86 11.50
N SER A 484 -1.34 -36.62 12.74
CA SER A 484 -0.86 -37.35 13.90
C SER A 484 -1.57 -38.70 14.01
N PHE A 485 -1.36 -39.37 15.14
CA PHE A 485 -2.03 -40.61 15.47
C PHE A 485 -3.17 -40.34 16.43
N THR A 486 -4.01 -41.35 16.62
CA THR A 486 -5.05 -41.33 17.64
C THR A 486 -4.70 -42.33 18.75
N ARG A 487 -5.48 -42.26 19.82
CA ARG A 487 -5.10 -42.94 21.06
C ARG A 487 -5.03 -44.45 20.87
N THR A 488 -5.98 -45.01 20.10
CA THR A 488 -6.02 -46.46 19.93
C THR A 488 -4.75 -46.97 19.27
N ARG A 489 -4.42 -46.40 18.10
CA ARG A 489 -3.21 -46.84 17.41
C ARG A 489 -1.97 -46.50 18.21
N LEU A 490 -2.00 -45.40 18.97
CA LEU A 490 -0.83 -45.06 19.79
C LEU A 490 -0.58 -46.14 20.83
N ALA A 491 -1.62 -46.53 21.57
CA ALA A 491 -1.45 -47.57 22.57
C ALA A 491 -1.04 -48.90 21.95
N SER A 492 -1.61 -49.21 20.79
CA SER A 492 -1.26 -50.47 20.14
C SER A 492 0.20 -50.47 19.69
N TRP A 493 0.65 -49.35 19.12
CA TRP A 493 2.03 -49.23 18.68
C TRP A 493 2.99 -49.27 19.85
N LEU A 494 2.58 -48.75 21.00
CA LEU A 494 3.43 -48.81 22.18
C LEU A 494 3.51 -50.23 22.72
N SER A 495 2.38 -50.94 22.73
CA SER A 495 2.39 -52.32 23.18
C SER A 495 3.27 -53.18 22.27
N GLU A 496 3.24 -52.91 20.97
CA GLU A 496 4.00 -53.71 20.03
C GLU A 496 5.50 -53.37 20.07
N ASN A 497 5.83 -52.11 19.79
CA ASN A 497 7.22 -51.72 19.65
C ASN A 497 7.91 -51.68 21.02
N ARG A 498 9.24 -51.59 20.96
CA ARG A 498 10.07 -51.47 22.15
C ARG A 498 10.70 -50.10 22.30
N GLY A 499 10.56 -49.23 21.32
CA GLY A 499 11.13 -47.90 21.38
C GLY A 499 11.34 -47.35 19.99
N GLY A 500 11.78 -46.10 19.95
CA GLY A 500 12.06 -45.41 18.72
C GLY A 500 11.13 -44.23 18.49
N PRO A 501 11.42 -43.42 17.48
CA PRO A 501 10.56 -42.29 17.17
C PRO A 501 9.36 -42.69 16.36
N VAL A 502 8.32 -41.87 16.45
CA VAL A 502 7.08 -42.13 15.73
C VAL A 502 7.23 -41.64 14.29
N PRO A 503 6.93 -42.47 13.28
CA PRO A 503 6.56 -41.91 11.97
C PRO A 503 5.07 -41.59 11.95
N SER A 504 4.71 -40.35 11.64
CA SER A 504 3.31 -39.94 11.66
C SER A 504 2.65 -40.22 10.33
N GLU A 505 1.32 -40.38 10.36
CA GLU A 505 0.58 -40.63 9.14
C GLU A 505 0.49 -39.35 8.31
N LYS A 506 0.04 -39.50 7.06
CA LYS A 506 -0.10 -38.38 6.16
C LYS A 506 -1.56 -38.07 5.85
N VAL A 507 -1.74 -36.87 5.30
CA VAL A 507 -3.04 -36.22 5.31
C VAL A 507 -3.86 -36.65 4.11
N ILE A 508 -3.25 -36.68 2.93
CA ILE A 508 -4.00 -37.07 1.75
C ILE A 508 -4.37 -38.53 1.84
N ILE A 509 -3.53 -39.35 2.46
CA ILE A 509 -3.87 -40.76 2.62
C ILE A 509 -5.05 -40.91 3.57
N THR A 510 -5.00 -40.22 4.71
CA THR A 510 -6.14 -40.29 5.61
C THR A 510 -7.41 -39.77 4.95
N ALA A 511 -7.29 -38.73 4.12
CA ALA A 511 -8.47 -38.17 3.45
C ALA A 511 -9.04 -39.15 2.45
N LEU A 512 -8.18 -39.77 1.65
CA LEU A 512 -8.65 -40.75 0.68
C LEU A 512 -9.22 -41.98 1.35
N SER A 513 -8.80 -42.28 2.58
CA SER A 513 -9.36 -43.42 3.29
C SER A 513 -10.71 -43.07 3.91
N LYS A 514 -10.87 -41.87 4.46
CA LYS A 514 -12.07 -41.49 5.18
C LYS A 514 -12.99 -40.65 4.31
N PRO A 515 -14.24 -40.47 4.71
CA PRO A 515 -15.17 -39.67 3.91
C PRO A 515 -14.77 -38.19 3.94
N PRO A 516 -15.21 -37.41 2.97
CA PRO A 516 -14.84 -35.99 2.93
C PRO A 516 -15.58 -35.17 3.97
N VAL A 517 -15.35 -33.87 3.96
CA VAL A 517 -15.78 -32.99 5.04
C VAL A 517 -17.16 -32.44 4.75
N ASN A 518 -17.95 -32.27 5.80
CA ASN A 518 -19.23 -31.56 5.76
C ASN A 518 -19.23 -30.57 6.92
N PRO A 519 -18.62 -29.39 6.73
CA PRO A 519 -18.35 -28.52 7.89
C PRO A 519 -19.57 -28.15 8.70
N ARG A 520 -20.72 -27.96 8.06
CA ARG A 520 -21.95 -27.72 8.81
C ARG A 520 -22.20 -28.84 9.82
N GLU A 521 -22.20 -30.08 9.35
CA GLU A 521 -22.45 -31.21 10.24
C GLU A 521 -21.35 -31.34 11.29
N PHE A 522 -20.10 -31.11 10.89
CA PHE A 522 -18.98 -31.23 11.81
C PHE A 522 -19.12 -30.24 12.97
N LEU A 523 -19.35 -28.98 12.65
CA LEU A 523 -19.46 -27.97 13.67
C LEU A 523 -20.77 -28.08 14.45
N ARG A 524 -21.82 -28.64 13.86
CA ARG A 524 -23.01 -28.90 14.67
C ARG A 524 -22.74 -30.00 15.69
N SER A 525 -21.96 -31.01 15.30
CA SER A 525 -21.59 -32.05 16.25
C SER A 525 -20.76 -31.47 17.38
N ILE A 526 -19.80 -30.62 17.03
CA ILE A 526 -19.01 -29.95 18.07
C ILE A 526 -19.90 -29.06 18.93
N ASP A 527 -20.95 -28.47 18.33
CA ASP A 527 -21.91 -27.68 19.09
C ASP A 527 -22.68 -28.53 20.07
N LEU A 528 -22.82 -29.81 19.77
CA LEU A 528 -23.53 -30.76 20.64
C LEU A 528 -22.57 -31.49 21.58
N GLY A 529 -21.46 -30.85 21.93
CA GLY A 529 -20.34 -31.53 22.55
C GLY A 529 -19.35 -31.97 21.51
N GLY A 530 -19.38 -33.24 21.13
CA GLY A 530 -18.61 -33.66 19.98
C GLY A 530 -17.12 -33.59 20.20
N LEU A 531 -16.36 -34.14 19.25
CA LEU A 531 -14.93 -34.31 19.44
C LEU A 531 -14.71 -35.15 20.68
N PRO A 532 -15.10 -36.42 20.65
CA PRO A 532 -15.00 -37.26 21.85
C PRO A 532 -13.57 -37.35 22.35
N ASP A 533 -13.43 -37.91 23.54
CA ASP A 533 -12.17 -37.82 24.28
C ASP A 533 -11.02 -38.49 23.55
N GLU A 534 -11.30 -39.33 22.56
CA GLU A 534 -10.23 -40.11 21.94
C GLU A 534 -9.38 -39.25 21.02
N ASP A 535 -9.99 -38.39 20.22
CA ASP A 535 -9.27 -37.62 19.20
C ASP A 535 -8.89 -36.24 19.74
N LEU A 536 -8.02 -36.25 20.76
CA LEU A 536 -7.51 -35.02 21.36
C LEU A 536 -6.02 -35.12 21.60
N ILE A 537 -5.29 -35.64 20.62
CA ILE A 537 -3.85 -35.83 20.73
C ILE A 537 -3.14 -34.71 19.99
N ILE A 538 -1.99 -34.31 20.54
CA ILE A 538 -1.07 -33.40 19.85
C ILE A 538 0.34 -33.94 20.02
N GLY A 539 1.14 -33.79 18.97
CA GLY A 539 2.53 -34.14 19.01
C GLY A 539 3.37 -32.92 18.69
N LEU A 540 4.56 -32.86 19.28
CA LEU A 540 5.47 -31.75 19.07
C LEU A 540 6.61 -32.16 18.14
N LYS A 541 7.21 -31.15 17.51
CA LYS A 541 8.41 -31.36 16.75
C LYS A 541 9.21 -30.08 16.84
N PRO A 542 10.54 -30.16 16.97
CA PRO A 542 11.33 -28.95 17.15
C PRO A 542 11.48 -28.20 15.83
N LYS A 543 11.22 -26.90 15.86
CA LYS A 543 11.34 -26.09 14.68
C LYS A 543 12.80 -26.07 14.19
N GLU A 544 12.96 -25.66 12.94
CA GLU A 544 14.22 -25.77 12.21
C GLU A 544 14.80 -24.38 11.98
N ARG A 545 16.08 -24.21 12.33
CA ARG A 545 16.81 -22.98 12.04
C ARG A 545 16.13 -21.77 12.67
N GLU A 546 16.04 -21.80 14.00
CA GLU A 546 15.42 -20.74 14.77
C GLU A 546 16.38 -20.07 15.74
N LEU A 547 17.57 -20.63 15.96
CA LEU A 547 18.63 -19.98 16.72
C LEU A 547 18.21 -19.75 18.17
N LYS A 548 17.74 -20.82 18.82
CA LYS A 548 17.43 -20.79 20.24
C LYS A 548 17.74 -22.15 20.84
N ILE A 549 18.54 -22.16 21.91
CA ILE A 549 18.95 -23.43 22.51
C ILE A 549 17.75 -24.16 23.09
N GLU A 550 16.81 -23.42 23.68
CA GLU A 550 15.59 -24.05 24.17
C GLU A 550 14.82 -24.67 23.01
N GLY A 551 14.80 -23.99 21.88
CA GLY A 551 14.17 -24.51 20.69
C GLY A 551 12.68 -24.27 20.70
N ARG A 552 12.15 -23.85 19.56
CA ARG A 552 10.71 -23.75 19.40
C ARG A 552 10.14 -25.13 19.07
N PHE A 553 8.82 -25.22 19.12
CA PHE A 553 8.12 -26.48 18.88
C PHE A 553 6.86 -26.19 18.09
N PHE A 554 6.80 -26.69 16.85
CA PHE A 554 5.58 -26.67 16.08
C PHE A 554 4.90 -28.02 16.22
N ALA A 555 3.57 -27.99 16.23
CA ALA A 555 2.79 -29.15 16.59
C ALA A 555 2.12 -29.75 15.38
N LEU A 556 1.75 -31.02 15.52
CA LEU A 556 0.93 -31.73 14.56
C LEU A 556 -0.19 -32.41 15.31
N MET A 557 -1.42 -32.16 14.86
CA MET A 557 -2.63 -32.56 15.55
C MET A 557 -3.24 -33.78 14.86
N SER A 558 -4.33 -34.27 15.44
CA SER A 558 -5.06 -35.38 14.86
C SER A 558 -5.94 -34.89 13.72
N TRP A 559 -6.68 -35.84 13.12
CA TRP A 559 -7.47 -35.52 11.95
C TRP A 559 -8.58 -34.54 12.28
N ASN A 560 -9.40 -34.88 13.27
CA ASN A 560 -10.53 -34.03 13.60
C ASN A 560 -10.07 -32.67 14.12
N LEU A 561 -8.98 -32.66 14.88
CA LEU A 561 -8.52 -31.41 15.48
C LEU A 561 -7.90 -30.49 14.44
N ARG A 562 -7.05 -31.04 13.57
CA ARG A 562 -6.49 -30.25 12.49
C ARG A 562 -7.60 -29.74 11.58
N LEU A 563 -8.60 -30.57 11.33
CA LEU A 563 -9.74 -30.16 10.52
C LEU A 563 -10.42 -28.96 11.16
N TYR A 564 -10.71 -29.06 12.46
CA TYR A 564 -11.32 -27.98 13.20
C TYR A 564 -10.54 -26.69 13.02
N PHE A 565 -9.25 -26.73 13.38
CA PHE A 565 -8.42 -25.53 13.32
C PHE A 565 -8.37 -24.94 11.91
N VAL A 566 -8.22 -25.79 10.90
CA VAL A 566 -8.02 -25.30 9.54
C VAL A 566 -9.30 -24.65 9.01
N ILE A 567 -10.43 -25.34 9.14
CA ILE A 567 -11.65 -24.76 8.61
C ILE A 567 -12.00 -23.50 9.39
N THR A 568 -11.72 -23.48 10.68
CA THR A 568 -12.02 -22.29 11.47
C THR A 568 -11.19 -21.10 10.99
N GLU A 569 -9.87 -21.30 10.85
CA GLU A 569 -9.03 -20.17 10.49
C GLU A 569 -9.30 -19.71 9.06
N LYS A 570 -9.61 -20.63 8.14
CA LYS A 570 -9.97 -20.20 6.80
C LYS A 570 -11.29 -19.45 6.80
N LEU A 571 -12.24 -19.92 7.60
CA LEU A 571 -13.52 -19.22 7.74
C LEU A 571 -13.31 -17.79 8.19
N LEU A 572 -12.47 -17.60 9.20
CA LEU A 572 -12.20 -16.24 9.65
C LEU A 572 -11.49 -15.43 8.58
N ALA A 573 -10.47 -16.01 7.96
CA ALA A 573 -9.70 -15.26 6.96
C ALA A 573 -10.57 -14.82 5.80
N ASN A 574 -11.62 -15.58 5.49
CA ASN A 574 -12.47 -15.20 4.36
C ASN A 574 -13.41 -14.06 4.72
N TYR A 575 -14.15 -14.20 5.83
CA TYR A 575 -15.28 -13.32 6.11
C TYR A 575 -15.08 -12.42 7.32
N ILE A 576 -13.90 -12.39 7.92
CA ILE A 576 -13.65 -11.52 9.08
C ILE A 576 -12.47 -10.59 8.81
N LEU A 577 -11.32 -11.17 8.48
CA LEU A 577 -10.10 -10.40 8.33
C LEU A 577 -10.23 -9.18 7.43
N PRO A 578 -10.92 -9.23 6.29
CA PRO A 578 -11.07 -8.03 5.46
C PRO A 578 -11.61 -6.82 6.19
N LEU A 579 -12.37 -7.01 7.28
CA LEU A 579 -12.82 -5.88 8.07
C LEU A 579 -11.64 -5.11 8.63
N PHE A 580 -10.66 -5.82 9.19
CA PHE A 580 -9.51 -5.20 9.83
C PHE A 580 -8.39 -4.99 8.81
N ASP A 581 -7.59 -3.96 9.06
CA ASP A 581 -6.52 -3.57 8.17
C ASP A 581 -5.13 -3.97 8.64
N ALA A 582 -4.87 -3.94 9.96
CA ALA A 582 -3.62 -4.45 10.48
C ALA A 582 -3.37 -5.91 10.12
N LEU A 583 -4.42 -6.68 9.84
CA LEU A 583 -4.28 -8.13 9.88
C LEU A 583 -3.58 -8.58 8.60
N THR A 584 -2.25 -8.57 8.67
CA THR A 584 -1.40 -8.92 7.52
C THR A 584 -0.99 -10.38 7.60
N MET A 585 -1.96 -11.26 7.38
CA MET A 585 -1.68 -12.69 7.22
C MET A 585 -1.98 -13.20 5.82
N THR A 586 -3.19 -12.95 5.33
CA THR A 586 -3.60 -13.36 3.98
C THR A 586 -3.34 -12.23 2.97
N ASP A 587 -2.10 -11.76 2.91
CA ASP A 587 -1.76 -10.63 2.05
C ASP A 587 -0.44 -10.91 1.36
N ASN A 588 -0.31 -10.38 0.15
CA ASN A 588 0.89 -10.54 -0.65
C ASN A 588 1.82 -9.34 -0.45
N LEU A 589 2.94 -9.38 -1.16
CA LEU A 589 4.01 -8.42 -0.92
C LEU A 589 3.61 -7.02 -1.36
N ASN A 590 2.95 -6.90 -2.51
CA ASN A 590 2.54 -5.59 -2.97
C ASN A 590 1.57 -4.93 -1.99
N LYS A 591 0.59 -5.69 -1.51
CA LYS A 591 -0.35 -5.12 -0.55
C LYS A 591 0.33 -4.80 0.76
N VAL A 592 1.32 -5.61 1.15
CA VAL A 592 2.11 -5.29 2.34
C VAL A 592 2.78 -3.94 2.16
N PHE A 593 3.36 -3.70 0.98
CA PHE A 593 4.05 -2.45 0.76
C PHE A 593 3.08 -1.28 0.75
N LYS A 594 1.91 -1.47 0.12
CA LYS A 594 0.89 -0.41 0.15
C LYS A 594 0.52 -0.06 1.59
N LYS A 595 0.32 -1.08 2.42
CA LYS A 595 -0.06 -0.82 3.80
C LYS A 595 1.05 -0.10 4.56
N LEU A 596 2.29 -0.56 4.38
CA LEU A 596 3.41 0.08 5.06
C LEU A 596 3.52 1.55 4.68
N ILE A 597 3.42 1.84 3.38
CA ILE A 597 3.50 3.21 2.91
C ILE A 597 2.36 4.03 3.51
N ASP A 598 1.17 3.44 3.62
CA ASP A 598 0.07 4.19 4.21
C ASP A 598 0.32 4.45 5.69
N ARG A 599 1.05 3.58 6.37
CA ARG A 599 1.27 3.69 7.80
C ARG A 599 2.63 4.24 8.15
N VAL A 600 3.33 4.82 7.18
CA VAL A 600 4.67 5.36 7.39
C VAL A 600 4.73 6.78 6.86
N THR A 601 3.66 7.26 6.24
CA THR A 601 3.63 8.63 5.77
C THR A 601 3.85 9.54 6.97
N GLY A 602 4.98 10.24 6.97
CA GLY A 602 5.39 11.01 8.12
C GLY A 602 6.73 10.59 8.66
N GLN A 603 7.54 9.96 7.81
CA GLN A 603 8.88 9.53 8.17
C GLN A 603 9.86 10.11 7.16
N GLY A 604 10.83 10.86 7.66
CA GLY A 604 11.82 11.46 6.79
C GLY A 604 11.24 12.41 5.78
N LEU A 605 10.67 13.53 6.24
CA LEU A 605 9.99 14.46 5.37
C LEU A 605 10.70 15.80 5.22
N LEU A 606 11.75 16.05 5.98
CA LEU A 606 12.51 17.30 6.01
C LEU A 606 11.78 18.43 6.72
N ASP A 607 10.54 18.21 7.17
CA ASP A 607 9.76 19.25 7.84
C ASP A 607 9.14 18.68 9.11
N TYR A 608 8.31 19.47 9.77
CA TYR A 608 7.67 19.02 11.02
C TYR A 608 6.16 18.95 10.88
N SER A 609 5.70 18.55 9.70
CA SER A 609 4.27 18.44 9.43
C SER A 609 3.72 17.02 9.61
N ARG A 610 4.59 16.01 9.58
CA ARG A 610 4.16 14.62 9.71
C ARG A 610 5.09 13.78 10.60
N VAL A 611 4.81 13.72 11.90
CA VAL A 611 5.61 12.91 12.81
C VAL A 611 4.87 11.62 13.10
N THR A 612 5.50 10.49 12.78
CA THR A 612 4.87 9.19 12.98
C THR A 612 5.78 8.35 13.86
N TYR A 613 5.28 7.96 15.01
CA TYR A 613 6.03 7.03 15.82
C TYR A 613 5.77 5.60 15.36
N ALA A 614 6.64 4.70 15.81
CA ALA A 614 6.52 3.29 15.49
C ALA A 614 6.91 2.53 16.74
N PHE A 615 5.94 1.84 17.33
CA PHE A 615 6.15 0.95 18.47
C PHE A 615 6.09 -0.48 17.97
N HIS A 616 7.22 -1.17 18.03
CA HIS A 616 7.28 -2.60 17.78
C HIS A 616 7.11 -3.33 19.10
N LEU A 617 6.01 -4.07 19.20
CA LEU A 617 5.70 -4.87 20.38
C LEU A 617 5.99 -6.33 20.09
N ASP A 618 6.76 -6.95 20.99
CA ASP A 618 7.09 -8.37 20.94
C ASP A 618 6.91 -8.92 22.35
N TYR A 619 5.79 -9.59 22.58
CA TYR A 619 5.46 -10.07 23.90
C TYR A 619 6.41 -11.20 24.30
N GLU A 620 6.23 -11.68 25.53
CA GLU A 620 7.00 -12.81 26.06
C GLU A 620 6.09 -14.03 26.01
N LYS A 621 6.34 -14.90 25.03
CA LYS A 621 5.56 -16.12 24.87
C LYS A 621 4.08 -15.81 24.72
N TRP A 622 3.78 -15.07 23.65
CA TRP A 622 2.40 -14.65 23.39
C TRP A 622 1.50 -15.86 23.18
N ASN A 623 2.01 -16.88 22.49
CA ASN A 623 1.22 -18.06 22.19
C ASN A 623 0.88 -18.82 23.45
N ASN A 624 1.90 -19.10 24.27
CA ASN A 624 1.67 -19.88 25.48
C ASN A 624 0.81 -19.09 26.47
N HIS A 625 1.19 -17.85 26.74
CA HIS A 625 0.46 -17.07 27.73
C HIS A 625 -0.97 -16.77 27.31
N GLN A 626 -1.30 -16.88 26.02
CA GLN A 626 -2.68 -16.73 25.63
C GLN A 626 -3.47 -17.92 26.15
N ARG A 627 -4.51 -17.65 26.95
CA ARG A 627 -5.13 -18.67 27.76
C ARG A 627 -6.65 -18.51 27.74
N LEU A 628 -7.32 -19.43 28.44
CA LEU A 628 -8.77 -19.61 28.31
C LEU A 628 -9.54 -18.36 28.68
N GLU A 629 -9.41 -17.92 29.94
CA GLU A 629 -10.33 -16.94 30.50
C GLU A 629 -10.36 -15.64 29.71
N SER A 630 -9.34 -15.36 28.91
CA SER A 630 -9.37 -14.19 28.05
C SER A 630 -10.31 -14.40 26.87
N THR A 631 -10.07 -15.45 26.09
CA THR A 631 -10.82 -15.67 24.85
C THR A 631 -12.01 -16.59 25.13
N GLU A 632 -13.02 -16.00 25.75
CA GLU A 632 -14.32 -16.63 25.92
C GLU A 632 -15.42 -15.85 25.21
N ASP A 633 -15.45 -14.53 25.40
CA ASP A 633 -16.56 -13.71 24.93
C ASP A 633 -16.38 -13.26 23.50
N VAL A 634 -15.15 -12.93 23.10
CA VAL A 634 -14.88 -12.62 21.70
C VAL A 634 -15.18 -13.84 20.83
N PHE A 635 -14.64 -14.98 21.23
CA PHE A 635 -14.89 -16.21 20.49
C PHE A 635 -16.36 -16.58 20.55
N SER A 636 -17.04 -16.27 21.65
CA SER A 636 -18.48 -16.51 21.73
C SER A 636 -19.22 -15.67 20.70
N VAL A 637 -18.80 -14.42 20.52
CA VAL A 637 -19.45 -13.55 19.55
C VAL A 637 -19.24 -14.08 18.14
N LEU A 638 -18.02 -14.51 17.83
CA LEU A 638 -17.77 -15.13 16.52
C LEU A 638 -18.67 -16.34 16.33
N ASP A 639 -18.90 -17.08 17.40
CA ASP A 639 -19.61 -18.33 17.26
C ASP A 639 -21.10 -18.08 17.10
N GLN A 640 -21.60 -16.99 17.70
CA GLN A 640 -22.97 -16.59 17.48
C GLN A 640 -23.18 -16.08 16.07
N VAL A 641 -22.21 -15.32 15.52
CA VAL A 641 -22.41 -14.80 14.17
C VAL A 641 -22.36 -15.92 13.14
N PHE A 642 -21.70 -17.04 13.44
CA PHE A 642 -21.74 -18.17 12.53
C PHE A 642 -22.89 -19.13 12.83
N GLY A 643 -23.71 -18.83 13.84
CA GLY A 643 -24.86 -19.67 14.16
C GLY A 643 -24.53 -20.86 15.02
N LEU A 644 -23.44 -20.78 15.76
CA LEU A 644 -22.93 -21.84 16.62
C LEU A 644 -22.86 -21.30 18.05
N LYS A 645 -22.31 -22.09 18.97
CA LYS A 645 -22.16 -21.63 20.35
C LYS A 645 -21.19 -22.53 21.10
N ARG A 646 -20.24 -21.90 21.78
CA ARG A 646 -19.18 -22.51 22.59
C ARG A 646 -18.11 -23.18 21.73
N VAL A 647 -18.26 -23.18 20.42
CA VAL A 647 -17.39 -23.98 19.57
C VAL A 647 -15.98 -23.43 19.61
N PHE A 648 -15.83 -22.17 19.22
CA PHE A 648 -14.55 -21.50 19.36
C PHE A 648 -14.08 -21.57 20.81
N SER A 649 -15.00 -21.33 21.76
CA SER A 649 -14.65 -21.43 23.17
C SER A 649 -13.95 -22.74 23.48
N ARG A 650 -14.51 -23.85 22.97
CA ARG A 650 -14.01 -25.18 23.30
C ARG A 650 -12.52 -25.37 23.06
N THR A 651 -11.91 -24.52 22.21
CA THR A 651 -10.49 -24.62 21.88
C THR A 651 -9.60 -24.86 23.08
N HIS A 652 -9.65 -23.93 24.04
CA HIS A 652 -8.83 -24.08 25.23
C HIS A 652 -9.31 -25.24 26.09
N GLU A 653 -10.61 -25.52 26.09
CA GLU A 653 -11.07 -26.76 26.71
C GLU A 653 -10.40 -27.98 26.09
N PHE A 654 -10.22 -27.98 24.76
CA PHE A 654 -9.48 -29.08 24.15
C PHE A 654 -8.05 -29.12 24.64
N PHE A 655 -7.40 -27.96 24.71
CA PHE A 655 -6.04 -27.94 25.25
C PHE A 655 -5.99 -28.38 26.71
N GLN A 656 -7.12 -28.28 27.42
CA GLN A 656 -7.20 -28.76 28.79
C GLN A 656 -7.42 -30.25 28.87
N LYS A 657 -8.11 -30.81 27.88
CA LYS A 657 -8.54 -32.20 27.90
C LYS A 657 -7.70 -33.08 26.98
N ALA A 658 -6.62 -32.55 26.41
CA ALA A 658 -5.89 -33.21 25.34
C ALA A 658 -4.56 -33.76 25.83
N TRP A 659 -4.14 -34.85 25.21
CA TRP A 659 -2.79 -35.36 25.41
C TRP A 659 -1.81 -34.56 24.56
N ILE A 660 -0.60 -34.40 25.09
CA ILE A 660 0.49 -33.78 24.35
C ILE A 660 1.73 -34.62 24.57
N TYR A 661 2.39 -34.97 23.46
CA TYR A 661 3.56 -35.84 23.50
C TYR A 661 4.63 -35.30 22.56
N TYR A 662 5.81 -35.92 22.67
CA TYR A 662 6.97 -35.60 21.84
C TYR A 662 7.27 -36.78 20.93
N SER A 663 7.53 -36.49 19.66
CA SER A 663 7.60 -37.54 18.66
C SER A 663 8.91 -38.29 18.70
N ASP A 664 10.03 -37.58 18.89
CA ASP A 664 11.34 -38.20 18.77
C ASP A 664 11.70 -39.09 19.95
N ARG A 665 10.81 -39.27 20.92
CA ARG A 665 11.06 -40.19 22.03
C ARG A 665 9.74 -40.74 22.53
N SER A 666 9.58 -42.06 22.41
CA SER A 666 8.36 -42.76 22.76
C SER A 666 8.49 -43.57 24.05
N ASP A 667 9.69 -44.03 24.38
CA ASP A 667 9.87 -44.89 25.53
C ASP A 667 9.49 -44.22 26.84
N LEU A 668 9.36 -42.90 26.85
CA LEU A 668 9.02 -42.18 28.07
C LEU A 668 7.53 -42.26 28.41
N ILE A 669 6.71 -42.82 27.53
CA ILE A 669 5.28 -42.92 27.77
C ILE A 669 4.97 -44.24 28.47
N GLY A 670 4.13 -44.16 29.48
CA GLY A 670 3.86 -45.25 30.40
C GLY A 670 2.39 -45.43 30.68
N LEU A 671 1.56 -45.11 29.68
CA LEU A 671 0.14 -44.81 29.87
C LEU A 671 -0.54 -45.76 30.83
N ARG A 672 -1.34 -45.18 31.72
CA ARG A 672 -2.06 -45.87 32.78
C ARG A 672 -3.45 -46.32 32.34
N GLU A 673 -3.74 -46.29 31.03
CA GLU A 673 -5.04 -46.58 30.43
C GLU A 673 -6.08 -45.51 30.70
N ASP A 674 -5.75 -44.48 31.45
CA ASP A 674 -6.62 -43.33 31.72
C ASP A 674 -5.97 -42.01 31.37
N GLN A 675 -4.68 -41.89 31.57
CA GLN A 675 -3.94 -40.65 31.37
C GLN A 675 -2.52 -41.02 30.95
N ILE A 676 -1.61 -40.04 30.99
CA ILE A 676 -0.29 -40.22 30.38
C ILE A 676 0.65 -40.96 31.32
N TYR A 677 0.89 -40.42 32.51
CA TYR A 677 1.83 -41.02 33.46
C TYR A 677 3.22 -41.12 32.84
N CYS A 678 3.75 -39.97 32.47
CA CYS A 678 5.07 -39.92 31.86
C CYS A 678 6.13 -40.42 32.82
N LEU A 679 7.23 -40.91 32.25
CA LEU A 679 8.33 -41.49 32.99
C LEU A 679 9.53 -40.56 33.00
N ASP A 680 10.49 -40.86 33.86
CA ASP A 680 11.73 -40.10 33.96
C ASP A 680 11.45 -38.63 34.24
N ALA A 681 10.35 -38.33 34.91
CA ALA A 681 9.92 -36.95 35.10
C ALA A 681 10.54 -36.32 36.34
N SER A 682 11.87 -36.37 36.39
CA SER A 682 12.67 -35.59 37.31
C SER A 682 13.72 -34.78 36.57
N ASN A 683 14.27 -35.32 35.49
CA ASN A 683 15.19 -34.59 34.63
C ASN A 683 14.47 -33.64 33.68
N GLY A 684 13.14 -33.64 33.69
CA GLY A 684 12.37 -32.75 32.86
C GLY A 684 11.25 -33.50 32.15
N PRO A 685 10.00 -33.03 32.26
CA PRO A 685 8.90 -33.78 31.65
C PRO A 685 8.94 -33.72 30.13
N THR A 686 8.21 -34.63 29.51
CA THR A 686 8.15 -34.73 28.06
C THR A 686 6.72 -34.73 27.55
N CYS A 687 5.78 -35.23 28.35
CA CYS A 687 4.39 -35.37 27.93
C CYS A 687 3.47 -34.91 29.05
N TRP A 688 2.21 -34.70 28.70
CA TRP A 688 1.23 -34.37 29.74
C TRP A 688 -0.18 -34.47 29.20
N ASN A 689 -1.13 -34.59 30.14
CA ASN A 689 -2.52 -34.89 29.83
C ASN A 689 -3.39 -33.65 29.77
N GLY A 690 -2.79 -32.46 29.71
CA GLY A 690 -3.59 -31.26 29.62
C GLY A 690 -2.74 -30.02 29.85
N GLN A 691 -3.18 -28.88 29.31
CA GLN A 691 -2.44 -27.66 29.53
C GLN A 691 -3.34 -26.46 29.24
N ASP A 692 -3.22 -25.44 30.09
CA ASP A 692 -3.99 -24.22 29.96
C ASP A 692 -3.19 -23.25 29.11
N GLY A 693 -3.36 -23.32 27.81
CA GLY A 693 -2.59 -22.46 26.92
C GLY A 693 -2.75 -22.88 25.48
N GLY A 694 -1.82 -22.39 24.67
CA GLY A 694 -1.80 -22.69 23.25
C GLY A 694 -0.37 -22.89 22.77
N LEU A 695 -0.25 -23.11 21.46
CA LEU A 695 1.03 -23.44 20.85
C LEU A 695 1.17 -22.66 19.55
N GLU A 696 2.42 -22.52 19.11
CA GLU A 696 2.71 -21.70 17.95
C GLU A 696 2.13 -22.31 16.69
N GLY A 697 1.68 -21.44 15.79
CA GLY A 697 1.12 -21.88 14.53
C GLY A 697 -0.32 -22.36 14.64
N LEU A 698 -1.08 -21.83 15.58
CA LEU A 698 -2.43 -22.31 15.83
C LEU A 698 -3.28 -21.16 16.36
N ARG A 699 -4.40 -20.90 15.70
CA ARG A 699 -5.30 -19.82 16.08
C ARG A 699 -4.56 -18.49 16.18
N GLN A 700 -3.59 -18.29 15.29
CA GLN A 700 -2.91 -17.01 15.20
C GLN A 700 -3.90 -15.88 14.95
N LYS A 701 -5.02 -16.18 14.29
CA LYS A 701 -5.89 -15.13 13.78
C LYS A 701 -6.83 -14.61 14.86
N GLY A 702 -7.45 -15.50 15.63
CA GLY A 702 -8.31 -15.03 16.71
C GLY A 702 -7.52 -14.33 17.81
N TRP A 703 -6.34 -14.85 18.14
CA TRP A 703 -5.51 -14.22 19.14
C TRP A 703 -5.01 -12.86 18.65
N SER A 704 -4.65 -12.79 17.37
CA SER A 704 -4.33 -11.50 16.78
C SER A 704 -5.52 -10.56 16.85
N LEU A 705 -6.73 -11.08 16.64
CA LEU A 705 -7.92 -10.25 16.69
C LEU A 705 -8.09 -9.62 18.06
N VAL A 706 -7.99 -10.42 19.12
CA VAL A 706 -8.22 -9.86 20.45
C VAL A 706 -7.11 -8.87 20.81
N SER A 707 -5.87 -9.20 20.49
CA SER A 707 -4.79 -8.27 20.79
C SER A 707 -4.95 -6.96 20.03
N LEU A 708 -5.32 -7.05 18.76
CA LEU A 708 -5.53 -5.87 17.95
C LEU A 708 -6.68 -5.04 18.48
N LEU A 709 -7.72 -5.71 18.96
CA LEU A 709 -8.86 -4.97 19.51
C LEU A 709 -8.46 -4.20 20.75
N MET A 710 -7.66 -4.83 21.61
CA MET A 710 -7.10 -4.11 22.77
C MET A 710 -6.36 -2.87 22.32
N ILE A 711 -5.42 -3.05 21.38
CA ILE A 711 -4.59 -1.93 20.93
C ILE A 711 -5.46 -0.82 20.35
N ASP A 712 -6.43 -1.19 19.53
CA ASP A 712 -7.27 -0.21 18.88
C ASP A 712 -8.10 0.55 19.90
N ARG A 713 -8.60 -0.14 20.92
CA ARG A 713 -9.35 0.54 21.97
C ARG A 713 -8.49 1.60 22.64
N GLU A 714 -7.30 1.20 23.11
CA GLU A 714 -6.47 2.14 23.85
C GLU A 714 -6.07 3.33 22.98
N SER A 715 -5.62 3.06 21.75
CA SER A 715 -5.23 4.15 20.88
C SER A 715 -6.41 5.05 20.58
N GLN A 716 -7.51 4.48 20.09
CA GLN A 716 -8.66 5.26 19.68
C GLN A 716 -9.19 6.12 20.83
N ILE A 717 -9.03 5.68 22.08
CA ILE A 717 -9.45 6.56 23.16
C ILE A 717 -8.39 7.63 23.42
N ARG A 718 -7.11 7.35 23.15
CA ARG A 718 -6.08 8.38 23.31
C ARG A 718 -5.90 9.19 22.02
N ASN A 719 -5.58 8.52 20.92
CA ASN A 719 -5.39 9.16 19.63
C ASN A 719 -6.09 8.34 18.55
N THR A 720 -6.93 9.00 17.77
CA THR A 720 -7.78 8.27 16.83
C THR A 720 -7.05 7.91 15.54
N ARG A 721 -6.09 8.72 15.11
CA ARG A 721 -5.42 8.48 13.84
C ARG A 721 -4.19 7.58 14.02
N THR A 722 -4.41 6.41 14.61
CA THR A 722 -3.39 5.38 14.71
C THR A 722 -3.66 4.29 13.69
N LYS A 723 -2.60 3.75 13.11
CA LYS A 723 -2.72 2.60 12.24
C LYS A 723 -1.98 1.42 12.84
N ILE A 724 -2.46 0.22 12.53
CA ILE A 724 -1.96 -1.00 13.17
C ILE A 724 -1.62 -2.06 12.14
N LEU A 725 -0.58 -2.82 12.48
CA LEU A 725 -0.09 -3.92 11.67
C LEU A 725 0.21 -5.10 12.57
N ALA A 726 -0.29 -6.27 12.19
CA ALA A 726 -0.31 -7.42 13.08
C ALA A 726 -0.43 -8.68 12.25
N GLN A 727 0.54 -9.58 12.39
CA GLN A 727 0.36 -10.98 12.02
C GLN A 727 0.15 -11.87 13.23
N GLY A 728 0.33 -11.33 14.43
CA GLY A 728 -0.04 -12.01 15.67
C GLY A 728 1.01 -11.92 16.74
N ASP A 729 2.28 -11.88 16.35
CA ASP A 729 3.40 -11.85 17.28
C ASP A 729 4.19 -10.56 17.22
N ASN A 730 4.57 -10.13 16.02
CA ASN A 730 5.42 -8.96 15.84
C ASN A 730 4.53 -7.76 15.52
N GLN A 731 3.89 -7.22 16.56
CA GLN A 731 2.90 -6.20 16.32
C GLN A 731 3.55 -4.84 16.16
N VAL A 732 2.87 -3.94 15.44
CA VAL A 732 3.37 -2.61 15.19
C VAL A 732 2.23 -1.61 15.33
N LEU A 733 2.43 -0.61 16.19
CA LEU A 733 1.56 0.54 16.30
C LEU A 733 2.23 1.72 15.63
N CYS A 734 1.44 2.56 14.97
CA CYS A 734 1.94 3.76 14.31
C CYS A 734 0.97 4.91 14.56
N PRO A 735 1.23 5.73 15.58
CA PRO A 735 0.49 6.98 15.71
C PRO A 735 1.14 8.12 14.93
N THR A 736 0.33 8.79 14.12
CA THR A 736 0.75 9.95 13.34
C THR A 736 0.27 11.23 14.00
N TYR A 737 1.02 12.30 13.78
CA TYR A 737 0.67 13.62 14.30
C TYR A 737 1.06 14.69 13.30
N MET A 738 0.17 15.67 13.10
CA MET A 738 0.41 16.80 12.22
C MET A 738 0.66 18.07 13.02
N LEU A 739 1.73 18.76 12.70
CA LEU A 739 2.05 20.08 13.24
C LEU A 739 2.27 21.09 12.12
N SER A 740 1.82 22.31 12.43
CA SER A 740 1.57 23.35 11.45
C SER A 740 2.80 23.64 10.60
N PRO A 741 2.60 24.15 9.37
CA PRO A 741 3.76 24.42 8.50
C PRO A 741 4.67 25.49 9.06
N GLY A 742 4.10 26.63 9.48
CA GLY A 742 4.91 27.70 10.04
C GLY A 742 4.76 27.78 11.55
N LEU A 743 5.82 27.37 12.23
CA LEU A 743 5.87 27.33 13.68
C LEU A 743 7.22 27.85 14.15
N SER A 744 7.23 28.42 15.35
CA SER A 744 8.44 28.94 15.94
C SER A 744 9.02 27.92 16.92
N GLN A 745 10.26 28.19 17.35
CA GLN A 745 11.02 27.21 18.11
C GLN A 745 10.33 26.87 19.42
N GLU A 746 9.88 27.90 20.15
CA GLU A 746 9.17 27.68 21.41
C GLU A 746 7.94 26.79 21.19
N GLY A 747 7.07 27.21 20.26
CA GLY A 747 5.87 26.43 20.00
C GLY A 747 6.19 25.05 19.46
N LEU A 748 7.25 24.94 18.66
CA LEU A 748 7.63 23.63 18.13
C LEU A 748 8.00 22.68 19.25
N LEU A 749 8.84 23.14 20.19
CA LEU A 749 9.24 22.30 21.30
C LEU A 749 8.05 21.96 22.19
N TYR A 750 7.12 22.90 22.35
CA TYR A 750 5.91 22.61 23.11
C TYR A 750 5.12 21.49 22.46
N GLU A 751 4.94 21.58 21.14
CA GLU A 751 4.23 20.55 20.42
C GLU A 751 4.91 19.21 20.59
N LEU A 752 6.23 19.16 20.41
CA LEU A 752 6.92 17.89 20.53
C LEU A 752 6.84 17.31 21.94
N GLU A 753 6.83 18.16 22.96
CA GLU A 753 6.63 17.67 24.31
C GLU A 753 5.28 16.98 24.44
N ARG A 754 4.22 17.65 23.96
CA ARG A 754 2.90 17.03 24.03
C ARG A 754 2.86 15.74 23.23
N ILE A 755 3.61 15.69 22.13
CA ILE A 755 3.65 14.51 21.27
C ILE A 755 4.21 13.33 22.05
N SER A 756 5.39 13.52 22.64
CA SER A 756 6.01 12.45 23.41
C SER A 756 5.13 12.04 24.57
N ARG A 757 4.48 13.01 25.21
CA ARG A 757 3.58 12.70 26.30
C ARG A 757 2.48 11.75 25.86
N ASN A 758 1.80 12.08 24.75
CA ASN A 758 0.69 11.24 24.31
C ASN A 758 1.19 9.86 23.89
N ALA A 759 2.34 9.79 23.23
CA ALA A 759 2.85 8.50 22.78
C ALA A 759 3.17 7.61 23.98
N LEU A 760 3.89 8.14 24.96
CA LEU A 760 4.19 7.39 26.16
C LEU A 760 2.91 6.96 26.87
N SER A 761 1.89 7.81 26.85
CA SER A 761 0.63 7.45 27.48
C SER A 761 0.01 6.25 26.79
N ILE A 762 0.03 6.23 25.46
CA ILE A 762 -0.57 5.13 24.73
C ILE A 762 0.20 3.84 24.99
N TYR A 763 1.54 3.93 25.04
CA TYR A 763 2.32 2.73 25.31
C TYR A 763 2.01 2.17 26.70
N ARG A 764 1.88 3.05 27.68
CA ARG A 764 1.51 2.61 29.02
C ARG A 764 0.13 1.97 29.03
N ALA A 765 -0.80 2.54 28.27
CA ALA A 765 -2.14 1.98 28.21
C ALA A 765 -2.13 0.59 27.60
N VAL A 766 -1.30 0.40 26.57
CA VAL A 766 -1.20 -0.92 25.95
C VAL A 766 -0.63 -1.92 26.94
N GLU A 767 0.36 -1.51 27.72
CA GLU A 767 0.92 -2.43 28.71
C GLU A 767 -0.10 -2.77 29.78
N GLU A 768 -0.88 -1.78 30.20
CA GLU A 768 -1.94 -2.03 31.18
C GLU A 768 -2.94 -3.04 30.64
N GLY A 769 -3.40 -2.85 29.40
CA GLY A 769 -4.33 -3.81 28.81
C GLY A 769 -3.73 -5.19 28.69
N ALA A 770 -2.42 -5.26 28.41
CA ALA A 770 -1.82 -6.56 28.18
C ALA A 770 -1.64 -7.30 29.49
N SER A 771 -1.33 -6.58 30.57
CA SER A 771 -1.36 -7.20 31.88
C SER A 771 -2.78 -7.51 32.34
N LYS A 772 -3.78 -6.80 31.80
CA LYS A 772 -5.16 -7.15 32.07
C LYS A 772 -5.59 -8.40 31.34
N LEU A 773 -4.82 -8.84 30.34
CA LEU A 773 -5.11 -10.08 29.62
C LEU A 773 -4.05 -11.15 29.83
N GLY A 774 -3.15 -10.97 30.80
CA GLY A 774 -2.09 -11.92 31.04
C GLY A 774 -0.91 -11.81 30.13
N LEU A 775 -1.04 -11.12 29.01
CA LEU A 775 0.04 -10.95 28.05
C LEU A 775 1.04 -9.97 28.63
N ILE A 776 2.15 -10.47 29.13
CA ILE A 776 3.17 -9.61 29.71
C ILE A 776 4.00 -9.03 28.56
N ILE A 777 4.25 -7.72 28.64
CA ILE A 777 5.05 -7.01 27.65
C ILE A 777 6.37 -6.64 28.31
N LYS A 778 7.45 -6.82 27.56
CA LYS A 778 8.78 -6.47 28.04
C LYS A 778 9.00 -4.99 27.81
N LYS A 779 9.09 -4.23 28.89
CA LYS A 779 9.25 -2.78 28.75
C LYS A 779 10.59 -2.45 28.11
N GLU A 780 11.65 -3.12 28.54
CA GLU A 780 13.00 -2.86 28.07
C GLU A 780 13.35 -3.60 26.78
N GLU A 781 12.34 -4.10 26.06
CA GLU A 781 12.57 -4.71 24.76
C GLU A 781 11.61 -4.25 23.68
N THR A 782 10.52 -3.59 24.03
CA THR A 782 9.69 -2.99 23.01
C THR A 782 10.49 -1.89 22.33
N MET A 783 10.43 -1.86 21.01
CA MET A 783 11.23 -0.91 20.25
C MET A 783 10.38 0.30 19.91
N CYS A 784 11.01 1.46 19.92
CA CYS A 784 10.36 2.70 19.54
C CYS A 784 11.25 3.48 18.58
N SER A 785 10.62 4.13 17.62
CA SER A 785 11.35 5.05 16.76
C SER A 785 10.35 6.02 16.13
N TYR A 786 10.88 6.96 15.37
CA TYR A 786 10.08 7.82 14.52
C TYR A 786 10.54 7.88 13.09
N ASP A 787 11.77 7.45 12.80
CA ASP A 787 12.32 7.39 11.46
C ASP A 787 12.85 5.99 11.19
N PHE A 788 12.06 4.99 11.56
CA PHE A 788 12.42 3.60 11.34
C PHE A 788 11.20 2.73 11.56
N LEU A 789 11.24 1.53 10.99
CA LEU A 789 10.16 0.57 11.19
C LEU A 789 10.63 -0.79 10.69
N ILE A 790 10.04 -1.84 11.27
CA ILE A 790 10.35 -3.22 10.91
C ILE A 790 9.05 -4.00 10.82
N TYR A 791 8.98 -4.89 9.84
CA TYR A 791 7.84 -5.80 9.74
C TYR A 791 8.30 -7.11 9.12
N GLY A 792 8.35 -8.16 9.93
CA GLY A 792 8.70 -9.48 9.42
C GLY A 792 10.04 -9.49 8.74
N LYS A 793 11.04 -8.94 9.41
CA LYS A 793 12.41 -8.82 8.92
C LYS A 793 12.51 -7.93 7.68
N THR A 794 11.47 -7.19 7.35
CA THR A 794 11.55 -6.15 6.33
C THR A 794 11.84 -4.83 7.01
N PRO A 795 13.03 -4.25 6.85
CA PRO A 795 13.28 -2.91 7.40
C PRO A 795 12.88 -1.78 6.48
N LEU A 796 12.29 -0.77 7.09
CA LEU A 796 11.80 0.43 6.41
C LEU A 796 12.45 1.63 7.09
N PHE A 797 13.48 2.16 6.43
CA PHE A 797 14.25 3.29 6.96
C PHE A 797 13.78 4.54 6.23
N ARG A 798 13.10 5.42 6.96
CA ARG A 798 12.63 6.70 6.44
C ARG A 798 11.81 6.49 5.17
N GLY A 799 10.79 5.64 5.30
CA GLY A 799 9.91 5.34 4.20
C GLY A 799 10.52 4.53 3.08
N ASN A 800 11.80 4.18 3.17
CA ASN A 800 12.48 3.44 2.11
C ASN A 800 12.62 1.98 2.51
N ILE A 801 12.14 1.08 1.65
CA ILE A 801 12.18 -0.34 1.94
C ILE A 801 13.62 -0.78 1.69
N LEU A 802 14.38 -0.92 2.77
CA LEU A 802 15.78 -1.27 2.68
C LEU A 802 15.90 -2.79 2.63
N VAL A 803 16.80 -3.27 1.79
CA VAL A 803 16.85 -4.67 1.40
C VAL A 803 18.00 -5.36 2.11
N PRO A 804 17.79 -6.49 2.78
CA PRO A 804 18.90 -7.42 3.01
C PRO A 804 19.08 -8.37 1.83
N GLU A 805 20.28 -8.42 1.27
CA GLU A 805 20.58 -9.31 0.15
C GLU A 805 21.09 -10.67 0.60
N SER A 806 21.54 -10.76 1.86
CA SER A 806 22.33 -11.92 2.26
C SER A 806 21.46 -13.15 2.43
N LYS A 807 20.24 -12.98 2.95
CA LYS A 807 19.34 -14.13 3.07
C LYS A 807 19.12 -14.77 1.72
N ARG A 808 18.96 -13.96 0.69
CA ARG A 808 18.48 -14.46 -0.58
C ARG A 808 19.61 -15.04 -1.40
N TRP A 809 20.77 -14.36 -1.41
CA TRP A 809 21.90 -15.01 -2.05
C TRP A 809 22.43 -16.19 -1.24
N ALA A 810 22.19 -16.23 0.07
CA ALA A 810 22.52 -17.42 0.85
C ALA A 810 21.63 -18.60 0.48
N ARG A 811 20.40 -18.32 0.05
CA ARG A 811 19.50 -19.41 -0.31
C ARG A 811 19.76 -19.95 -1.72
N VAL A 812 20.85 -19.53 -2.37
CA VAL A 812 21.21 -20.10 -3.66
C VAL A 812 21.55 -21.57 -3.48
N SER A 813 20.99 -22.41 -4.36
CA SER A 813 21.18 -23.85 -4.39
C SER A 813 20.54 -24.55 -3.19
N CYS A 814 19.82 -23.81 -2.35
CA CYS A 814 19.11 -24.39 -1.21
C CYS A 814 17.67 -24.60 -1.64
N VAL A 815 17.46 -25.71 -2.35
CA VAL A 815 16.14 -26.01 -2.89
C VAL A 815 15.17 -26.30 -1.76
N SER A 816 13.89 -26.24 -2.09
CA SER A 816 12.84 -26.46 -1.10
C SER A 816 12.75 -27.94 -0.76
N ASN A 817 11.84 -28.27 0.14
CA ASN A 817 11.61 -29.65 0.53
C ASN A 817 10.75 -30.34 -0.52
N ASP A 818 10.70 -31.68 -0.42
CA ASP A 818 9.96 -32.57 -1.31
C ASP A 818 10.12 -32.17 -2.77
N GLN A 819 11.34 -31.82 -3.16
CA GLN A 819 11.66 -31.43 -4.53
C GLN A 819 12.94 -32.13 -4.95
N ILE A 820 13.21 -32.04 -6.24
CA ILE A 820 14.33 -32.73 -6.87
C ILE A 820 15.36 -31.69 -7.25
N VAL A 821 16.63 -32.09 -7.28
CA VAL A 821 17.71 -31.18 -7.66
C VAL A 821 17.84 -31.31 -9.17
N ASN A 822 17.04 -30.50 -9.87
CA ASN A 822 17.10 -30.38 -11.31
C ASN A 822 17.68 -29.02 -11.67
N LEU A 823 18.30 -28.96 -12.85
CA LEU A 823 18.76 -27.70 -13.40
C LEU A 823 17.68 -26.63 -13.32
N ALA A 824 16.47 -27.01 -13.72
CA ALA A 824 15.35 -26.08 -13.71
C ALA A 824 15.09 -25.54 -12.32
N ASN A 825 15.13 -26.40 -11.32
CA ASN A 825 14.71 -25.98 -9.98
C ASN A 825 15.72 -25.03 -9.35
N ILE A 826 17.02 -25.30 -9.52
CA ILE A 826 18.01 -24.42 -8.92
C ILE A 826 18.08 -23.10 -9.67
N MET A 827 17.98 -23.14 -10.99
CA MET A 827 17.94 -21.88 -11.72
C MET A 827 16.68 -21.11 -11.37
N SER A 828 15.58 -21.81 -11.05
CA SER A 828 14.34 -21.13 -10.72
C SER A 828 14.42 -20.47 -9.35
N THR A 829 15.03 -21.14 -8.37
CA THR A 829 15.16 -20.50 -7.07
C THR A 829 16.11 -19.31 -7.17
N VAL A 830 17.18 -19.43 -7.98
CA VAL A 830 18.06 -18.29 -8.21
C VAL A 830 17.28 -17.13 -8.78
N SER A 831 16.51 -17.38 -9.84
CA SER A 831 15.81 -16.30 -10.53
C SER A 831 14.80 -15.65 -9.60
N THR A 832 13.98 -16.44 -8.92
CA THR A 832 12.95 -15.85 -8.07
C THR A 832 13.56 -15.15 -6.86
N ASN A 833 14.70 -15.63 -6.36
CA ASN A 833 15.38 -14.92 -5.29
C ASN A 833 15.83 -13.54 -5.77
N ALA A 834 16.46 -13.50 -6.94
CA ALA A 834 16.92 -12.21 -7.47
C ALA A 834 15.75 -11.29 -7.74
N LEU A 835 14.62 -11.82 -8.20
CA LEU A 835 13.49 -10.97 -8.51
C LEU A 835 12.83 -10.45 -7.24
N THR A 836 12.79 -11.25 -6.18
CA THR A 836 12.29 -10.75 -4.92
C THR A 836 13.25 -9.73 -4.32
N VAL A 837 14.54 -9.89 -4.58
CA VAL A 837 15.51 -8.87 -4.18
C VAL A 837 15.19 -7.56 -4.89
N ALA A 838 14.95 -7.63 -6.19
CA ALA A 838 14.61 -6.43 -6.94
C ALA A 838 13.33 -5.80 -6.41
N GLN A 839 12.32 -6.62 -6.12
CA GLN A 839 11.08 -6.09 -5.57
C GLN A 839 11.31 -5.44 -4.21
N HIS A 840 12.32 -5.89 -3.49
CA HIS A 840 12.71 -5.24 -2.24
C HIS A 840 13.69 -4.10 -2.45
N SER A 841 14.14 -3.86 -3.68
CA SER A 841 15.24 -2.93 -3.94
C SER A 841 14.92 -2.06 -5.14
N GLN A 842 15.93 -1.31 -5.55
CA GLN A 842 15.94 -0.44 -6.71
C GLN A 842 17.19 -0.75 -7.52
N SER A 843 17.42 0.01 -8.59
CA SER A 843 18.67 -0.08 -9.35
C SER A 843 18.90 -1.51 -9.88
N LEU A 844 17.96 -1.94 -10.74
CA LEU A 844 17.87 -3.32 -11.19
C LEU A 844 19.19 -3.88 -11.73
N ILE A 845 20.12 -3.02 -12.13
CA ILE A 845 21.40 -3.48 -12.65
C ILE A 845 22.07 -4.42 -11.66
N LYS A 846 22.04 -4.08 -10.38
CA LYS A 846 22.66 -4.91 -9.35
C LYS A 846 22.04 -6.29 -9.28
N PRO A 847 20.72 -6.44 -9.13
CA PRO A 847 20.16 -7.79 -9.14
C PRO A 847 20.36 -8.53 -10.45
N MET A 848 20.44 -7.82 -11.57
CA MET A 848 20.73 -8.51 -12.84
C MET A 848 22.13 -9.12 -12.81
N ARG A 849 23.11 -8.34 -12.37
CA ARG A 849 24.46 -8.84 -12.29
C ARG A 849 24.57 -9.99 -11.31
N ASP A 850 23.85 -9.90 -10.19
CA ASP A 850 23.86 -10.98 -9.21
C ASP A 850 23.19 -12.23 -9.78
N PHE A 851 22.12 -12.06 -10.53
CA PHE A 851 21.46 -13.16 -11.22
C PHE A 851 22.46 -13.90 -12.09
N LEU A 852 23.15 -13.15 -12.95
CA LEU A 852 24.17 -13.75 -13.81
C LEU A 852 25.18 -14.56 -13.00
N LEU A 853 25.77 -13.92 -11.98
CA LEU A 853 26.87 -14.56 -11.27
C LEU A 853 26.41 -15.81 -10.53
N MET A 854 25.32 -15.69 -9.77
CA MET A 854 24.82 -16.82 -9.01
C MET A 854 24.39 -17.95 -9.92
N SER A 855 23.80 -17.62 -11.07
CA SER A 855 23.36 -18.66 -11.99
C SER A 855 24.55 -19.43 -12.54
N VAL A 856 25.59 -18.72 -12.94
CA VAL A 856 26.78 -19.40 -13.44
C VAL A 856 27.38 -20.28 -12.37
N GLN A 857 27.42 -19.80 -11.12
CA GLN A 857 27.95 -20.60 -10.02
C GLN A 857 27.13 -21.87 -9.84
N ALA A 858 25.81 -21.73 -9.84
CA ALA A 858 24.94 -22.88 -9.61
C ALA A 858 25.09 -23.92 -10.70
N VAL A 859 25.12 -23.47 -11.96
CA VAL A 859 25.23 -24.45 -13.04
C VAL A 859 26.61 -25.07 -13.04
N PHE A 860 27.63 -24.34 -12.59
CA PHE A 860 28.95 -24.96 -12.48
C PHE A 860 28.92 -26.11 -11.49
N HIS A 861 28.25 -25.91 -10.35
CA HIS A 861 28.12 -27.00 -9.38
C HIS A 861 27.33 -28.15 -9.98
N TYR A 862 26.17 -27.85 -10.58
CA TYR A 862 25.28 -28.88 -11.09
C TYR A 862 25.95 -29.69 -12.19
N LEU A 863 26.81 -29.06 -12.99
CA LEU A 863 27.53 -29.79 -14.02
C LEU A 863 28.76 -30.48 -13.46
N LEU A 864 29.32 -29.99 -12.36
CA LEU A 864 30.33 -30.75 -11.65
C LEU A 864 29.77 -32.09 -11.20
N PHE A 865 28.51 -32.10 -10.79
CA PHE A 865 27.84 -33.38 -10.53
C PHE A 865 26.34 -33.21 -10.57
N SER A 866 25.68 -34.19 -11.18
CA SER A 866 24.22 -34.20 -11.36
C SER A 866 23.65 -35.44 -10.68
N PRO A 867 23.00 -35.31 -9.52
CA PRO A 867 22.51 -36.50 -8.82
C PRO A 867 21.56 -37.37 -9.61
N ILE A 868 20.46 -36.78 -10.11
CA ILE A 868 19.45 -37.60 -10.77
C ILE A 868 19.99 -38.20 -12.06
N LEU A 869 20.86 -37.48 -12.74
CA LEU A 869 21.55 -38.04 -13.90
C LEU A 869 22.64 -39.01 -13.50
N LYS A 870 23.06 -39.01 -12.23
CA LYS A 870 23.97 -40.01 -11.68
C LYS A 870 25.31 -39.98 -12.40
N GLY A 871 25.84 -38.79 -12.58
CA GLY A 871 27.17 -38.64 -13.16
C GLY A 871 27.39 -37.20 -13.59
N ARG A 872 28.60 -36.98 -14.08
CA ARG A 872 28.95 -35.68 -14.65
C ARG A 872 28.48 -35.61 -16.09
N VAL A 873 28.34 -34.38 -16.58
CA VAL A 873 27.73 -34.17 -17.88
C VAL A 873 28.73 -34.44 -19.00
N TYR A 874 29.86 -33.74 -18.99
CA TYR A 874 30.99 -33.87 -19.91
C TYR A 874 30.68 -33.37 -21.31
N LYS A 875 29.46 -32.91 -21.59
CA LYS A 875 29.12 -32.35 -22.89
C LYS A 875 29.28 -30.84 -22.95
N ILE A 876 29.22 -30.18 -21.80
CA ILE A 876 29.27 -28.73 -21.72
C ILE A 876 30.65 -28.25 -21.28
N LEU A 877 31.21 -28.89 -20.26
CA LEU A 877 32.51 -28.46 -19.74
C LEU A 877 33.60 -28.64 -20.79
N SER A 878 33.60 -29.78 -21.47
CA SER A 878 34.64 -30.05 -22.46
C SER A 878 34.54 -29.12 -23.66
N ALA A 879 33.38 -28.53 -23.91
CA ALA A 879 33.23 -27.61 -25.02
C ALA A 879 34.13 -26.40 -24.82
N GLU A 880 34.39 -25.69 -25.91
CA GLU A 880 35.22 -24.50 -25.83
C GLU A 880 34.92 -23.60 -27.02
N GLY A 881 35.31 -22.33 -26.85
CA GLY A 881 35.30 -21.34 -27.91
C GLY A 881 33.94 -20.70 -28.14
N GLU A 882 33.01 -21.43 -28.74
CA GLU A 882 31.65 -20.94 -28.99
C GLU A 882 30.56 -21.85 -28.45
N SER A 883 30.76 -23.16 -28.51
CA SER A 883 29.66 -24.09 -28.19
C SER A 883 29.25 -23.97 -26.73
N PHE A 884 30.23 -23.90 -25.82
CA PHE A 884 29.93 -23.64 -24.42
C PHE A 884 29.20 -22.32 -24.25
N LEU A 885 29.54 -21.33 -25.08
CA LEU A 885 28.85 -20.05 -25.04
C LEU A 885 27.37 -20.22 -25.34
N LEU A 886 27.06 -20.90 -26.45
CA LEU A 886 25.67 -21.14 -26.80
C LEU A 886 24.96 -21.94 -25.72
N ALA A 887 25.67 -22.91 -25.13
CA ALA A 887 25.06 -23.74 -24.11
C ALA A 887 24.63 -22.92 -22.90
N MET A 888 25.55 -22.11 -22.37
CA MET A 888 25.21 -21.29 -21.22
C MET A 888 24.10 -20.30 -21.56
N SER A 889 24.18 -19.69 -22.73
CA SER A 889 23.16 -18.72 -23.13
C SER A 889 21.79 -19.38 -23.19
N ARG A 890 21.73 -20.61 -23.71
CA ARG A 890 20.46 -21.31 -23.77
C ARG A 890 20.01 -21.71 -22.37
N ILE A 891 20.94 -21.98 -21.47
CA ILE A 891 20.56 -22.44 -20.14
C ILE A 891 19.97 -21.29 -19.33
N ILE A 892 20.52 -20.10 -19.45
CA ILE A 892 20.19 -18.99 -18.55
C ILE A 892 19.10 -18.10 -19.11
N TYR A 893 19.24 -17.71 -20.38
CA TYR A 893 18.39 -16.68 -20.95
C TYR A 893 17.08 -17.22 -21.52
N LEU A 894 17.14 -18.34 -22.23
CA LEU A 894 15.94 -18.89 -22.83
C LEU A 894 14.92 -19.25 -21.77
N ASP A 895 13.66 -19.11 -22.13
CA ASP A 895 12.55 -19.30 -21.22
C ASP A 895 12.11 -20.75 -21.21
N PRO A 896 11.32 -21.16 -20.22
CA PRO A 896 10.82 -22.55 -20.23
C PRO A 896 9.95 -22.86 -21.42
N SER A 897 9.27 -21.87 -21.99
CA SER A 897 8.39 -22.11 -23.11
C SER A 897 9.15 -22.20 -24.42
N LEU A 898 10.27 -21.48 -24.55
CA LEU A 898 11.02 -21.41 -25.80
C LEU A 898 12.17 -22.40 -25.75
N GLY A 899 11.83 -23.68 -25.93
CA GLY A 899 12.83 -24.71 -26.08
C GLY A 899 13.46 -25.11 -24.77
N GLY A 900 14.23 -24.19 -24.18
CA GLY A 900 14.83 -24.46 -22.89
C GLY A 900 13.78 -24.72 -21.82
N ILE A 901 14.22 -25.32 -20.72
CA ILE A 901 13.35 -25.56 -19.58
C ILE A 901 13.97 -25.06 -18.28
N SER A 902 15.04 -24.27 -18.37
CA SER A 902 15.81 -23.89 -17.20
C SER A 902 15.82 -22.41 -16.91
N GLY A 903 16.02 -21.57 -17.93
CA GLY A 903 16.39 -20.19 -17.73
C GLY A 903 15.21 -19.23 -17.75
N MET A 904 15.55 -17.95 -17.80
CA MET A 904 14.57 -16.88 -17.87
C MET A 904 15.18 -15.70 -18.61
N SER A 905 14.36 -15.03 -19.41
CA SER A 905 14.78 -13.82 -20.09
C SER A 905 14.78 -12.64 -19.12
N LEU A 906 15.60 -11.65 -19.43
CA LEU A 906 15.66 -10.46 -18.59
C LEU A 906 14.37 -9.65 -18.62
N GLY A 907 13.52 -9.89 -19.62
CA GLY A 907 12.26 -9.17 -19.70
C GLY A 907 11.32 -9.41 -18.54
N ARG A 908 11.58 -10.43 -17.72
CA ARG A 908 10.78 -10.65 -16.52
C ARG A 908 11.17 -9.72 -15.39
N PHE A 909 12.27 -8.97 -15.52
CA PHE A 909 12.63 -7.98 -14.51
C PHE A 909 11.78 -6.74 -14.61
N HIS A 910 11.28 -6.42 -15.81
CA HIS A 910 10.44 -5.24 -15.98
C HIS A 910 9.15 -5.38 -15.18
N ILE A 911 8.37 -6.41 -15.49
CA ILE A 911 7.19 -6.76 -14.73
C ILE A 911 7.29 -8.23 -14.33
N ARG A 912 6.62 -8.59 -13.24
CA ARG A 912 6.62 -9.97 -12.76
C ARG A 912 5.39 -10.74 -13.18
N GLN A 913 4.20 -10.23 -12.87
CA GLN A 913 2.94 -10.90 -13.19
C GLN A 913 2.42 -10.49 -14.56
N PHE A 914 3.25 -10.63 -15.58
CA PHE A 914 2.84 -10.30 -16.93
C PHE A 914 1.97 -11.42 -17.49
N SER A 915 1.10 -11.06 -18.42
CA SER A 915 0.09 -12.00 -18.89
C SER A 915 0.64 -12.98 -19.92
N ASP A 916 1.67 -12.59 -20.67
CA ASP A 916 2.22 -13.44 -21.72
C ASP A 916 3.74 -13.39 -21.72
N PRO A 917 4.43 -14.44 -21.24
CA PRO A 917 5.90 -14.42 -21.32
C PRO A 917 6.42 -14.54 -22.74
N VAL A 918 5.59 -14.98 -23.68
CA VAL A 918 6.07 -15.22 -25.03
C VAL A 918 6.46 -13.90 -25.70
N SER A 919 5.58 -12.91 -25.62
CA SER A 919 5.85 -11.62 -26.21
C SER A 919 7.05 -10.96 -25.55
N GLU A 920 7.12 -11.03 -24.22
CA GLU A 920 8.28 -10.52 -23.49
C GLU A 920 9.57 -11.11 -24.04
N GLY A 921 9.64 -12.43 -24.12
CA GLY A 921 10.84 -13.07 -24.60
C GLY A 921 11.18 -12.67 -26.02
N LEU A 922 10.18 -12.66 -26.89
CA LEU A 922 10.44 -12.38 -28.30
C LEU A 922 10.89 -10.95 -28.48
N SER A 923 10.31 -10.01 -27.73
CA SER A 923 10.74 -8.62 -27.80
C SER A 923 12.19 -8.49 -27.34
N PHE A 924 12.53 -9.15 -26.23
CA PHE A 924 13.90 -9.10 -25.74
C PHE A 924 14.86 -9.62 -26.79
N TRP A 925 14.53 -10.76 -27.40
CA TRP A 925 15.43 -11.37 -28.35
C TRP A 925 15.53 -10.53 -29.62
N ARG A 926 14.45 -9.89 -30.04
CA ARG A 926 14.51 -9.01 -31.19
C ARG A 926 15.41 -7.81 -30.93
N GLU A 927 15.23 -7.17 -29.79
CA GLU A 927 16.09 -6.04 -29.46
C GLU A 927 17.56 -6.45 -29.42
N ILE A 928 17.83 -7.64 -28.89
CA ILE A 928 19.21 -8.08 -28.82
C ILE A 928 19.73 -8.49 -30.19
N TRP A 929 18.83 -8.87 -31.10
CA TRP A 929 19.26 -9.26 -32.43
C TRP A 929 19.65 -8.04 -33.24
N LEU A 930 18.70 -7.11 -33.42
CA LEU A 930 19.02 -5.96 -34.24
C LEU A 930 19.99 -5.01 -33.56
N SER A 931 20.13 -5.09 -32.24
CA SER A 931 21.16 -4.34 -31.52
C SER A 931 22.39 -5.21 -31.29
N SER A 932 23.04 -5.59 -32.39
CA SER A 932 24.30 -6.31 -32.30
C SER A 932 24.89 -6.45 -33.70
N GLN A 933 26.09 -7.01 -33.76
CA GLN A 933 26.72 -7.34 -35.03
C GLN A 933 27.41 -8.70 -34.99
N GLU A 934 27.27 -9.47 -33.92
CA GLU A 934 28.00 -10.71 -33.77
C GLU A 934 27.20 -11.88 -34.37
N SER A 935 27.80 -13.06 -34.35
CA SER A 935 27.25 -14.20 -35.08
C SER A 935 26.35 -15.09 -34.21
N TRP A 936 26.87 -15.62 -33.11
CA TRP A 936 26.16 -16.66 -32.38
C TRP A 936 24.85 -16.13 -31.78
N ILE A 937 24.79 -14.85 -31.44
CA ILE A 937 23.57 -14.29 -30.88
C ILE A 937 22.45 -14.34 -31.91
N HIS A 938 22.79 -14.15 -33.18
CA HIS A 938 21.79 -14.28 -34.23
C HIS A 938 21.22 -15.68 -34.25
N ALA A 939 22.08 -16.69 -34.11
CA ALA A 939 21.61 -18.07 -34.09
C ALA A 939 20.70 -18.30 -32.90
N LEU A 940 21.05 -17.75 -31.75
CA LEU A 940 20.22 -17.92 -30.57
C LEU A 940 18.85 -17.30 -30.78
N CYS A 941 18.81 -16.12 -31.40
CA CYS A 941 17.54 -15.47 -31.64
C CYS A 941 16.69 -16.26 -32.63
N GLN A 942 17.31 -16.75 -33.71
CA GLN A 942 16.56 -17.56 -34.67
C GLN A 942 16.01 -18.80 -34.00
N GLU A 943 16.79 -19.41 -33.11
CA GLU A 943 16.28 -20.54 -32.34
C GLU A 943 15.05 -20.13 -31.54
N ALA A 944 15.13 -18.97 -30.88
CA ALA A 944 13.99 -18.51 -30.10
C ALA A 944 12.78 -18.19 -30.98
N GLY A 945 12.99 -17.95 -32.27
CA GLY A 945 11.90 -17.64 -33.16
C GLY A 945 11.07 -18.84 -33.56
N ASN A 946 11.73 -19.89 -34.03
CA ASN A 946 11.09 -21.14 -34.40
C ASN A 946 11.52 -22.21 -33.40
N PRO A 947 10.83 -22.36 -32.27
CA PRO A 947 11.27 -23.26 -31.21
C PRO A 947 10.88 -24.73 -31.42
N ASP A 948 11.14 -25.23 -32.62
CA ASP A 948 11.09 -26.66 -32.92
C ASP A 948 9.77 -27.30 -32.47
N LEU A 949 8.68 -26.79 -33.05
CA LEU A 949 7.36 -27.33 -32.73
C LEU A 949 7.30 -28.82 -33.06
N GLY A 950 6.29 -29.46 -32.49
CA GLY A 950 6.14 -30.90 -32.60
C GLY A 950 4.77 -31.28 -33.12
N GLU A 951 4.23 -32.35 -32.53
CA GLU A 951 2.95 -32.88 -32.97
C GLU A 951 1.82 -31.91 -32.65
N ARG A 952 0.65 -32.23 -33.16
CA ARG A 952 -0.55 -31.42 -33.04
C ARG A 952 -1.73 -32.31 -32.68
N THR A 953 -1.51 -33.23 -31.76
CA THR A 953 -2.49 -34.25 -31.40
C THR A 953 -2.90 -34.09 -29.94
N LEU A 954 -3.87 -34.91 -29.54
CA LEU A 954 -4.24 -35.01 -28.15
C LEU A 954 -3.05 -35.49 -27.33
N GLU A 955 -3.16 -35.34 -26.01
CA GLU A 955 -2.12 -35.52 -24.99
C GLU A 955 -1.18 -34.30 -24.96
N SER A 956 -1.39 -33.31 -25.83
CA SER A 956 -0.71 -32.04 -25.76
C SER A 956 -1.66 -30.87 -25.57
N PHE A 957 -2.87 -30.94 -26.13
CA PHE A 957 -3.86 -29.91 -25.91
C PHE A 957 -4.16 -29.72 -24.42
N THR A 958 -3.97 -30.77 -23.62
CA THR A 958 -4.20 -30.66 -22.19
C THR A 958 -3.29 -29.62 -21.56
N ARG A 959 -2.10 -29.40 -22.13
CA ARG A 959 -1.20 -28.37 -21.62
C ARG A 959 -1.88 -27.01 -21.55
N LEU A 960 -2.68 -26.68 -22.58
CA LEU A 960 -3.37 -25.40 -22.59
C LEU A 960 -4.29 -25.22 -21.40
N LEU A 961 -4.70 -26.32 -20.76
CA LEU A 961 -5.59 -26.24 -19.61
C LEU A 961 -4.84 -25.99 -18.32
N GLU A 962 -3.62 -26.53 -18.20
CA GLU A 962 -2.83 -26.35 -16.98
C GLU A 962 -2.00 -25.08 -17.01
N ASP A 963 -1.55 -24.63 -18.18
CA ASP A 963 -0.77 -23.41 -18.28
C ASP A 963 -0.88 -22.79 -19.66
N PRO A 964 -1.94 -22.00 -19.92
CA PRO A 964 -2.04 -21.36 -21.23
C PRO A 964 -0.98 -20.29 -21.42
N THR A 965 -0.98 -19.64 -22.58
CA THR A 965 0.12 -18.75 -22.97
C THR A 965 1.40 -19.53 -23.16
N THR A 966 1.28 -20.74 -23.70
CA THR A 966 2.40 -21.63 -23.93
C THR A 966 2.32 -22.19 -25.34
N LEU A 967 3.23 -23.09 -25.65
CA LEU A 967 3.40 -23.65 -26.98
C LEU A 967 3.47 -25.17 -26.92
N ASN A 968 2.78 -25.84 -27.84
CA ASN A 968 2.96 -27.27 -28.01
C ASN A 968 4.34 -27.51 -28.59
N ILE A 969 5.22 -28.13 -27.80
CA ILE A 969 6.65 -28.18 -28.09
C ILE A 969 7.09 -29.63 -28.21
N ARG A 970 7.98 -29.89 -29.16
CA ARG A 970 8.66 -31.17 -29.29
C ARG A 970 9.72 -31.26 -28.20
N GLY A 971 9.41 -31.95 -27.11
CA GLY A 971 10.31 -32.04 -25.98
C GLY A 971 9.66 -31.87 -24.63
N GLY A 972 8.34 -31.71 -24.61
CA GLY A 972 7.60 -31.73 -23.37
C GLY A 972 7.65 -30.42 -22.62
N ALA A 973 6.64 -30.24 -21.77
CA ALA A 973 6.47 -29.06 -20.95
C ALA A 973 6.94 -29.36 -19.53
N SER A 974 6.73 -28.40 -18.62
CA SER A 974 7.17 -28.49 -17.24
C SER A 974 6.76 -29.82 -16.62
N PRO A 975 7.54 -30.39 -15.69
CA PRO A 975 7.21 -31.73 -15.18
C PRO A 975 5.93 -31.78 -14.36
N THR A 976 5.27 -30.65 -14.09
CA THR A 976 4.00 -30.69 -13.38
C THR A 976 2.96 -31.48 -14.17
N ILE A 977 2.91 -31.26 -15.48
CA ILE A 977 1.96 -31.98 -16.32
C ILE A 977 2.28 -33.46 -16.28
N LEU A 978 3.57 -33.80 -16.28
CA LEU A 978 3.97 -35.19 -16.26
C LEU A 978 3.56 -35.87 -14.97
N LEU A 979 3.75 -35.18 -13.83
CA LEU A 979 3.29 -35.74 -12.56
C LEU A 979 1.79 -35.92 -12.54
N LYS A 980 1.06 -34.91 -13.01
CA LYS A 980 -0.40 -35.02 -13.04
C LYS A 980 -0.84 -36.23 -13.84
N ASP A 981 -0.23 -36.45 -15.01
CA ASP A 981 -0.68 -37.53 -15.88
C ASP A 981 -0.26 -38.89 -15.32
N ALA A 982 0.94 -38.99 -14.74
CA ALA A 982 1.37 -40.25 -14.16
C ALA A 982 0.50 -40.63 -12.97
N ILE A 983 0.22 -39.67 -12.10
CA ILE A 983 -0.63 -39.95 -10.96
C ILE A 983 -2.05 -40.24 -11.43
N ARG A 984 -2.49 -39.60 -12.50
CA ARG A 984 -3.78 -39.95 -13.10
C ARG A 984 -3.80 -41.41 -13.52
N LYS A 985 -2.72 -41.87 -14.16
CA LYS A 985 -2.66 -43.27 -14.58
C LYS A 985 -2.74 -44.20 -13.37
N ALA A 986 -1.92 -43.92 -12.35
CA ALA A 986 -1.92 -44.77 -11.17
C ALA A 986 -3.27 -44.77 -10.47
N LEU A 987 -3.96 -43.64 -10.51
CA LEU A 987 -5.22 -43.53 -9.79
C LEU A 987 -6.34 -44.17 -10.59
N TYR A 988 -6.24 -44.13 -11.92
CA TYR A 988 -7.24 -44.77 -12.74
C TYR A 988 -7.13 -46.28 -12.65
N ASP A 989 -5.91 -46.82 -12.78
CA ASP A 989 -5.77 -48.27 -12.66
C ASP A 989 -5.81 -48.77 -11.22
N GLU A 990 -5.90 -47.89 -10.22
CA GLU A 990 -6.07 -48.32 -8.83
C GLU A 990 -7.18 -47.52 -8.16
N VAL A 991 -8.25 -47.21 -8.89
CA VAL A 991 -9.38 -46.53 -8.30
C VAL A 991 -10.07 -47.40 -7.25
N ASP A 992 -10.04 -48.72 -7.43
CA ASP A 992 -10.77 -49.60 -6.54
C ASP A 992 -10.18 -49.64 -5.14
N LYS A 993 -8.89 -49.31 -4.99
CA LYS A 993 -8.22 -49.39 -3.70
C LYS A 993 -8.22 -48.06 -2.95
N VAL A 994 -9.21 -47.22 -3.21
CA VAL A 994 -9.54 -46.08 -2.37
C VAL A 994 -10.89 -46.37 -1.75
N GLU A 995 -10.94 -46.35 -0.42
CA GLU A 995 -12.12 -46.87 0.27
C GLU A 995 -13.35 -46.03 -0.01
N ASN A 996 -13.21 -44.71 -0.11
CA ASN A 996 -14.38 -43.85 -0.14
C ASN A 996 -15.14 -43.98 -1.45
N SER A 997 -16.46 -43.93 -1.33
CA SER A 997 -17.33 -44.21 -2.46
C SER A 997 -17.48 -42.97 -3.32
N GLU A 998 -17.54 -41.81 -2.69
CA GLU A 998 -17.66 -40.56 -3.44
C GLU A 998 -16.42 -40.33 -4.28
N PHE A 999 -15.24 -40.34 -3.66
CA PHE A 999 -14.02 -40.17 -4.44
C PHE A 999 -13.87 -41.24 -5.51
N ARG A 1000 -14.30 -42.47 -5.21
CA ARG A 1000 -14.20 -43.52 -6.22
C ARG A 1000 -15.07 -43.18 -7.43
N GLU A 1001 -16.33 -42.83 -7.18
CA GLU A 1001 -17.23 -42.52 -8.29
C GLU A 1001 -16.77 -41.29 -9.04
N ALA A 1002 -16.24 -40.30 -8.33
CA ALA A 1002 -15.73 -39.11 -9.01
C ALA A 1002 -14.61 -39.46 -9.97
N ILE A 1003 -13.76 -40.42 -9.60
CA ILE A 1003 -12.67 -40.77 -10.50
C ILE A 1003 -13.21 -41.60 -11.66
N LEU A 1004 -14.21 -42.43 -11.39
CA LEU A 1004 -14.87 -43.19 -12.44
C LEU A 1004 -15.46 -42.25 -13.49
N LEU A 1005 -16.27 -41.30 -13.05
CA LEU A 1005 -16.78 -40.25 -13.93
C LEU A 1005 -15.64 -39.57 -14.67
N SER A 1006 -14.54 -39.32 -13.98
CA SER A 1006 -13.40 -38.65 -14.59
C SER A 1006 -12.94 -39.35 -15.85
N LYS A 1007 -12.58 -40.63 -15.73
CA LYS A 1007 -11.84 -41.33 -16.80
C LYS A 1007 -12.45 -41.12 -18.19
N THR A 1008 -13.71 -41.52 -18.37
CA THR A 1008 -14.39 -41.40 -19.66
C THR A 1008 -14.59 -39.95 -20.07
N HIS A 1009 -15.28 -39.20 -19.22
CA HIS A 1009 -15.74 -37.89 -19.61
C HIS A 1009 -14.60 -36.90 -19.73
N ARG A 1010 -13.40 -37.23 -19.25
CA ARG A 1010 -12.28 -36.32 -19.45
C ARG A 1010 -11.85 -36.30 -20.90
N ASP A 1011 -11.65 -37.49 -21.50
CA ASP A 1011 -11.36 -37.56 -22.92
C ASP A 1011 -12.49 -36.93 -23.72
N ASN A 1012 -13.74 -37.28 -23.40
CA ASN A 1012 -14.84 -36.77 -24.22
C ASN A 1012 -14.97 -35.25 -24.12
N PHE A 1013 -14.78 -34.70 -22.92
CA PHE A 1013 -14.92 -33.26 -22.74
C PHE A 1013 -13.75 -32.51 -23.37
N ILE A 1014 -12.56 -33.10 -23.37
CA ILE A 1014 -11.46 -32.49 -24.09
C ILE A 1014 -11.75 -32.47 -25.58
N LEU A 1015 -12.36 -33.55 -26.10
CA LEU A 1015 -12.76 -33.55 -27.50
C LEU A 1015 -13.72 -32.41 -27.79
N PHE A 1016 -14.70 -32.19 -26.92
CA PHE A 1016 -15.63 -31.08 -27.13
C PHE A 1016 -14.91 -29.74 -27.11
N LEU A 1017 -13.95 -29.59 -26.19
CA LEU A 1017 -13.25 -28.31 -26.07
C LEU A 1017 -12.42 -28.02 -27.31
N ILE A 1018 -11.79 -29.05 -27.87
CA ILE A 1018 -11.13 -28.87 -29.15
C ILE A 1018 -12.16 -28.62 -30.25
N SER A 1019 -13.38 -29.14 -30.07
CA SER A 1019 -14.43 -28.87 -31.04
C SER A 1019 -14.90 -27.43 -31.01
N VAL A 1020 -14.49 -26.65 -30.02
CA VAL A 1020 -14.75 -25.21 -30.08
C VAL A 1020 -13.77 -24.56 -31.05
N GLU A 1021 -14.30 -23.79 -32.01
CA GLU A 1021 -13.47 -23.31 -33.12
C GLU A 1021 -12.50 -22.21 -32.73
N PRO A 1022 -12.93 -21.07 -32.19
CA PRO A 1022 -12.00 -19.94 -32.03
C PRO A 1022 -10.88 -20.20 -31.05
N LEU A 1023 -11.02 -21.17 -30.16
CA LEU A 1023 -9.94 -21.55 -29.24
C LEU A 1023 -9.48 -20.36 -28.39
N PHE A 1024 -10.41 -19.85 -27.60
CA PHE A 1024 -10.06 -18.94 -26.53
C PHE A 1024 -9.68 -19.81 -25.34
N PRO A 1025 -8.39 -19.98 -25.04
CA PRO A 1025 -7.98 -21.09 -24.16
C PRO A 1025 -8.29 -20.86 -22.70
N ARG A 1026 -8.25 -19.60 -22.24
CA ARG A 1026 -8.53 -19.33 -20.84
C ARG A 1026 -9.93 -19.78 -20.46
N PHE A 1027 -10.89 -19.56 -21.36
CA PHE A 1027 -12.25 -20.03 -21.12
C PHE A 1027 -12.28 -21.55 -20.98
N LEU A 1028 -11.52 -22.25 -21.83
CA LEU A 1028 -11.52 -23.70 -21.78
C LEU A 1028 -10.87 -24.21 -20.50
N SER A 1029 -9.78 -23.58 -20.08
CA SER A 1029 -9.14 -23.95 -18.82
C SER A 1029 -10.10 -23.78 -17.66
N GLU A 1030 -10.76 -22.62 -17.59
CA GLU A 1030 -11.66 -22.38 -16.48
C GLU A 1030 -12.87 -23.30 -16.53
N LEU A 1031 -13.28 -23.71 -17.74
CA LEU A 1031 -14.41 -24.63 -17.84
C LEU A 1031 -14.01 -26.05 -17.45
N PHE A 1032 -12.80 -26.46 -17.83
CA PHE A 1032 -12.30 -27.77 -17.44
C PHE A 1032 -12.17 -27.87 -15.93
N SER A 1033 -11.61 -26.83 -15.31
CA SER A 1033 -11.44 -26.84 -13.86
C SER A 1033 -12.73 -26.51 -13.11
N SER A 1034 -13.73 -25.96 -13.79
CA SER A 1034 -14.98 -25.59 -13.15
C SER A 1034 -16.02 -26.69 -13.15
N SER A 1035 -15.84 -27.72 -13.97
CA SER A 1035 -16.75 -28.86 -13.94
C SER A 1035 -16.27 -29.86 -12.90
N PHE A 1036 -16.94 -31.01 -12.83
CA PHE A 1036 -16.62 -31.99 -11.79
C PHE A 1036 -15.17 -32.47 -11.91
N LEU A 1037 -14.60 -32.40 -13.09
CA LEU A 1037 -13.25 -32.91 -13.30
C LEU A 1037 -12.20 -32.11 -12.55
N GLY A 1038 -12.55 -30.92 -12.04
CA GLY A 1038 -11.60 -30.20 -11.23
C GLY A 1038 -11.33 -30.85 -9.89
N ILE A 1039 -12.20 -31.75 -9.45
CA ILE A 1039 -12.01 -32.44 -8.17
C ILE A 1039 -10.78 -33.36 -8.26
N PRO A 1040 -10.78 -34.35 -9.15
CA PRO A 1040 -9.63 -35.25 -9.20
C PRO A 1040 -8.35 -34.56 -9.60
N GLU A 1041 -8.36 -33.78 -10.69
CA GLU A 1041 -7.20 -32.97 -11.03
C GLU A 1041 -6.72 -32.12 -9.87
N SER A 1042 -7.64 -31.54 -9.08
CA SER A 1042 -7.21 -30.77 -7.92
C SER A 1042 -6.35 -31.62 -6.99
N ILE A 1043 -6.90 -32.74 -6.51
CA ILE A 1043 -6.10 -33.53 -5.57
C ILE A 1043 -4.83 -34.06 -6.24
N ILE A 1044 -4.91 -34.37 -7.53
CA ILE A 1044 -3.78 -34.97 -8.23
C ILE A 1044 -2.64 -33.97 -8.35
N GLY A 1045 -2.96 -32.68 -8.48
CA GLY A 1045 -1.95 -31.66 -8.38
C GLY A 1045 -1.54 -31.37 -6.97
N LEU A 1046 -2.39 -31.71 -6.01
CA LEU A 1046 -2.02 -31.58 -4.62
C LEU A 1046 -1.07 -32.67 -4.16
N ILE A 1047 -0.88 -33.73 -4.94
CA ILE A 1047 0.15 -34.72 -4.64
C ILE A 1047 1.49 -34.17 -5.14
N GLN A 1048 2.39 -33.85 -4.22
CA GLN A 1048 3.74 -33.47 -4.58
C GLN A 1048 4.83 -34.09 -3.71
N ASN A 1049 4.49 -34.97 -2.76
CA ASN A 1049 5.45 -35.51 -1.81
C ASN A 1049 5.82 -36.95 -2.18
N SER A 1050 7.12 -37.22 -2.17
CA SER A 1050 7.60 -38.54 -2.55
C SER A 1050 7.13 -39.60 -1.57
N ARG A 1051 7.28 -39.34 -0.27
CA ARG A 1051 6.83 -40.31 0.72
C ARG A 1051 5.32 -40.49 0.69
N THR A 1052 4.58 -39.42 0.40
CA THR A 1052 3.13 -39.55 0.19
C THR A 1052 2.85 -40.54 -0.93
N ILE A 1053 3.58 -40.42 -2.03
CA ILE A 1053 3.36 -41.32 -3.15
C ILE A 1053 3.73 -42.75 -2.75
N ARG A 1054 4.85 -42.90 -2.05
CA ARG A 1054 5.30 -44.23 -1.66
C ARG A 1054 4.30 -44.90 -0.73
N ARG A 1055 3.66 -44.13 0.13
CA ARG A 1055 2.66 -44.70 1.03
C ARG A 1055 1.40 -45.08 0.28
N GLN A 1056 0.85 -44.13 -0.50
CA GLN A 1056 -0.44 -44.38 -1.14
C GLN A 1056 -0.31 -45.45 -2.23
N PHE A 1057 0.53 -45.20 -3.23
CA PHE A 1057 0.74 -46.09 -4.35
C PHE A 1057 1.95 -46.98 -4.10
N ARG A 1058 2.34 -47.74 -5.10
CA ARG A 1058 3.42 -48.70 -5.05
C ARG A 1058 4.62 -48.20 -5.85
N LYS A 1059 5.65 -49.05 -5.93
CA LYS A 1059 6.91 -48.67 -6.55
C LYS A 1059 6.75 -48.31 -8.02
N SER A 1060 5.64 -48.68 -8.64
CA SER A 1060 5.43 -48.41 -10.07
C SER A 1060 5.51 -46.92 -10.34
N LEU A 1061 4.74 -46.13 -9.57
CA LEU A 1061 4.68 -44.70 -9.82
C LEU A 1061 6.03 -44.04 -9.57
N SER A 1062 6.68 -44.39 -8.47
CA SER A 1062 7.97 -43.78 -8.14
C SER A 1062 9.01 -44.10 -9.20
N LYS A 1063 9.08 -45.36 -9.63
CA LYS A 1063 10.06 -45.75 -10.63
C LYS A 1063 9.79 -45.06 -11.96
N THR A 1064 8.52 -45.01 -12.36
CA THR A 1064 8.17 -44.32 -13.60
C THR A 1064 8.56 -42.86 -13.53
N LEU A 1065 8.32 -42.22 -12.38
CA LEU A 1065 8.65 -40.80 -12.25
C LEU A 1065 10.15 -40.58 -12.30
N GLU A 1066 10.93 -41.44 -11.65
CA GLU A 1066 12.37 -41.30 -11.70
C GLU A 1066 12.89 -41.46 -13.12
N GLU A 1067 12.37 -42.45 -13.85
CA GLU A 1067 12.82 -42.64 -15.23
C GLU A 1067 12.40 -41.47 -16.10
N SER A 1068 11.22 -40.91 -15.84
CA SER A 1068 10.76 -39.77 -16.60
C SER A 1068 11.66 -38.56 -16.37
N PHE A 1069 12.04 -38.31 -15.12
CA PHE A 1069 12.95 -37.21 -14.85
C PHE A 1069 14.31 -37.43 -15.50
N TYR A 1070 14.78 -38.68 -15.50
CA TYR A 1070 16.03 -38.99 -16.19
C TYR A 1070 15.94 -38.62 -17.67
N ASN A 1071 14.91 -39.12 -18.35
CA ASN A 1071 14.74 -38.82 -19.76
C ASN A 1071 14.56 -37.32 -19.99
N SER A 1072 13.89 -36.63 -19.06
CA SER A 1072 13.62 -35.22 -19.23
C SER A 1072 14.91 -34.41 -19.15
N GLU A 1073 15.76 -34.71 -18.17
CA GLU A 1073 17.04 -34.01 -18.08
C GLU A 1073 17.94 -34.34 -19.26
N ILE A 1074 17.88 -35.57 -19.75
CA ILE A 1074 18.67 -35.92 -20.94
C ILE A 1074 18.23 -35.06 -22.12
N HIS A 1075 16.92 -35.01 -22.37
CA HIS A 1075 16.41 -34.19 -23.46
C HIS A 1075 16.71 -32.71 -23.21
N GLY A 1076 16.73 -32.29 -21.96
CA GLY A 1076 17.05 -30.90 -21.65
C GLY A 1076 18.46 -30.55 -22.07
N ILE A 1077 19.44 -31.34 -21.63
CA ILE A 1077 20.81 -31.05 -22.03
C ILE A 1077 20.98 -31.19 -23.53
N SER A 1078 20.19 -32.04 -24.17
CA SER A 1078 20.28 -32.15 -25.62
C SER A 1078 19.75 -30.88 -26.28
N ARG A 1079 18.71 -30.30 -25.70
CA ARG A 1079 18.18 -29.04 -26.21
C ARG A 1079 19.18 -27.91 -26.00
N MET A 1080 19.83 -27.89 -24.84
CA MET A 1080 20.83 -26.85 -24.58
C MET A 1080 22.08 -27.04 -25.44
N THR A 1081 22.27 -28.21 -26.05
CA THR A 1081 23.40 -28.44 -26.94
C THR A 1081 22.96 -28.77 -28.36
N GLN A 1082 21.76 -28.33 -28.74
CA GLN A 1082 21.27 -28.54 -30.10
C GLN A 1082 22.15 -27.84 -31.13
N THR A 1083 21.90 -28.19 -32.38
CA THR A 1083 22.53 -27.56 -33.52
C THR A 1083 22.11 -26.08 -33.62
N PRO A 1084 23.01 -25.19 -34.08
CA PRO A 1084 22.73 -23.74 -34.03
C PRO A 1084 21.50 -23.22 -34.78
N GLN A 1085 20.76 -24.02 -35.55
CA GLN A 1085 19.50 -23.56 -36.13
C GLN A 1085 19.69 -22.33 -37.02
N ARG A 1086 20.45 -22.53 -38.10
CA ARG A 1086 21.01 -21.47 -38.94
C ARG A 1086 20.02 -20.35 -39.23
N VAL A 1087 20.54 -19.12 -39.21
CA VAL A 1087 19.71 -17.92 -39.20
C VAL A 1087 18.90 -17.82 -40.49
N GLY A 1088 17.84 -17.03 -40.42
CA GLY A 1088 16.92 -16.83 -41.52
C GLY A 1088 16.44 -15.39 -41.63
N GLY A 1089 17.17 -14.47 -41.02
CA GLY A 1089 16.80 -13.06 -41.06
C GLY A 1089 15.93 -12.66 -39.90
N VAL A 1090 16.04 -11.38 -39.52
CA VAL A 1090 15.29 -10.86 -38.39
C VAL A 1090 13.79 -10.86 -38.72
N TRP A 1091 12.98 -10.75 -37.66
CA TRP A 1091 11.54 -10.74 -37.80
C TRP A 1091 10.95 -9.41 -37.32
N PRO A 1092 9.87 -8.94 -37.93
CA PRO A 1092 9.18 -7.75 -37.43
C PRO A 1092 8.08 -8.03 -36.43
N CYS A 1093 7.94 -7.12 -35.48
CA CYS A 1093 6.72 -6.99 -34.68
C CYS A 1093 6.37 -8.28 -33.93
N SER A 1094 7.28 -8.65 -33.03
CA SER A 1094 7.31 -9.95 -32.37
C SER A 1094 5.95 -10.52 -31.98
N SER A 1095 5.07 -9.69 -31.38
CA SER A 1095 3.78 -10.20 -30.93
C SER A 1095 3.01 -10.88 -32.05
N GLU A 1096 3.09 -10.33 -33.26
CA GLU A 1096 2.51 -10.99 -34.42
C GLU A 1096 3.12 -12.38 -34.61
N ARG A 1097 4.44 -12.49 -34.42
CA ARG A 1097 5.10 -13.78 -34.51
C ARG A 1097 4.53 -14.74 -33.48
N ALA A 1098 4.35 -14.27 -32.25
CA ALA A 1098 3.81 -15.13 -31.19
C ALA A 1098 2.44 -15.64 -31.58
N ASP A 1099 1.59 -14.75 -32.08
CA ASP A 1099 0.24 -15.16 -32.46
C ASP A 1099 0.29 -16.23 -33.54
N LEU A 1100 1.06 -16.01 -34.60
CA LEU A 1100 1.11 -17.00 -35.66
C LEU A 1100 1.83 -18.27 -35.23
N LEU A 1101 2.70 -18.18 -34.23
CA LEU A 1101 3.37 -19.38 -33.71
C LEU A 1101 2.37 -20.25 -32.97
N ARG A 1102 1.57 -19.64 -32.09
CA ARG A 1102 0.45 -20.35 -31.51
C ARG A 1102 -0.45 -20.93 -32.59
N GLU A 1103 -0.65 -20.18 -33.68
CA GLU A 1103 -1.52 -20.62 -34.75
C GLU A 1103 -1.02 -21.92 -35.36
N ILE A 1104 0.22 -21.91 -35.85
CA ILE A 1104 0.76 -23.12 -36.46
C ILE A 1104 1.00 -24.22 -35.45
N SER A 1105 0.98 -23.91 -34.15
CA SER A 1105 1.08 -24.96 -33.15
C SER A 1105 -0.24 -25.70 -32.99
N TRP A 1106 -1.29 -24.97 -32.62
CA TRP A 1106 -2.61 -25.56 -32.42
C TRP A 1106 -3.57 -25.27 -33.57
N GLY A 1107 -3.04 -25.13 -34.79
CA GLY A 1107 -3.87 -25.11 -35.97
C GLY A 1107 -4.61 -23.82 -36.21
N ARG A 1108 -5.55 -23.50 -35.34
CA ARG A 1108 -6.50 -22.41 -35.57
C ARG A 1108 -5.99 -21.10 -35.01
N LYS A 1109 -6.65 -20.02 -35.42
CA LYS A 1109 -6.36 -18.71 -34.85
C LYS A 1109 -6.61 -18.74 -33.35
N VAL A 1110 -5.76 -18.04 -32.62
CA VAL A 1110 -5.86 -17.93 -31.17
C VAL A 1110 -6.02 -16.46 -30.80
N VAL A 1111 -6.72 -16.23 -29.70
CA VAL A 1111 -7.00 -14.90 -29.20
C VAL A 1111 -6.67 -14.87 -27.72
N GLY A 1112 -6.82 -13.68 -27.12
CA GLY A 1112 -6.64 -13.54 -25.69
C GLY A 1112 -5.18 -13.51 -25.25
N THR A 1113 -4.47 -14.62 -25.49
CA THR A 1113 -3.12 -14.76 -24.94
C THR A 1113 -2.16 -13.75 -25.52
N THR A 1114 -2.32 -13.40 -26.79
CA THR A 1114 -1.38 -12.53 -27.46
C THR A 1114 -1.57 -11.10 -26.94
N VAL A 1115 -0.69 -10.70 -26.05
CA VAL A 1115 -0.71 -9.37 -25.44
C VAL A 1115 0.65 -8.74 -25.68
N PRO A 1116 0.74 -7.51 -26.17
CA PRO A 1116 2.05 -6.93 -26.43
C PRO A 1116 2.78 -6.55 -25.15
N HIS A 1117 4.09 -6.39 -25.29
CA HIS A 1117 4.95 -5.99 -24.18
C HIS A 1117 5.40 -4.56 -24.38
N PRO A 1118 5.36 -3.70 -23.35
CA PRO A 1118 5.76 -2.30 -23.53
C PRO A 1118 7.17 -2.11 -24.04
N SER A 1119 8.05 -3.10 -23.90
CA SER A 1119 9.39 -2.96 -24.43
C SER A 1119 9.39 -2.80 -25.94
N GLU A 1120 8.30 -3.15 -26.60
CA GLU A 1120 8.16 -3.05 -28.05
C GLU A 1120 7.36 -1.83 -28.48
N MET A 1121 6.27 -1.53 -27.77
CA MET A 1121 5.36 -0.46 -28.16
C MET A 1121 5.53 0.80 -27.31
N LEU A 1122 6.74 1.07 -26.83
CA LEU A 1122 7.06 2.36 -26.26
C LEU A 1122 8.41 2.90 -26.67
N GLY A 1123 9.13 2.21 -27.56
CA GLY A 1123 10.44 2.69 -27.96
C GLY A 1123 11.48 2.43 -26.88
N LEU A 1124 12.74 2.62 -27.23
CA LEU A 1124 13.85 2.38 -26.30
C LEU A 1124 14.27 3.68 -25.62
N LEU A 1125 14.61 4.70 -26.40
CA LEU A 1125 15.18 5.91 -25.87
C LEU A 1125 14.08 6.93 -25.59
N PRO A 1126 13.85 7.31 -24.33
CA PRO A 1126 12.99 8.47 -24.08
C PRO A 1126 13.75 9.76 -24.30
N LYS A 1127 12.98 10.83 -24.44
CA LYS A 1127 13.55 12.15 -24.66
C LYS A 1127 12.79 13.17 -23.81
N SER A 1128 13.53 14.16 -23.32
CA SER A 1128 12.93 15.21 -22.52
C SER A 1128 11.95 16.03 -23.36
N SER A 1129 11.04 16.71 -22.67
CA SER A 1129 10.11 17.58 -23.37
C SER A 1129 10.83 18.65 -24.15
N ILE A 1130 11.94 19.12 -23.63
CA ILE A 1130 12.81 20.05 -24.34
C ILE A 1130 13.72 19.25 -25.27
N SER A 1131 13.93 19.78 -26.48
CA SER A 1131 14.77 19.12 -27.49
C SER A 1131 14.23 17.73 -27.83
N CYS A 1132 13.00 17.70 -28.32
CA CYS A 1132 12.41 16.50 -28.91
C CYS A 1132 11.94 16.70 -30.34
N THR A 1133 11.55 17.92 -30.70
CA THR A 1133 11.25 18.36 -32.06
C THR A 1133 9.88 17.88 -32.51
N CYS A 1134 9.15 17.12 -31.69
CA CYS A 1134 7.79 16.71 -32.07
C CYS A 1134 6.82 17.89 -31.94
N GLY A 1135 6.70 18.44 -30.74
CA GLY A 1135 5.80 19.55 -30.50
C GLY A 1135 4.36 19.21 -30.82
N ALA A 1136 3.82 19.83 -31.88
CA ALA A 1136 2.47 19.58 -32.34
C ALA A 1136 2.40 19.40 -33.85
N THR A 1137 3.53 19.11 -34.48
CA THR A 1137 3.61 18.94 -35.92
C THR A 1137 3.74 17.45 -36.28
N GLY A 1138 3.34 17.13 -37.50
CA GLY A 1138 3.26 15.76 -37.97
C GLY A 1138 1.91 15.12 -37.68
N GLY A 1139 1.32 15.47 -36.56
CA GLY A 1139 0.01 14.97 -36.19
C GLY A 1139 -0.12 14.92 -34.68
N GLY A 1140 -1.23 14.33 -34.24
CA GLY A 1140 -1.46 14.11 -32.82
C GLY A 1140 -0.65 12.92 -32.31
N ASN A 1141 0.67 13.07 -32.29
CA ASN A 1141 1.53 11.97 -31.89
C ASN A 1141 1.22 11.55 -30.45
N PRO A 1142 0.99 10.26 -30.20
CA PRO A 1142 0.71 9.84 -28.83
C PRO A 1142 2.00 9.64 -28.04
N ARG A 1143 1.86 9.56 -26.73
CA ARG A 1143 3.03 9.46 -25.89
C ARG A 1143 2.61 9.07 -24.47
N VAL A 1144 3.60 8.62 -23.71
CA VAL A 1144 3.44 8.30 -22.30
C VAL A 1144 4.31 9.28 -21.53
N SER A 1145 3.68 10.18 -20.76
CA SER A 1145 4.40 11.28 -20.14
C SER A 1145 4.80 10.92 -18.72
N VAL A 1146 5.97 11.42 -18.33
CA VAL A 1146 6.59 11.09 -17.04
C VAL A 1146 7.04 12.38 -16.40
N SER A 1147 6.26 12.87 -15.44
CA SER A 1147 6.59 14.09 -14.70
C SER A 1147 7.39 13.70 -13.46
N VAL A 1148 8.67 14.01 -13.47
CA VAL A 1148 9.54 13.81 -12.32
C VAL A 1148 9.57 15.11 -11.50
N LEU A 1149 9.71 14.95 -10.20
CA LEU A 1149 9.70 16.08 -9.28
C LEU A 1149 11.12 16.48 -8.89
N PRO A 1150 11.33 17.73 -8.50
CA PRO A 1150 12.68 18.18 -8.13
C PRO A 1150 13.16 17.64 -6.81
N SER A 1151 12.29 17.03 -6.01
CA SER A 1151 12.67 16.47 -4.73
C SER A 1151 13.39 15.14 -4.85
N PHE A 1152 13.76 14.73 -6.07
CA PHE A 1152 14.43 13.46 -6.28
C PHE A 1152 15.76 13.42 -5.53
N ASP A 1153 15.89 12.45 -4.64
CA ASP A 1153 17.15 12.20 -3.94
C ASP A 1153 17.52 10.74 -4.13
N GLN A 1154 18.64 10.49 -4.78
CA GLN A 1154 19.14 9.13 -4.93
C GLN A 1154 19.49 8.50 -3.59
N SER A 1155 19.71 9.32 -2.56
CA SER A 1155 20.04 8.82 -1.25
C SER A 1155 18.77 8.30 -0.58
N PHE A 1156 18.86 7.92 0.68
CA PHE A 1156 17.83 7.15 1.36
C PHE A 1156 17.30 7.90 2.57
N PHE A 1157 17.08 9.21 2.43
CA PHE A 1157 16.73 10.06 3.56
C PHE A 1157 15.44 10.86 3.39
N SER A 1158 14.78 10.79 2.23
CA SER A 1158 13.71 11.75 1.93
C SER A 1158 12.34 11.13 1.70
N ARG A 1159 12.25 10.01 0.99
CA ARG A 1159 11.02 9.26 0.74
C ARG A 1159 10.06 9.98 -0.19
N GLY A 1160 10.38 11.19 -0.64
CA GLY A 1160 9.51 11.92 -1.53
C GLY A 1160 8.19 12.27 -0.87
N PRO A 1161 7.38 13.08 -1.54
CA PRO A 1161 6.04 13.37 -1.03
C PRO A 1161 5.01 12.32 -1.40
N LEU A 1162 5.25 11.61 -2.49
CA LEU A 1162 4.21 10.83 -3.13
C LEU A 1162 4.15 9.41 -2.56
N LYS A 1163 3.13 8.68 -2.99
CA LYS A 1163 2.88 7.31 -2.57
C LYS A 1163 3.51 6.31 -3.54
N GLY A 1164 3.14 6.39 -4.80
CA GLY A 1164 3.58 5.47 -5.83
C GLY A 1164 2.41 4.87 -6.57
N TYR A 1165 2.74 4.00 -7.53
CA TYR A 1165 1.72 3.27 -8.29
C TYR A 1165 2.31 1.93 -8.66
N LEU A 1166 1.85 0.86 -8.01
CA LEU A 1166 2.34 -0.48 -8.26
C LEU A 1166 1.33 -1.37 -8.96
N GLY A 1167 0.05 -1.15 -8.72
CA GLY A 1167 -1.01 -1.97 -9.28
C GLY A 1167 -1.49 -3.00 -8.28
N SER A 1168 -2.34 -3.91 -8.77
CA SER A 1168 -2.81 -5.00 -7.97
C SER A 1168 -1.93 -6.23 -8.17
N SER A 1169 -2.19 -7.26 -7.37
CA SER A 1169 -1.42 -8.50 -7.44
C SER A 1169 -2.24 -9.61 -6.80
N THR A 1170 -2.60 -10.61 -7.59
CA THR A 1170 -3.38 -11.72 -7.07
C THR A 1170 -2.48 -12.72 -6.36
N SER A 1171 -2.95 -13.21 -5.21
CA SER A 1171 -2.16 -14.09 -4.36
C SER A 1171 -2.46 -15.54 -4.76
N MET A 1172 -1.86 -15.95 -5.88
CA MET A 1172 -2.03 -17.30 -6.40
C MET A 1172 -0.72 -17.91 -6.89
N SER A 1173 0.43 -17.40 -6.43
CA SER A 1173 1.73 -17.93 -6.84
C SER A 1173 2.69 -18.06 -5.68
N THR A 1174 2.16 -18.26 -4.46
CA THR A 1174 2.98 -18.46 -3.26
C THR A 1174 3.94 -17.29 -3.04
N GLN A 1175 3.35 -16.10 -2.87
CA GLN A 1175 4.09 -14.87 -2.68
C GLN A 1175 3.49 -14.05 -1.54
N LEU A 1176 3.10 -14.73 -0.47
CA LEU A 1176 2.29 -14.14 0.59
C LEU A 1176 3.10 -13.42 1.65
N PHE A 1177 4.40 -13.21 1.43
CA PHE A 1177 5.37 -12.62 2.36
C PHE A 1177 5.78 -13.60 3.46
N HIS A 1178 5.18 -14.79 3.50
CA HIS A 1178 5.63 -15.92 4.30
C HIS A 1178 5.53 -17.14 3.41
N ALA A 1179 5.75 -18.32 3.97
CA ALA A 1179 5.34 -19.56 3.29
C ALA A 1179 4.79 -20.51 4.36
N TRP A 1180 3.48 -20.47 4.53
CA TRP A 1180 2.74 -21.44 5.33
C TRP A 1180 1.77 -22.27 4.51
N GLU A 1181 0.93 -21.63 3.71
CA GLU A 1181 -0.04 -22.31 2.87
C GLU A 1181 -0.36 -21.38 1.69
N LYS A 1182 -1.20 -21.89 0.77
CA LYS A 1182 -1.59 -21.16 -0.42
C LYS A 1182 -3.10 -21.10 -0.53
N VAL A 1183 -3.59 -20.48 -1.59
CA VAL A 1183 -5.00 -20.15 -1.81
C VAL A 1183 -5.42 -20.53 -3.21
N THR A 1184 -5.04 -21.74 -3.65
CA THR A 1184 -5.09 -22.11 -5.06
C THR A 1184 -6.45 -21.87 -5.70
N ASN A 1185 -7.50 -22.50 -5.17
CA ASN A 1185 -8.84 -22.41 -5.73
C ASN A 1185 -9.84 -22.04 -4.63
N VAL A 1186 -11.08 -21.82 -5.05
CA VAL A 1186 -12.17 -21.58 -4.10
C VAL A 1186 -13.21 -22.68 -4.24
N HIS A 1187 -13.79 -22.82 -5.43
CA HIS A 1187 -14.76 -23.90 -5.67
C HIS A 1187 -15.16 -23.94 -7.14
N VAL A 1188 -15.61 -25.12 -7.53
CA VAL A 1188 -15.98 -25.37 -8.92
C VAL A 1188 -17.29 -24.66 -9.24
N VAL A 1189 -18.22 -24.63 -8.30
CA VAL A 1189 -19.51 -24.00 -8.54
C VAL A 1189 -19.34 -22.50 -8.69
N LYS A 1190 -18.50 -21.90 -7.84
CA LYS A 1190 -18.27 -20.47 -7.97
C LYS A 1190 -17.55 -20.15 -9.26
N ARG A 1191 -16.64 -21.02 -9.71
CA ARG A 1191 -16.02 -20.77 -11.01
C ARG A 1191 -17.04 -20.86 -12.15
N ALA A 1192 -17.98 -21.80 -12.04
CA ALA A 1192 -19.01 -21.94 -13.06
C ALA A 1192 -19.90 -20.70 -13.09
N LEU A 1193 -20.26 -20.20 -11.91
CA LEU A 1193 -21.04 -18.97 -11.85
C LEU A 1193 -20.28 -17.80 -12.45
N SER A 1194 -18.96 -17.77 -12.28
CA SER A 1194 -18.19 -16.72 -12.94
C SER A 1194 -18.30 -16.83 -14.45
N LEU A 1195 -18.29 -18.06 -14.97
CA LEU A 1195 -18.52 -18.22 -16.41
C LEU A 1195 -19.88 -17.66 -16.81
N LYS A 1196 -20.91 -17.99 -16.03
CA LYS A 1196 -22.23 -17.46 -16.32
C LYS A 1196 -22.24 -15.94 -16.27
N GLU A 1197 -21.39 -15.35 -15.42
CA GLU A 1197 -21.23 -13.90 -15.42
C GLU A 1197 -20.58 -13.43 -16.71
N SER A 1198 -19.75 -14.28 -17.32
CA SER A 1198 -19.06 -13.95 -18.56
C SER A 1198 -19.69 -14.66 -19.76
N ILE A 1199 -21.00 -14.83 -19.73
CA ILE A 1199 -21.72 -15.48 -20.83
C ILE A 1199 -21.78 -14.56 -22.06
N ASN A 1200 -22.19 -13.31 -21.88
CA ASN A 1200 -22.52 -12.45 -23.02
C ASN A 1200 -21.34 -11.66 -23.56
N TRP A 1201 -20.18 -11.75 -22.92
CA TRP A 1201 -19.01 -11.03 -23.41
C TRP A 1201 -18.64 -11.50 -24.81
N PHE A 1202 -18.51 -12.82 -24.99
CA PHE A 1202 -18.08 -13.37 -26.27
C PHE A 1202 -18.89 -14.59 -26.68
N ILE A 1203 -20.08 -14.78 -26.11
CA ILE A 1203 -20.96 -15.88 -26.48
C ILE A 1203 -22.38 -15.37 -26.49
N THR A 1204 -23.18 -15.89 -27.41
CA THR A 1204 -24.58 -15.51 -27.52
C THR A 1204 -25.44 -16.39 -26.63
N ARG A 1205 -26.60 -15.87 -26.23
CA ARG A 1205 -27.40 -16.55 -25.22
C ARG A 1205 -27.96 -17.87 -25.75
N ASP A 1206 -28.74 -17.80 -26.82
CA ASP A 1206 -29.33 -19.01 -27.39
C ASP A 1206 -28.28 -19.73 -28.24
N SER A 1207 -27.36 -20.40 -27.56
CA SER A 1207 -26.35 -21.17 -28.27
C SER A 1207 -26.02 -22.45 -27.51
N ASN A 1208 -25.04 -23.17 -28.05
CA ASN A 1208 -24.67 -24.47 -27.53
C ASN A 1208 -23.79 -24.34 -26.31
N LEU A 1209 -22.96 -23.29 -26.26
CA LEU A 1209 -22.09 -23.13 -25.12
C LEU A 1209 -22.88 -22.63 -23.91
N ALA A 1210 -23.85 -21.76 -24.13
CA ALA A 1210 -24.77 -21.39 -23.06
C ALA A 1210 -25.54 -22.61 -22.56
N GLN A 1211 -26.04 -23.42 -23.50
CA GLN A 1211 -26.69 -24.66 -23.09
C GLN A 1211 -25.75 -25.53 -22.27
N ALA A 1212 -24.48 -25.55 -22.65
CA ALA A 1212 -23.49 -26.37 -21.95
C ALA A 1212 -23.24 -25.86 -20.54
N LEU A 1213 -23.09 -24.55 -20.38
CA LEU A 1213 -22.83 -24.00 -19.05
C LEU A 1213 -24.03 -24.23 -18.14
N ILE A 1214 -25.24 -24.06 -18.66
CA ILE A 1214 -26.43 -24.31 -17.85
C ILE A 1214 -26.49 -25.78 -17.47
N ARG A 1215 -26.21 -26.67 -18.42
CA ARG A 1215 -26.18 -28.09 -18.12
C ARG A 1215 -25.13 -28.41 -17.07
N ASN A 1216 -24.01 -27.69 -17.10
CA ASN A 1216 -22.93 -27.96 -16.17
C ASN A 1216 -23.33 -27.59 -14.75
N ILE A 1217 -23.82 -26.36 -14.57
CA ILE A 1217 -24.20 -25.96 -13.22
C ILE A 1217 -25.41 -26.73 -12.73
N MET A 1218 -26.27 -27.19 -13.64
CA MET A 1218 -27.39 -28.02 -13.23
C MET A 1218 -26.96 -29.45 -12.93
N SER A 1219 -25.84 -29.89 -13.50
CA SER A 1219 -25.30 -31.19 -13.15
C SER A 1219 -24.63 -31.18 -11.78
N LEU A 1220 -23.89 -30.11 -11.49
CA LEU A 1220 -23.29 -29.95 -10.17
C LEU A 1220 -24.27 -29.47 -9.13
N THR A 1221 -25.57 -29.45 -9.44
CA THR A 1221 -26.61 -29.22 -8.47
C THR A 1221 -27.78 -30.11 -8.86
N GLY A 1222 -28.93 -29.89 -8.23
CA GLY A 1222 -30.13 -30.59 -8.60
C GLY A 1222 -30.83 -29.86 -9.72
N PRO A 1223 -31.70 -30.56 -10.46
CA PRO A 1223 -32.45 -29.88 -11.52
C PRO A 1223 -33.40 -28.83 -10.99
N ASP A 1224 -33.71 -28.86 -9.69
CA ASP A 1224 -34.51 -27.82 -9.06
C ASP A 1224 -33.63 -26.72 -8.47
N PHE A 1225 -32.76 -26.15 -9.32
CA PHE A 1225 -31.93 -25.03 -8.89
C PHE A 1225 -32.57 -23.71 -9.33
N PRO A 1226 -32.60 -22.67 -8.49
CA PRO A 1226 -33.14 -21.37 -8.93
C PRO A 1226 -32.13 -20.55 -9.72
N LEU A 1227 -32.00 -20.87 -11.01
CA LEU A 1227 -31.09 -20.17 -11.89
C LEU A 1227 -31.44 -18.68 -11.94
N GLU A 1228 -30.46 -17.87 -12.33
CA GLU A 1228 -30.53 -16.42 -12.18
C GLU A 1228 -31.05 -15.70 -13.41
N GLU A 1229 -31.52 -16.42 -14.43
CA GLU A 1229 -32.03 -15.77 -15.64
C GLU A 1229 -30.97 -14.87 -16.26
N ALA A 1230 -29.86 -15.51 -16.68
CA ALA A 1230 -28.59 -14.88 -17.06
C ALA A 1230 -28.82 -13.66 -17.94
N PRO A 1231 -28.03 -12.60 -17.75
CA PRO A 1231 -28.51 -11.24 -18.04
C PRO A 1231 -28.78 -10.95 -19.50
N VAL A 1232 -29.27 -9.74 -19.75
CA VAL A 1232 -29.76 -9.32 -21.05
C VAL A 1232 -28.95 -8.11 -21.52
N PHE A 1233 -27.70 -8.03 -21.10
CA PHE A 1233 -26.79 -6.96 -21.46
C PHE A 1233 -25.75 -7.46 -22.45
N LYS A 1234 -24.96 -6.53 -22.97
CA LYS A 1234 -24.00 -6.83 -24.02
C LYS A 1234 -22.83 -5.86 -23.88
N ARG A 1235 -21.73 -6.35 -23.33
CA ARG A 1235 -20.49 -5.57 -23.31
C ARG A 1235 -19.64 -5.86 -24.54
N THR A 1236 -20.26 -5.69 -25.71
CA THR A 1236 -19.55 -5.91 -26.96
C THR A 1236 -18.37 -4.96 -27.10
N GLY A 1237 -18.45 -3.79 -26.46
CA GLY A 1237 -17.37 -2.83 -26.50
C GLY A 1237 -16.35 -3.02 -25.39
N SER A 1238 -15.58 -4.10 -25.45
CA SER A 1238 -14.60 -4.36 -24.40
C SER A 1238 -13.53 -5.30 -24.94
N ALA A 1239 -12.50 -5.50 -24.14
CA ALA A 1239 -11.37 -6.33 -24.50
C ALA A 1239 -11.72 -7.80 -24.29
N LEU A 1240 -10.72 -8.67 -24.40
CA LEU A 1240 -10.90 -10.10 -24.24
C LEU A 1240 -9.90 -10.75 -23.30
N HIS A 1241 -8.74 -10.14 -23.06
CA HIS A 1241 -7.79 -10.63 -22.06
C HIS A 1241 -7.96 -9.93 -20.72
N ARG A 1242 -9.18 -9.46 -20.44
CA ARG A 1242 -9.57 -8.92 -19.15
C ARG A 1242 -10.68 -9.77 -18.55
N PHE A 1243 -10.55 -11.09 -18.69
CA PHE A 1243 -11.66 -12.00 -18.45
C PHE A 1243 -12.13 -11.95 -17.01
N LYS A 1244 -11.22 -12.18 -16.07
CA LYS A 1244 -11.58 -12.33 -14.67
C LYS A 1244 -10.44 -11.86 -13.79
N SER A 1245 -10.80 -11.29 -12.64
CA SER A 1245 -9.81 -10.89 -11.64
C SER A 1245 -9.52 -12.03 -10.68
N ALA A 1246 -9.10 -13.16 -11.25
CA ALA A 1246 -8.84 -14.37 -10.49
C ALA A 1246 -7.38 -14.80 -10.51
N ARG A 1247 -6.77 -14.90 -11.68
CA ARG A 1247 -5.48 -15.56 -11.82
C ARG A 1247 -4.40 -14.70 -12.44
N TYR A 1248 -4.72 -13.87 -13.44
CA TYR A 1248 -3.71 -13.16 -14.20
C TYR A 1248 -4.01 -11.68 -14.41
N SER A 1249 -5.23 -11.21 -14.17
CA SER A 1249 -5.60 -9.88 -14.61
C SER A 1249 -4.92 -8.83 -13.74
N GLU A 1250 -5.22 -7.57 -14.05
CA GLU A 1250 -4.63 -6.43 -13.36
C GLU A 1250 -3.11 -6.48 -13.45
N GLY A 1251 -2.64 -6.44 -14.69
CA GLY A 1251 -1.22 -6.56 -14.94
C GLY A 1251 -0.43 -5.49 -14.22
N GLY A 1252 0.68 -5.89 -13.61
CA GLY A 1252 1.53 -4.97 -12.88
C GLY A 1252 1.95 -5.49 -11.51
N TYR A 1253 3.26 -5.49 -11.28
CA TYR A 1253 3.84 -5.95 -10.03
C TYR A 1253 4.88 -5.01 -9.46
N SER A 1254 5.35 -4.02 -10.22
CA SER A 1254 6.27 -3.00 -9.73
C SER A 1254 7.55 -3.62 -9.18
N SER A 1255 8.27 -4.30 -10.08
CA SER A 1255 9.49 -5.02 -9.72
C SER A 1255 10.51 -4.17 -8.98
N VAL A 1256 10.43 -2.86 -9.08
CA VAL A 1256 11.35 -1.95 -8.41
C VAL A 1256 10.69 -1.43 -7.15
N CYS A 1257 11.52 -1.15 -6.14
CA CYS A 1257 10.99 -0.65 -4.87
C CYS A 1257 10.25 0.66 -5.11
N PRO A 1258 9.16 0.93 -4.39
CA PRO A 1258 8.40 2.15 -4.65
C PRO A 1258 9.04 3.42 -4.11
N ASN A 1259 10.24 3.35 -3.54
CA ASN A 1259 10.76 4.49 -2.81
C ASN A 1259 11.07 5.64 -3.76
N LEU A 1260 11.80 5.35 -4.84
CA LEU A 1260 12.06 6.38 -5.83
C LEU A 1260 10.79 6.73 -6.58
N LEU A 1261 9.85 5.79 -6.67
CA LEU A 1261 8.57 6.10 -7.27
C LEU A 1261 7.80 7.15 -6.50
N SER A 1262 8.26 7.53 -5.31
CA SER A 1262 7.64 8.65 -4.61
C SER A 1262 7.94 9.99 -5.28
N HIS A 1263 8.82 10.02 -6.27
CA HIS A 1263 9.21 11.25 -6.93
C HIS A 1263 8.55 11.44 -8.29
N ILE A 1264 7.64 10.56 -8.69
CA ILE A 1264 7.26 10.39 -10.09
C ILE A 1264 5.75 10.35 -10.23
N SER A 1265 5.25 11.00 -11.29
CA SER A 1265 3.90 10.81 -11.77
C SER A 1265 3.97 10.43 -13.25
N VAL A 1266 2.98 9.67 -13.71
CA VAL A 1266 3.02 9.09 -15.04
C VAL A 1266 1.64 9.19 -15.68
N SER A 1267 1.53 9.96 -16.75
CA SER A 1267 0.27 10.28 -17.38
C SER A 1267 0.14 9.63 -18.75
N THR A 1268 -1.11 9.35 -19.09
CA THR A 1268 -1.47 8.65 -20.32
C THR A 1268 -2.50 9.41 -21.15
N ASP A 1269 -2.91 10.61 -20.72
CA ASP A 1269 -3.98 11.31 -21.42
C ASP A 1269 -3.60 11.65 -22.84
N THR A 1270 -2.30 11.76 -23.12
CA THR A 1270 -1.86 11.94 -24.49
C THR A 1270 -2.35 10.81 -25.37
N MET A 1271 -2.30 9.58 -24.85
CA MET A 1271 -2.80 8.43 -25.59
C MET A 1271 -4.28 8.50 -25.89
N SER A 1272 -5.01 9.47 -25.30
CA SER A 1272 -6.38 9.71 -25.71
C SER A 1272 -6.49 9.97 -27.20
N ASP A 1273 -5.41 10.48 -27.82
CA ASP A 1273 -5.43 10.69 -29.26
C ASP A 1273 -5.75 9.41 -30.01
N LEU A 1274 -5.38 8.25 -29.46
CA LEU A 1274 -5.65 6.98 -30.12
C LEU A 1274 -7.15 6.81 -30.38
N THR A 1275 -7.99 7.30 -29.48
CA THR A 1275 -9.43 7.28 -29.74
C THR A 1275 -9.88 8.58 -30.42
N GLN A 1276 -9.23 8.91 -31.53
CA GLN A 1276 -9.73 9.96 -32.40
C GLN A 1276 -10.84 9.43 -33.30
N ASP A 1277 -10.69 8.20 -33.77
CA ASP A 1277 -11.72 7.49 -34.52
C ASP A 1277 -12.35 6.35 -33.73
N GLY A 1278 -11.93 6.15 -32.49
CA GLY A 1278 -12.50 5.09 -31.66
C GLY A 1278 -11.79 3.75 -31.88
N LYS A 1279 -12.47 2.84 -32.58
CA LYS A 1279 -11.98 1.50 -32.94
C LYS A 1279 -11.88 0.56 -31.75
N ASN A 1280 -12.20 1.00 -30.53
CA ASN A 1280 -12.15 0.16 -29.35
C ASN A 1280 -10.75 -0.45 -29.15
N TYR A 1281 -9.76 0.44 -29.07
CA TYR A 1281 -8.40 -0.03 -28.81
C TYR A 1281 -8.32 -0.74 -27.47
N ASP A 1282 -8.62 -0.01 -26.39
CA ASP A 1282 -8.77 -0.57 -25.04
C ASP A 1282 -7.60 -1.48 -24.65
N PHE A 1283 -6.41 -0.89 -24.64
CA PHE A 1283 -5.20 -1.61 -24.26
C PHE A 1283 -4.84 -1.26 -22.82
N MET A 1284 -4.16 -2.19 -22.16
CA MET A 1284 -3.78 -1.99 -20.78
C MET A 1284 -2.68 -0.95 -20.65
N PHE A 1285 -2.90 0.04 -19.79
CA PHE A 1285 -1.94 1.10 -19.55
C PHE A 1285 -0.93 0.76 -18.45
N GLN A 1286 -1.24 -0.20 -17.60
CA GLN A 1286 -0.42 -0.41 -16.40
C GLN A 1286 0.99 -0.85 -16.76
N PRO A 1287 1.20 -1.82 -17.64
CA PRO A 1287 2.57 -2.16 -18.03
C PRO A 1287 3.33 -0.98 -18.59
N LEU A 1288 2.64 -0.11 -19.33
CA LEU A 1288 3.29 1.09 -19.85
C LEU A 1288 3.78 1.97 -18.73
N MET A 1289 2.89 2.30 -17.78
CA MET A 1289 3.26 3.11 -16.64
C MET A 1289 4.46 2.51 -15.92
N LEU A 1290 4.43 1.19 -15.72
CA LEU A 1290 5.46 0.57 -14.89
C LEU A 1290 6.81 0.54 -15.60
N TYR A 1291 6.81 0.22 -16.89
CA TYR A 1291 8.05 0.23 -17.66
C TYR A 1291 8.67 1.62 -17.64
N ALA A 1292 7.83 2.64 -17.86
CA ALA A 1292 8.32 4.01 -17.86
C ALA A 1292 8.92 4.36 -16.50
N GLN A 1293 8.16 4.08 -15.43
CA GLN A 1293 8.64 4.35 -14.07
C GLN A 1293 10.01 3.75 -13.85
N THR A 1294 10.13 2.44 -14.10
CA THR A 1294 11.37 1.73 -13.85
C THR A 1294 12.54 2.38 -14.57
N TRP A 1295 12.43 2.49 -15.89
CA TRP A 1295 13.61 2.87 -16.64
C TRP A 1295 13.90 4.35 -16.57
N THR A 1296 12.90 5.19 -16.31
CA THR A 1296 13.19 6.60 -16.10
C THR A 1296 13.78 6.85 -14.73
N SER A 1297 13.39 6.08 -13.72
CA SER A 1297 14.10 6.15 -12.44
C SER A 1297 15.56 5.77 -12.61
N GLU A 1298 15.81 4.70 -13.37
CA GLU A 1298 17.20 4.30 -13.58
C GLU A 1298 17.98 5.38 -14.32
N LEU A 1299 17.32 6.03 -15.29
CA LEU A 1299 17.99 7.03 -16.10
C LEU A 1299 18.17 8.35 -15.35
N VAL A 1300 17.35 8.59 -14.34
CA VAL A 1300 17.53 9.75 -13.49
C VAL A 1300 18.67 9.51 -12.51
N GLN A 1301 18.64 8.37 -11.82
CA GLN A 1301 19.69 8.10 -10.85
C GLN A 1301 21.05 7.93 -11.49
N ARG A 1302 21.13 7.67 -12.79
CA ARG A 1302 22.42 7.67 -13.47
C ARG A 1302 22.83 9.05 -13.98
N ASP A 1303 21.96 10.06 -13.87
CA ASP A 1303 22.32 11.43 -14.23
C ASP A 1303 21.48 12.36 -13.37
N THR A 1304 22.09 12.91 -12.32
CA THR A 1304 21.36 13.69 -11.33
C THR A 1304 21.16 15.15 -11.74
N ARG A 1305 21.37 15.49 -13.01
CA ARG A 1305 21.15 16.86 -13.47
C ARG A 1305 19.69 17.11 -13.83
N LEU A 1306 19.02 16.11 -14.39
CA LEU A 1306 17.65 16.25 -14.88
C LEU A 1306 16.62 15.89 -13.81
N ARG A 1307 16.75 16.55 -12.66
CA ARG A 1307 15.87 16.23 -11.54
C ARG A 1307 14.45 16.73 -11.72
N ASP A 1308 14.17 17.50 -12.77
CA ASP A 1308 12.81 18.01 -13.00
C ASP A 1308 12.38 17.92 -14.45
N SER A 1309 13.14 17.28 -15.32
CA SER A 1309 12.84 17.27 -16.75
C SER A 1309 11.79 16.20 -17.02
N THR A 1310 10.55 16.63 -17.22
CA THR A 1310 9.49 15.70 -17.60
C THR A 1310 9.81 15.06 -18.94
N PHE A 1311 9.82 13.73 -18.96
CA PHE A 1311 10.08 12.96 -20.16
C PHE A 1311 8.78 12.56 -20.84
N HIS A 1312 8.91 12.05 -22.06
CA HIS A 1312 7.75 11.49 -22.75
C HIS A 1312 8.21 10.45 -23.75
N TRP A 1313 7.66 9.24 -23.61
CA TRP A 1313 7.98 8.12 -24.48
C TRP A 1313 7.05 8.08 -25.68
N HIS A 1314 7.61 7.83 -26.85
CA HIS A 1314 6.86 7.71 -28.09
C HIS A 1314 6.75 6.23 -28.49
N LEU A 1315 5.76 5.93 -29.33
CA LEU A 1315 5.57 4.58 -29.84
C LEU A 1315 6.47 4.32 -31.04
N ARG A 1316 6.91 3.07 -31.16
CA ARG A 1316 7.79 2.65 -32.26
C ARG A 1316 7.13 1.67 -33.21
N CYS A 1317 6.58 0.56 -32.70
CA CYS A 1317 5.73 -0.30 -33.51
C CYS A 1317 4.31 0.24 -33.51
N ASN A 1318 3.73 0.39 -34.70
CA ASN A 1318 2.29 0.52 -34.80
C ASN A 1318 1.61 -0.82 -34.98
N ARG A 1319 2.34 -1.84 -35.41
CA ARG A 1319 1.72 -3.12 -35.69
C ARG A 1319 1.49 -3.91 -34.41
N CYS A 1320 2.20 -3.55 -33.34
CA CYS A 1320 1.82 -4.03 -32.02
C CYS A 1320 0.39 -3.66 -31.69
N VAL A 1321 0.01 -2.40 -31.92
CA VAL A 1321 -1.31 -1.97 -31.45
C VAL A 1321 -2.38 -2.76 -32.18
N ARG A 1322 -3.32 -3.32 -31.42
CA ARG A 1322 -4.29 -4.27 -31.94
C ARG A 1322 -5.70 -3.74 -31.73
N PRO A 1323 -6.43 -3.36 -32.78
CA PRO A 1323 -7.88 -3.25 -32.65
C PRO A 1323 -8.47 -4.59 -32.25
N ILE A 1324 -9.38 -4.55 -31.28
CA ILE A 1324 -9.90 -5.77 -30.67
C ILE A 1324 -10.57 -6.65 -31.72
N ASP A 1325 -11.41 -6.06 -32.58
CA ASP A 1325 -12.19 -6.81 -33.56
C ASP A 1325 -12.95 -7.94 -32.86
N ASP A 1326 -13.84 -7.52 -31.95
CA ASP A 1326 -14.55 -8.44 -31.06
C ASP A 1326 -15.13 -9.63 -31.81
N VAL A 1327 -15.09 -10.79 -31.14
CA VAL A 1327 -15.32 -12.08 -31.77
C VAL A 1327 -16.21 -12.90 -30.84
N THR A 1328 -16.78 -13.98 -31.39
CA THR A 1328 -17.71 -14.82 -30.69
C THR A 1328 -17.36 -16.28 -30.91
N LEU A 1329 -17.82 -17.12 -29.98
CA LEU A 1329 -17.56 -18.55 -29.98
C LEU A 1329 -18.86 -19.30 -30.13
N GLU A 1330 -18.84 -20.35 -30.93
CA GLU A 1330 -20.04 -21.12 -31.22
C GLU A 1330 -19.63 -22.49 -31.75
N THR A 1331 -20.55 -23.44 -31.60
CA THR A 1331 -20.33 -24.80 -32.08
C THR A 1331 -21.66 -25.41 -32.48
N SER A 1332 -21.56 -26.46 -33.29
CA SER A 1332 -22.70 -27.32 -33.60
C SER A 1332 -22.75 -28.57 -32.73
N GLN A 1333 -21.64 -28.92 -32.08
CA GLN A 1333 -21.59 -30.10 -31.24
C GLN A 1333 -22.19 -29.81 -29.87
N ILE A 1334 -23.00 -30.75 -29.38
CA ILE A 1334 -23.59 -30.69 -28.06
C ILE A 1334 -23.11 -31.90 -27.27
N PHE A 1335 -22.82 -31.70 -25.98
CA PHE A 1335 -22.34 -32.75 -25.10
C PHE A 1335 -23.20 -32.76 -23.85
N GLU A 1336 -23.79 -33.92 -23.54
CA GLU A 1336 -24.62 -34.07 -22.36
C GLU A 1336 -23.76 -34.44 -21.16
N PHE A 1337 -24.07 -33.84 -20.01
CA PHE A 1337 -23.36 -34.13 -18.78
C PHE A 1337 -24.07 -35.21 -18.00
N PRO A 1338 -23.37 -35.89 -17.09
CA PRO A 1338 -24.03 -36.82 -16.17
C PRO A 1338 -24.44 -36.14 -14.87
N ASP A 1339 -25.39 -36.77 -14.20
CA ASP A 1339 -25.78 -36.30 -12.87
C ASP A 1339 -24.64 -36.51 -11.90
N VAL A 1340 -24.36 -35.48 -11.09
CA VAL A 1340 -23.31 -35.57 -10.08
C VAL A 1340 -23.86 -35.13 -8.74
N SER A 1341 -25.19 -35.02 -8.63
CA SER A 1341 -25.83 -34.70 -7.36
C SER A 1341 -26.30 -35.94 -6.61
N LYS A 1342 -26.76 -36.95 -7.33
CA LYS A 1342 -27.12 -38.23 -6.74
C LYS A 1342 -25.96 -39.23 -6.76
N ARG A 1343 -24.74 -38.77 -7.06
CA ARG A 1343 -23.60 -39.65 -7.16
C ARG A 1343 -22.47 -39.19 -6.26
N ILE A 1344 -22.36 -37.88 -6.08
CA ILE A 1344 -21.39 -37.28 -5.17
C ILE A 1344 -22.12 -36.27 -4.31
N SER A 1345 -22.51 -36.68 -3.12
CA SER A 1345 -22.82 -35.73 -2.07
C SER A 1345 -21.52 -35.43 -1.31
N ARG A 1346 -21.61 -34.56 -0.32
CA ARG A 1346 -20.51 -34.23 0.59
C ARG A 1346 -19.36 -33.51 -0.08
N MET A 1347 -19.44 -33.20 -1.37
CA MET A 1347 -18.40 -32.41 -2.03
C MET A 1347 -18.99 -31.18 -2.71
N VAL A 1348 -20.22 -31.30 -3.20
CA VAL A 1348 -20.81 -30.30 -4.07
C VAL A 1348 -22.20 -29.88 -3.58
N SER A 1349 -22.72 -30.58 -2.57
CA SER A 1349 -24.16 -30.50 -2.29
C SER A 1349 -24.58 -29.11 -1.85
N GLY A 1350 -23.80 -28.46 -1.01
CA GLY A 1350 -24.19 -27.19 -0.42
C GLY A 1350 -23.10 -26.13 -0.41
N ALA A 1351 -22.20 -26.17 -1.40
CA ALA A 1351 -21.00 -25.33 -1.33
C ALA A 1351 -21.33 -23.85 -1.32
N VAL A 1352 -22.40 -23.44 -2.00
CA VAL A 1352 -22.72 -22.03 -2.20
C VAL A 1352 -24.13 -21.77 -1.67
N PRO A 1353 -24.38 -20.62 -1.02
CA PRO A 1353 -25.72 -20.36 -0.47
C PRO A 1353 -26.76 -20.00 -1.51
N HIS A 1354 -27.97 -19.69 -1.03
CA HIS A 1354 -29.09 -19.34 -1.90
C HIS A 1354 -28.76 -18.09 -2.71
N PHE A 1355 -29.60 -17.84 -3.72
CA PHE A 1355 -29.42 -16.74 -4.65
C PHE A 1355 -30.66 -15.87 -4.80
N GLN A 1356 -31.82 -16.33 -4.36
CA GLN A 1356 -33.02 -15.49 -4.29
C GLN A 1356 -33.38 -14.91 -5.66
N ARG A 1357 -33.67 -15.83 -6.58
CA ARG A 1357 -34.04 -15.49 -7.95
C ARG A 1357 -35.11 -14.41 -8.00
N LEU A 1358 -34.92 -13.45 -8.90
CA LEU A 1358 -35.82 -12.35 -9.14
C LEU A 1358 -36.45 -12.47 -10.52
N PRO A 1359 -37.72 -12.08 -10.70
CA PRO A 1359 -38.32 -12.11 -12.04
C PRO A 1359 -38.09 -10.83 -12.81
N ASP A 1360 -37.80 -10.99 -14.10
CA ASP A 1360 -37.47 -9.87 -14.97
C ASP A 1360 -38.74 -9.30 -15.61
N ILE A 1361 -38.60 -8.10 -16.18
CA ILE A 1361 -39.74 -7.33 -16.69
C ILE A 1361 -39.50 -6.86 -18.12
N ARG A 1362 -38.40 -7.30 -18.72
CA ARG A 1362 -38.04 -7.07 -20.12
C ARG A 1362 -37.55 -5.66 -20.42
N LEU A 1363 -37.55 -4.73 -19.46
CA LEU A 1363 -36.61 -3.60 -19.47
C LEU A 1363 -36.70 -2.77 -20.76
N ARG A 1364 -37.88 -2.17 -20.99
CA ARG A 1364 -38.29 -1.59 -22.26
C ARG A 1364 -37.18 -0.77 -22.92
N PRO A 1365 -37.04 -0.84 -24.24
CA PRO A 1365 -35.79 -0.42 -24.89
C PRO A 1365 -35.60 1.10 -24.84
N GLY A 1366 -34.40 1.50 -25.25
CA GLY A 1366 -33.98 2.89 -25.17
C GLY A 1366 -34.27 3.73 -26.39
N ASP A 1367 -33.88 3.28 -27.57
CA ASP A 1367 -33.90 4.11 -28.78
C ASP A 1367 -33.08 5.38 -28.57
N PHE A 1368 -31.78 5.16 -28.34
CA PHE A 1368 -30.90 6.21 -27.82
C PHE A 1368 -30.30 7.07 -28.93
N GLU A 1369 -29.67 6.45 -29.93
CA GLU A 1369 -29.02 7.22 -30.99
C GLU A 1369 -30.07 7.73 -31.97
N SER A 1370 -30.91 8.63 -31.45
CA SER A 1370 -31.78 9.45 -32.31
C SER A 1370 -31.83 10.90 -31.84
N LEU A 1371 -31.02 11.28 -30.85
CA LEU A 1371 -31.12 12.57 -30.18
C LEU A 1371 -29.85 13.39 -30.45
N SER A 1372 -29.83 14.60 -29.94
CA SER A 1372 -28.70 15.51 -30.05
C SER A 1372 -28.01 15.61 -28.69
N GLY A 1373 -26.94 16.39 -28.65
CA GLY A 1373 -26.17 16.52 -27.42
C GLY A 1373 -27.00 17.09 -26.29
N ARG A 1374 -27.63 18.24 -26.53
CA ARG A 1374 -28.39 18.91 -25.48
C ARG A 1374 -29.59 18.10 -25.01
N GLU A 1375 -29.98 17.05 -25.72
CA GLU A 1375 -31.17 16.28 -25.36
C GLU A 1375 -30.85 15.08 -24.48
N LYS A 1376 -29.58 14.68 -24.36
CA LYS A 1376 -29.23 13.44 -23.67
C LYS A 1376 -28.12 13.55 -22.64
N SER A 1377 -27.31 14.61 -22.69
CA SER A 1377 -26.30 14.76 -21.65
C SER A 1377 -26.94 14.80 -20.27
N HIS A 1378 -28.14 15.37 -20.18
CA HIS A 1378 -28.95 15.24 -18.98
C HIS A 1378 -29.07 13.79 -18.55
N HIS A 1379 -29.37 12.91 -19.51
CA HIS A 1379 -29.53 11.49 -19.20
C HIS A 1379 -28.23 10.88 -18.70
N ILE A 1380 -27.12 11.21 -19.37
CA ILE A 1380 -25.84 10.67 -18.95
C ILE A 1380 -25.51 11.10 -17.54
N GLY A 1381 -25.75 12.36 -17.23
CA GLY A 1381 -25.48 12.86 -15.89
C GLY A 1381 -26.33 12.16 -14.84
N SER A 1382 -27.63 12.05 -15.11
CA SER A 1382 -28.52 11.37 -14.17
C SER A 1382 -28.06 9.94 -13.95
N ALA A 1383 -27.60 9.27 -15.01
CA ALA A 1383 -27.17 7.88 -14.88
C ALA A 1383 -25.93 7.78 -14.01
N GLN A 1384 -24.95 8.64 -14.27
CA GLN A 1384 -23.72 8.61 -13.48
C GLN A 1384 -24.01 8.89 -12.02
N GLY A 1385 -24.84 9.90 -11.75
CA GLY A 1385 -25.17 10.23 -10.37
C GLY A 1385 -25.89 9.10 -9.67
N LEU A 1386 -26.88 8.51 -10.35
CA LEU A 1386 -27.63 7.42 -9.76
C LEU A 1386 -26.71 6.26 -9.41
N LEU A 1387 -25.86 5.85 -10.35
CA LEU A 1387 -25.00 4.70 -10.10
C LEU A 1387 -24.02 5.00 -8.95
N TYR A 1388 -23.41 6.19 -8.96
CA TYR A 1388 -22.46 6.51 -7.92
C TYR A 1388 -23.12 6.51 -6.56
N SER A 1389 -24.27 7.17 -6.43
CA SER A 1389 -24.92 7.26 -5.15
C SER A 1389 -25.40 5.91 -4.67
N ILE A 1390 -25.80 5.02 -5.58
CA ILE A 1390 -26.16 3.67 -5.18
C ILE A 1390 -24.95 2.94 -4.63
N LEU A 1391 -23.84 2.99 -5.37
CA LEU A 1391 -22.63 2.31 -4.95
C LEU A 1391 -22.06 2.90 -3.67
N VAL A 1392 -22.47 4.10 -3.30
CA VAL A 1392 -22.10 4.67 -2.01
C VAL A 1392 -23.07 4.25 -0.91
N ALA A 1393 -24.36 4.17 -1.22
CA ALA A 1393 -25.34 3.81 -0.21
C ALA A 1393 -25.15 2.37 0.24
N ILE A 1394 -24.85 1.47 -0.70
CA ILE A 1394 -24.39 0.13 -0.36
C ILE A 1394 -22.87 0.13 -0.48
N HIS A 1395 -22.18 -0.30 0.57
CA HIS A 1395 -20.75 -0.07 0.70
C HIS A 1395 -19.99 -1.05 -0.20
N ASP A 1396 -20.10 -0.80 -1.49
CA ASP A 1396 -19.29 -1.48 -2.48
C ASP A 1396 -17.93 -0.79 -2.61
N SER A 1397 -16.97 -1.54 -3.12
CA SER A 1397 -15.64 -1.01 -3.37
C SER A 1397 -15.55 -0.17 -4.63
N GLY A 1398 -16.57 -0.23 -5.50
CA GLY A 1398 -16.52 0.47 -6.75
C GLY A 1398 -17.10 1.87 -6.69
N TYR A 1399 -17.12 2.44 -5.49
CA TYR A 1399 -17.59 3.81 -5.30
C TYR A 1399 -16.52 4.85 -5.59
N ASN A 1400 -15.27 4.43 -5.76
CA ASN A 1400 -14.13 5.32 -6.00
C ASN A 1400 -13.29 4.80 -7.14
N ASP A 1401 -13.95 4.38 -8.23
CA ASP A 1401 -13.28 3.87 -9.41
C ASP A 1401 -13.52 4.79 -10.59
N GLY A 1402 -12.51 4.91 -11.45
CA GLY A 1402 -12.57 5.78 -12.60
C GLY A 1402 -13.38 5.26 -13.76
N THR A 1403 -13.98 4.08 -13.63
CA THR A 1403 -14.82 3.52 -14.68
C THR A 1403 -16.21 4.14 -14.71
N ILE A 1404 -16.50 5.06 -13.79
CA ILE A 1404 -17.81 5.69 -13.71
C ILE A 1404 -17.81 7.08 -14.33
N PHE A 1405 -16.76 7.85 -14.06
CA PHE A 1405 -16.58 9.15 -14.67
C PHE A 1405 -15.40 9.09 -15.62
N PRO A 1406 -15.59 8.62 -16.84
CA PRO A 1406 -14.47 8.54 -17.78
C PRO A 1406 -14.06 9.92 -18.28
N VAL A 1407 -13.03 9.97 -19.11
CA VAL A 1407 -12.47 11.23 -19.58
C VAL A 1407 -12.63 11.46 -21.07
N ASN A 1408 -13.12 10.48 -21.82
CA ASN A 1408 -13.41 10.64 -23.23
C ASN A 1408 -14.83 11.13 -23.47
N ILE A 1409 -15.46 11.73 -22.45
CA ILE A 1409 -16.84 12.19 -22.56
C ILE A 1409 -17.01 13.67 -22.22
N TYR A 1410 -16.08 14.28 -21.49
CA TYR A 1410 -16.21 15.69 -21.17
C TYR A 1410 -15.86 16.57 -22.36
N GLY A 1411 -14.95 16.12 -23.22
CA GLY A 1411 -14.54 16.95 -24.33
C GLY A 1411 -15.65 17.22 -25.33
N LYS A 1412 -16.60 16.29 -25.44
CA LYS A 1412 -17.76 16.47 -26.33
C LYS A 1412 -19.01 16.17 -25.50
N VAL A 1413 -19.52 17.20 -24.84
CA VAL A 1413 -20.78 17.12 -24.11
C VAL A 1413 -21.23 18.54 -23.80
N SER A 1414 -22.54 18.74 -23.65
CA SER A 1414 -23.02 20.03 -23.20
C SER A 1414 -22.82 20.15 -21.68
N PRO A 1415 -22.09 21.16 -21.20
CA PRO A 1415 -21.73 21.15 -19.77
C PRO A 1415 -22.90 21.44 -18.86
N ARG A 1416 -23.75 22.39 -19.23
CA ARG A 1416 -24.88 22.75 -18.39
C ARG A 1416 -25.78 21.56 -18.17
N ASP A 1417 -26.17 20.89 -19.26
CA ASP A 1417 -27.04 19.73 -19.15
C ASP A 1417 -26.34 18.59 -18.42
N TYR A 1418 -25.02 18.45 -18.62
CA TYR A 1418 -24.29 17.40 -17.92
C TYR A 1418 -24.37 17.58 -16.42
N LEU A 1419 -24.09 18.80 -15.96
CA LEU A 1419 -24.08 19.05 -14.52
C LEU A 1419 -25.47 18.97 -13.93
N ARG A 1420 -26.48 19.49 -14.64
CA ARG A 1420 -27.84 19.37 -14.14
C ARG A 1420 -28.27 17.91 -14.06
N GLY A 1421 -27.79 17.08 -14.97
CA GLY A 1421 -28.08 15.65 -14.87
C GLY A 1421 -27.40 15.02 -13.68
N LEU A 1422 -26.16 15.39 -13.41
CA LEU A 1422 -25.50 14.93 -12.20
C LEU A 1422 -26.31 15.29 -10.97
N ALA A 1423 -26.86 16.50 -10.95
CA ALA A 1423 -27.68 16.91 -9.81
C ALA A 1423 -28.90 16.02 -9.67
N ARG A 1424 -29.58 15.75 -10.79
CA ARG A 1424 -30.74 14.87 -10.78
C ARG A 1424 -30.39 13.51 -10.20
N GLY A 1425 -29.29 12.92 -10.68
CA GLY A 1425 -28.89 11.61 -10.22
C GLY A 1425 -28.55 11.59 -8.74
N VAL A 1426 -27.81 12.61 -8.28
CA VAL A 1426 -27.49 12.72 -6.87
C VAL A 1426 -28.75 12.85 -6.04
N LEU A 1427 -29.77 13.51 -6.58
CA LEU A 1427 -31.00 13.71 -5.82
C LEU A 1427 -31.72 12.37 -5.62
N ILE A 1428 -31.84 11.58 -6.67
CA ILE A 1428 -32.56 10.32 -6.48
C ILE A 1428 -31.72 9.33 -5.69
N GLY A 1429 -30.39 9.42 -5.79
CA GLY A 1429 -29.54 8.69 -4.86
C GLY A 1429 -29.79 9.09 -3.41
N SER A 1430 -30.04 10.38 -3.19
CA SER A 1430 -30.43 10.80 -1.86
C SER A 1430 -31.75 10.17 -1.47
N SER A 1431 -32.62 9.93 -2.45
CA SER A 1431 -33.86 9.23 -2.17
C SER A 1431 -33.59 7.85 -1.57
N ILE A 1432 -32.68 7.09 -2.20
CA ILE A 1432 -32.41 5.76 -1.65
C ILE A 1432 -31.76 5.85 -0.28
N CYS A 1433 -30.81 6.78 -0.11
CA CYS A 1433 -30.22 6.92 1.22
C CYS A 1433 -31.24 7.36 2.26
N PHE A 1434 -32.31 8.03 1.84
CA PHE A 1434 -33.39 8.36 2.76
C PHE A 1434 -34.16 7.11 3.12
N LEU A 1435 -34.41 6.25 2.13
CA LEU A 1435 -35.07 4.98 2.40
C LEU A 1435 -34.30 4.19 3.44
N THR A 1436 -32.97 4.22 3.36
CA THR A 1436 -32.16 3.52 4.34
C THR A 1436 -32.22 4.19 5.71
N ARG A 1437 -31.82 5.46 5.78
CA ARG A 1437 -31.74 6.19 7.06
C ARG A 1437 -33.13 6.69 7.42
N MET A 1438 -33.93 5.79 7.99
CA MET A 1438 -35.34 6.07 8.30
C MET A 1438 -35.65 5.53 9.69
N THR A 1439 -35.52 6.39 10.69
CA THR A 1439 -35.91 6.08 12.06
C THR A 1439 -37.36 6.52 12.27
N ASN A 1440 -37.82 6.48 13.52
CA ASN A 1440 -39.22 6.74 13.83
C ASN A 1440 -39.54 8.21 14.08
N ILE A 1441 -38.53 9.04 14.32
CA ILE A 1441 -38.74 10.46 14.61
C ILE A 1441 -38.36 11.30 13.39
N ASN A 1442 -37.43 10.82 12.58
CA ASN A 1442 -37.06 11.56 11.38
C ASN A 1442 -38.18 11.58 10.35
N ILE A 1443 -39.20 10.73 10.50
CA ILE A 1443 -40.30 10.73 9.55
C ILE A 1443 -41.01 12.07 9.53
N ASN A 1444 -41.21 12.66 10.70
CA ASN A 1444 -41.93 13.91 10.80
C ASN A 1444 -41.09 15.12 10.42
N ARG A 1445 -39.84 14.92 10.00
CA ARG A 1445 -39.00 16.01 9.49
C ARG A 1445 -38.24 15.49 8.28
N PRO A 1446 -38.95 15.19 7.19
CA PRO A 1446 -38.32 14.52 6.05
C PRO A 1446 -37.58 15.44 5.11
N LEU A 1447 -37.96 16.72 5.05
CA LEU A 1447 -37.29 17.64 4.12
C LEU A 1447 -35.85 17.90 4.54
N GLU A 1448 -35.66 18.24 5.81
CA GLU A 1448 -34.30 18.39 6.33
C GLU A 1448 -33.52 17.10 6.19
N LEU A 1449 -34.19 15.96 6.30
CA LEU A 1449 -33.54 14.68 6.10
C LEU A 1449 -33.03 14.56 4.67
N VAL A 1450 -33.87 14.94 3.70
CA VAL A 1450 -33.47 14.87 2.30
C VAL A 1450 -32.26 15.77 2.06
N SER A 1451 -32.31 16.99 2.60
CA SER A 1451 -31.21 17.92 2.42
C SER A 1451 -29.92 17.36 3.01
N GLY A 1452 -29.99 16.84 4.24
CA GLY A 1452 -28.80 16.29 4.86
C GLY A 1452 -28.27 15.07 4.15
N VAL A 1453 -29.16 14.28 3.56
CA VAL A 1453 -28.73 13.10 2.84
C VAL A 1453 -28.02 13.50 1.55
N ILE A 1454 -28.57 14.50 0.86
CA ILE A 1454 -27.90 15.04 -0.31
C ILE A 1454 -26.53 15.56 0.06
N SER A 1455 -26.43 16.22 1.22
CA SER A 1455 -25.14 16.74 1.66
C SER A 1455 -24.16 15.60 1.93
N TYR A 1456 -24.65 14.50 2.48
CA TYR A 1456 -23.79 13.34 2.72
C TYR A 1456 -23.25 12.80 1.41
N ILE A 1457 -24.12 12.66 0.41
CA ILE A 1457 -23.67 12.19 -0.89
C ILE A 1457 -22.64 13.14 -1.48
N LEU A 1458 -22.89 14.44 -1.36
CA LEU A 1458 -21.94 15.40 -1.91
C LEU A 1458 -20.62 15.38 -1.16
N LEU A 1459 -20.65 15.04 0.13
CA LEU A 1459 -19.41 14.90 0.88
C LEU A 1459 -18.59 13.73 0.33
N ARG A 1460 -19.22 12.57 0.20
CA ARG A 1460 -18.50 11.44 -0.38
C ARG A 1460 -18.01 11.76 -1.80
N LEU A 1461 -18.75 12.59 -2.52
CA LEU A 1461 -18.30 12.95 -3.86
C LEU A 1461 -17.12 13.90 -3.81
N ASP A 1462 -17.08 14.77 -2.81
CA ASP A 1462 -15.88 15.56 -2.58
C ASP A 1462 -14.70 14.64 -2.34
N ASN A 1463 -14.93 13.51 -1.68
CA ASN A 1463 -13.87 12.53 -1.51
C ASN A 1463 -13.59 11.74 -2.78
N HIS A 1464 -14.43 11.83 -3.80
CA HIS A 1464 -14.10 11.22 -5.09
C HIS A 1464 -13.03 12.04 -5.81
N PRO A 1465 -11.83 11.49 -6.09
CA PRO A 1465 -10.81 12.30 -6.77
C PRO A 1465 -11.10 12.73 -8.21
N SER A 1466 -11.48 11.77 -9.05
CA SER A 1466 -11.20 11.96 -10.46
C SER A 1466 -12.21 12.89 -11.12
N LEU A 1467 -13.25 13.27 -10.38
CA LEU A 1467 -14.18 14.27 -10.87
C LEU A 1467 -13.45 15.54 -11.28
N TYR A 1468 -12.43 15.93 -10.51
CA TYR A 1468 -11.77 17.20 -10.84
C TYR A 1468 -11.19 17.22 -12.25
N ILE A 1469 -11.04 16.05 -12.89
CA ILE A 1469 -10.53 16.02 -14.25
C ILE A 1469 -11.37 16.88 -15.18
N MET A 1470 -12.65 17.04 -14.89
CA MET A 1470 -13.51 17.78 -15.80
C MET A 1470 -13.08 19.23 -15.95
N LEU A 1471 -12.17 19.71 -15.12
CA LEU A 1471 -11.67 21.07 -15.24
C LEU A 1471 -10.68 21.24 -16.38
N ARG A 1472 -10.43 20.21 -17.20
CA ARG A 1472 -9.54 20.40 -18.35
C ARG A 1472 -10.25 21.05 -19.53
N GLU A 1473 -11.54 20.77 -19.71
CA GLU A 1473 -12.28 21.33 -20.83
C GLU A 1473 -12.67 22.78 -20.53
N PRO A 1474 -12.25 23.76 -21.34
CA PRO A 1474 -12.59 25.15 -21.01
C PRO A 1474 -14.08 25.45 -20.96
N SER A 1475 -14.90 24.74 -21.73
CA SER A 1475 -16.34 25.00 -21.68
C SER A 1475 -16.90 24.70 -20.30
N LEU A 1476 -16.51 23.58 -19.72
CA LEU A 1476 -16.95 23.22 -18.39
C LEU A 1476 -16.48 24.24 -17.38
N ARG A 1477 -15.25 24.71 -17.50
CA ARG A 1477 -14.75 25.73 -16.60
C ARG A 1477 -15.59 27.00 -16.69
N GLY A 1478 -15.86 27.46 -17.91
CA GLY A 1478 -16.69 28.65 -18.05
C GLY A 1478 -18.06 28.49 -17.43
N GLU A 1479 -18.63 27.29 -17.55
CA GLU A 1479 -19.97 27.07 -17.04
C GLU A 1479 -19.98 26.89 -15.53
N ILE A 1480 -18.88 26.37 -14.99
CA ILE A 1480 -18.80 26.09 -13.56
C ILE A 1480 -18.34 27.31 -12.76
N PHE A 1481 -17.62 28.23 -13.40
CA PHE A 1481 -17.20 29.47 -12.77
C PHE A 1481 -18.07 30.65 -13.18
N SER A 1482 -19.09 30.45 -14.01
CA SER A 1482 -20.04 31.53 -14.26
C SER A 1482 -20.75 31.96 -12.98
N ILE A 1483 -20.91 31.04 -12.03
CA ILE A 1483 -21.49 31.31 -10.73
C ILE A 1483 -20.35 31.69 -9.78
N PRO A 1484 -20.59 32.44 -8.71
CA PRO A 1484 -19.49 32.75 -7.78
C PRO A 1484 -18.88 31.49 -7.18
N GLN A 1485 -17.55 31.42 -7.23
CA GLN A 1485 -16.81 30.27 -6.75
C GLN A 1485 -15.55 30.74 -6.05
N LYS A 1486 -15.28 30.14 -4.89
CA LYS A 1486 -14.03 30.39 -4.18
C LYS A 1486 -12.86 29.92 -5.02
N ILE A 1487 -11.99 30.85 -5.41
CA ILE A 1487 -10.84 30.52 -6.25
C ILE A 1487 -9.73 29.95 -5.36
N PRO A 1488 -8.99 28.94 -5.81
CA PRO A 1488 -7.87 28.42 -5.03
C PRO A 1488 -6.63 29.28 -5.21
N ALA A 1489 -5.54 28.84 -4.58
CA ALA A 1489 -4.26 29.54 -4.61
C ALA A 1489 -3.09 28.59 -4.86
N ALA A 1490 -3.35 27.35 -5.24
CA ALA A 1490 -2.30 26.37 -5.54
C ALA A 1490 -2.27 26.09 -7.03
N TYR A 1491 -1.05 26.03 -7.59
CA TYR A 1491 -0.90 25.62 -8.97
C TYR A 1491 -1.37 24.19 -9.20
N PRO A 1492 -0.88 23.20 -8.48
CA PRO A 1492 -1.31 21.82 -8.77
C PRO A 1492 -2.70 21.59 -8.20
N THR A 1493 -3.68 22.04 -8.98
CA THR A 1493 -5.08 22.01 -8.56
C THR A 1493 -5.47 20.63 -8.07
N THR A 1494 -5.86 20.57 -6.81
CA THR A 1494 -6.00 19.32 -6.08
C THR A 1494 -7.44 18.84 -6.10
N MET A 1495 -7.66 17.67 -5.52
CA MET A 1495 -9.01 17.18 -5.33
C MET A 1495 -9.84 18.17 -4.53
N LYS A 1496 -9.25 18.74 -3.48
CA LYS A 1496 -10.01 19.51 -2.51
C LYS A 1496 -10.71 20.69 -3.18
N GLU A 1497 -9.93 21.60 -3.76
CA GLU A 1497 -10.50 22.83 -4.28
C GLU A 1497 -11.36 22.57 -5.51
N GLY A 1498 -10.90 21.69 -6.40
CA GLY A 1498 -11.67 21.42 -7.61
C GLY A 1498 -13.02 20.82 -7.29
N ASN A 1499 -13.04 19.79 -6.45
CA ASN A 1499 -14.31 19.19 -6.08
C ASN A 1499 -15.15 20.15 -5.26
N ARG A 1500 -14.51 21.03 -4.49
CA ARG A 1500 -15.27 22.04 -3.76
C ARG A 1500 -15.99 22.97 -4.73
N SER A 1501 -15.32 23.36 -5.82
CA SER A 1501 -15.95 24.22 -6.81
C SER A 1501 -17.11 23.50 -7.49
N ILE A 1502 -16.88 22.26 -7.92
CA ILE A 1502 -17.93 21.50 -8.59
C ILE A 1502 -19.13 21.35 -7.66
N LEU A 1503 -18.87 21.05 -6.39
CA LEU A 1503 -19.96 20.84 -5.46
C LEU A 1503 -20.65 22.13 -5.09
N CYS A 1504 -19.93 23.25 -5.14
CA CYS A 1504 -20.60 24.53 -4.93
C CYS A 1504 -21.53 24.84 -6.07
N TYR A 1505 -21.12 24.53 -7.30
CA TYR A 1505 -22.03 24.68 -8.43
C TYR A 1505 -23.24 23.77 -8.28
N LEU A 1506 -23.02 22.54 -7.80
CA LEU A 1506 -24.15 21.63 -7.64
C LEU A 1506 -25.10 22.09 -6.55
N GLN A 1507 -24.55 22.51 -5.41
CA GLN A 1507 -25.37 23.07 -4.35
C GLN A 1507 -26.05 24.36 -4.76
N HIS A 1508 -25.52 25.06 -5.77
CA HIS A 1508 -26.23 26.22 -6.29
C HIS A 1508 -27.34 25.79 -7.25
N VAL A 1509 -27.11 24.72 -8.01
CA VAL A 1509 -28.16 24.17 -8.85
C VAL A 1509 -29.34 23.80 -7.98
N LEU A 1510 -29.12 22.92 -7.03
CA LEU A 1510 -30.11 22.68 -6.01
C LEU A 1510 -30.29 23.94 -5.18
N ARG A 1511 -31.47 24.07 -4.59
CA ARG A 1511 -31.83 25.13 -3.66
C ARG A 1511 -32.04 26.48 -4.34
N TYR A 1512 -31.81 26.59 -5.64
CA TYR A 1512 -32.19 27.74 -6.46
C TYR A 1512 -33.02 27.34 -7.67
N GLU A 1513 -32.71 26.18 -8.27
CA GLU A 1513 -33.20 25.81 -9.59
C GLU A 1513 -33.78 24.40 -9.59
N ARG A 1514 -34.27 23.95 -8.44
CA ARG A 1514 -34.82 22.59 -8.36
C ARG A 1514 -36.07 22.45 -9.21
N GLU A 1515 -36.80 23.55 -9.41
CA GLU A 1515 -38.03 23.47 -10.19
C GLU A 1515 -37.74 23.14 -11.65
N ILE A 1516 -36.60 23.61 -12.18
CA ILE A 1516 -36.28 23.33 -13.57
C ILE A 1516 -36.12 21.83 -13.78
N ILE A 1517 -35.52 21.14 -12.82
CA ILE A 1517 -35.52 19.69 -12.83
C ILE A 1517 -36.85 19.19 -12.29
N THR A 1518 -37.18 17.94 -12.58
CA THR A 1518 -38.44 17.32 -12.19
C THR A 1518 -39.63 17.95 -12.88
N ALA A 1519 -39.39 18.65 -13.99
CA ALA A 1519 -40.42 19.33 -14.76
C ALA A 1519 -39.96 19.32 -16.21
N SER A 1520 -40.62 20.14 -17.05
CA SER A 1520 -40.32 20.15 -18.48
C SER A 1520 -40.54 18.74 -19.02
N PRO A 1521 -41.80 18.26 -19.04
CA PRO A 1521 -42.08 16.81 -19.01
C PRO A 1521 -41.25 15.93 -19.94
N GLU A 1522 -40.73 16.46 -21.04
CA GLU A 1522 -39.72 15.72 -21.78
C GLU A 1522 -38.31 16.05 -21.29
N ASN A 1523 -38.14 15.92 -19.98
CA ASN A 1523 -36.84 15.69 -19.36
C ASN A 1523 -36.92 14.65 -18.26
N ASP A 1524 -38.08 14.02 -18.04
CA ASP A 1524 -38.36 13.27 -16.83
C ASP A 1524 -37.98 11.81 -16.94
N TRP A 1525 -38.07 11.21 -18.12
CA TRP A 1525 -37.74 9.81 -18.27
C TRP A 1525 -36.31 9.55 -17.83
N LEU A 1526 -36.09 8.38 -17.24
CA LEU A 1526 -34.83 8.03 -16.61
C LEU A 1526 -34.17 6.94 -17.44
N TRP A 1527 -33.10 7.30 -18.13
CA TRP A 1527 -32.40 6.39 -19.03
C TRP A 1527 -31.24 5.76 -18.28
N ILE A 1528 -31.28 4.44 -18.12
CA ILE A 1528 -30.24 3.70 -17.43
C ILE A 1528 -29.31 3.08 -18.46
N PHE A 1529 -28.04 3.03 -18.12
CA PHE A 1529 -26.98 2.52 -18.97
C PHE A 1529 -26.57 1.14 -18.48
N SER A 1530 -25.58 0.54 -19.16
CA SER A 1530 -25.24 -0.87 -19.01
C SER A 1530 -23.76 -1.04 -18.70
N ASP A 1531 -23.25 -0.22 -17.78
CA ASP A 1531 -21.91 -0.45 -17.28
C ASP A 1531 -21.91 -1.45 -16.13
N PHE A 1532 -23.01 -1.49 -15.37
CA PHE A 1532 -23.18 -2.42 -14.26
C PHE A 1532 -24.57 -3.05 -14.33
N ARG A 1533 -24.96 -3.49 -15.53
CA ARG A 1533 -26.28 -4.07 -15.73
C ARG A 1533 -26.24 -5.53 -15.31
N SER A 1534 -26.22 -5.72 -13.99
CA SER A 1534 -26.52 -6.99 -13.36
C SER A 1534 -27.82 -6.86 -12.59
N ALA A 1535 -28.35 -8.00 -12.16
CA ALA A 1535 -29.64 -8.00 -11.48
C ALA A 1535 -29.61 -7.15 -10.22
N LYS A 1536 -28.46 -7.11 -9.54
CA LYS A 1536 -28.36 -6.37 -8.29
C LYS A 1536 -28.70 -4.89 -8.49
N MET A 1537 -27.90 -4.20 -9.31
CA MET A 1537 -28.11 -2.77 -9.51
C MET A 1537 -29.48 -2.46 -10.10
N THR A 1538 -30.03 -3.38 -10.89
CA THR A 1538 -31.24 -3.12 -11.64
C THR A 1538 -32.41 -2.79 -10.71
N TYR A 1539 -32.76 -3.73 -9.83
CA TYR A 1539 -33.90 -3.53 -8.97
C TYR A 1539 -33.64 -2.39 -8.00
N LEU A 1540 -32.37 -2.18 -7.63
CA LEU A 1540 -32.03 -1.04 -6.81
C LEU A 1540 -32.32 0.26 -7.54
N SER A 1541 -32.05 0.30 -8.84
CA SER A 1541 -32.30 1.52 -9.60
C SER A 1541 -33.80 1.80 -9.69
N LEU A 1542 -34.57 0.76 -9.99
CA LEU A 1542 -36.03 0.95 -10.03
C LEU A 1542 -36.56 1.38 -8.67
N ILE A 1543 -35.97 0.86 -7.60
CA ILE A 1543 -36.40 1.23 -6.25
C ILE A 1543 -36.07 2.69 -5.99
N THR A 1544 -34.87 3.13 -6.38
CA THR A 1544 -34.51 4.53 -6.19
C THR A 1544 -35.49 5.44 -6.91
N TYR A 1545 -35.84 5.11 -8.15
CA TYR A 1545 -36.76 5.97 -8.88
C TYR A 1545 -38.13 6.00 -8.23
N GLN A 1546 -38.62 4.85 -7.77
CA GLN A 1546 -39.92 4.82 -7.11
C GLN A 1546 -39.89 5.64 -5.83
N SER A 1547 -38.82 5.51 -5.06
CA SER A 1547 -38.71 6.23 -3.81
C SER A 1547 -38.55 7.73 -4.07
N HIS A 1548 -37.93 8.09 -5.19
CA HIS A 1548 -37.81 9.50 -5.50
C HIS A 1548 -39.16 10.09 -5.86
N LEU A 1549 -39.98 9.35 -6.60
CA LEU A 1549 -41.32 9.84 -6.92
C LEU A 1549 -42.17 9.96 -5.67
N LEU A 1550 -41.95 9.07 -4.71
CA LEU A 1550 -42.73 9.04 -3.48
C LEU A 1550 -42.29 10.10 -2.48
N LEU A 1551 -40.99 10.42 -2.46
CA LEU A 1551 -40.57 11.62 -1.75
C LEU A 1551 -41.10 12.87 -2.44
N GLN A 1552 -41.06 12.87 -3.76
CA GLN A 1552 -41.93 13.71 -4.56
C GLN A 1552 -43.32 13.09 -4.55
N ARG A 1553 -44.23 13.71 -5.28
CA ARG A 1553 -45.67 13.54 -5.09
C ARG A 1553 -46.07 13.90 -3.66
N VAL A 1554 -45.28 14.74 -2.99
CA VAL A 1554 -45.49 15.11 -1.59
C VAL A 1554 -44.93 16.50 -1.37
N GLU A 1555 -45.67 17.30 -0.64
CA GLU A 1555 -45.21 18.61 -0.17
C GLU A 1555 -45.33 18.75 1.34
N ARG A 1556 -46.37 18.19 1.95
CA ARG A 1556 -46.59 18.22 3.39
C ARG A 1556 -46.02 16.95 4.01
N ASN A 1557 -46.26 16.76 5.30
CA ASN A 1557 -45.81 15.56 5.99
C ASN A 1557 -46.41 14.30 5.35
N LEU A 1558 -45.80 13.17 5.67
CA LEU A 1558 -46.17 11.90 5.06
C LEU A 1558 -47.49 11.39 5.65
N SER A 1559 -47.95 10.26 5.10
CA SER A 1559 -49.09 9.53 5.61
C SER A 1559 -48.68 8.10 5.89
N LYS A 1560 -49.50 7.41 6.68
CA LYS A 1560 -49.17 6.05 7.07
C LYS A 1560 -49.10 5.11 5.87
N SER A 1561 -49.89 5.37 4.84
CA SER A 1561 -49.84 4.55 3.64
C SER A 1561 -48.50 4.73 2.92
N MET A 1562 -48.02 5.96 2.85
CA MET A 1562 -46.70 6.22 2.29
C MET A 1562 -45.64 5.47 3.09
N ARG A 1563 -45.77 5.49 4.42
CA ARG A 1563 -44.81 4.78 5.26
C ARG A 1563 -44.88 3.29 5.00
N ASP A 1564 -46.07 2.75 4.78
CA ASP A 1564 -46.20 1.33 4.50
C ASP A 1564 -45.50 0.97 3.20
N ASN A 1565 -45.74 1.77 2.16
CA ASN A 1565 -45.09 1.52 0.88
C ASN A 1565 -43.58 1.61 1.01
N LEU A 1566 -43.10 2.56 1.80
CA LEU A 1566 -41.66 2.73 1.97
C LEU A 1566 -41.06 1.56 2.74
N ARG A 1567 -41.77 1.05 3.74
CA ARG A 1567 -41.28 -0.12 4.46
C ARG A 1567 -41.26 -1.35 3.55
N GLN A 1568 -42.23 -1.45 2.65
CA GLN A 1568 -42.22 -2.55 1.71
C GLN A 1568 -41.02 -2.45 0.77
N LEU A 1569 -40.71 -1.23 0.31
CA LEU A 1569 -39.52 -1.05 -0.51
C LEU A 1569 -38.25 -1.40 0.26
N SER A 1570 -38.21 -1.02 1.54
CA SER A 1570 -37.06 -1.38 2.37
C SER A 1570 -36.91 -2.89 2.47
N SER A 1571 -38.02 -3.59 2.69
CA SER A 1571 -37.97 -5.04 2.77
C SER A 1571 -37.52 -5.64 1.45
N LEU A 1572 -37.94 -5.05 0.34
CA LEU A 1572 -37.58 -5.59 -0.96
C LEU A 1572 -36.10 -5.43 -1.23
N MET A 1573 -35.54 -4.25 -0.95
CA MET A 1573 -34.11 -4.10 -1.13
C MET A 1573 -33.33 -4.95 -0.14
N ARG A 1574 -33.92 -5.22 1.03
CA ARG A 1574 -33.28 -6.15 1.95
C ARG A 1574 -33.23 -7.55 1.36
N GLN A 1575 -34.32 -7.96 0.71
CA GLN A 1575 -34.37 -9.30 0.14
C GLN A 1575 -33.39 -9.43 -1.02
N VAL A 1576 -33.37 -8.44 -1.91
CA VAL A 1576 -32.49 -8.53 -3.08
C VAL A 1576 -31.03 -8.41 -2.67
N LEU A 1577 -30.75 -7.66 -1.61
CA LEU A 1577 -29.37 -7.33 -1.25
C LEU A 1577 -28.80 -8.36 -0.30
N GLY A 1578 -28.85 -9.61 -0.72
CA GLY A 1578 -28.33 -10.71 0.07
C GLY A 1578 -29.03 -10.82 1.41
N GLY A 1579 -28.28 -11.29 2.41
CA GLY A 1579 -28.78 -11.45 3.75
C GLY A 1579 -29.32 -12.84 4.00
N HIS A 1580 -30.30 -12.95 4.91
CA HIS A 1580 -30.90 -14.24 5.26
C HIS A 1580 -32.42 -14.11 5.32
N GLY A 1581 -33.00 -13.33 4.41
CA GLY A 1581 -34.44 -13.23 4.29
C GLY A 1581 -34.98 -14.11 3.18
N GLU A 1582 -36.31 -14.14 3.08
CA GLU A 1582 -36.95 -14.83 1.97
C GLU A 1582 -36.57 -14.15 0.66
N ASP A 1583 -36.79 -14.86 -0.45
CA ASP A 1583 -36.13 -14.44 -1.69
C ASP A 1583 -36.80 -13.21 -2.30
N THR A 1584 -38.08 -13.30 -2.65
CA THR A 1584 -38.89 -12.11 -2.90
C THR A 1584 -40.24 -12.09 -2.22
N LEU A 1585 -40.79 -13.25 -1.86
CA LEU A 1585 -42.07 -13.49 -1.20
C LEU A 1585 -43.28 -13.29 -2.12
N GLU A 1586 -43.08 -12.86 -3.37
CA GLU A 1586 -44.14 -12.75 -4.36
C GLU A 1586 -43.52 -12.32 -5.68
N SER A 1587 -44.34 -12.32 -6.73
CA SER A 1587 -44.04 -11.59 -7.96
C SER A 1587 -45.15 -10.62 -8.36
N ASP A 1588 -46.41 -10.98 -8.10
CA ASP A 1588 -47.51 -10.11 -8.51
C ASP A 1588 -47.56 -8.86 -7.65
N ASP A 1589 -47.29 -8.99 -6.35
CA ASP A 1589 -47.19 -7.82 -5.50
C ASP A 1589 -46.03 -6.93 -5.93
N ASN A 1590 -44.93 -7.55 -6.37
CA ASN A 1590 -43.77 -6.80 -6.86
C ASN A 1590 -44.15 -5.94 -8.06
N ILE A 1591 -44.67 -6.58 -9.11
CA ILE A 1591 -45.03 -5.82 -10.30
C ILE A 1591 -46.10 -4.78 -9.97
N GLN A 1592 -47.07 -5.13 -9.13
CA GLN A 1592 -48.10 -4.16 -8.78
C GLN A 1592 -47.54 -3.00 -7.97
N ARG A 1593 -46.42 -3.19 -7.28
CA ARG A 1593 -45.82 -2.14 -6.48
C ARG A 1593 -44.88 -1.26 -7.29
N LEU A 1594 -44.32 -1.77 -8.39
CA LEU A 1594 -43.40 -0.99 -9.20
C LEU A 1594 -43.96 -0.49 -10.52
N LEU A 1595 -45.09 -1.03 -10.99
CA LEU A 1595 -45.64 -0.56 -12.24
C LEU A 1595 -46.31 0.79 -12.06
N LYS A 1596 -46.42 1.51 -13.17
CA LYS A 1596 -47.01 2.83 -13.29
C LYS A 1596 -46.15 3.90 -12.64
N ASP A 1597 -45.02 3.54 -12.01
CA ASP A 1597 -44.16 4.49 -11.35
C ASP A 1597 -42.71 4.44 -11.82
N SER A 1598 -42.18 3.27 -12.13
CA SER A 1598 -40.81 3.14 -12.62
C SER A 1598 -40.70 2.40 -13.94
N LEU A 1599 -41.53 1.38 -14.17
CA LEU A 1599 -41.30 0.51 -15.31
C LEU A 1599 -41.62 1.22 -16.61
N ARG A 1600 -42.73 1.96 -16.65
CA ARG A 1600 -43.08 2.79 -17.78
C ARG A 1600 -42.53 4.19 -17.67
N ARG A 1601 -41.46 4.36 -16.88
CA ARG A 1601 -40.75 5.62 -16.81
C ARG A 1601 -39.24 5.41 -16.81
N THR A 1602 -38.76 4.19 -17.08
CA THR A 1602 -37.39 3.95 -17.46
C THR A 1602 -37.34 3.53 -18.93
N ARG A 1603 -36.25 3.90 -19.59
CA ARG A 1603 -35.98 3.48 -20.97
C ARG A 1603 -34.56 2.93 -20.97
N TRP A 1604 -34.45 1.63 -20.70
CA TRP A 1604 -33.15 0.98 -20.67
C TRP A 1604 -32.53 0.93 -22.05
N VAL A 1605 -31.20 1.02 -22.08
CA VAL A 1605 -30.42 0.91 -23.31
C VAL A 1605 -29.49 -0.28 -23.18
N ASP A 1606 -29.26 -0.96 -24.31
CA ASP A 1606 -28.25 -2.00 -24.39
C ASP A 1606 -26.95 -1.44 -24.94
N GLN A 1607 -26.36 -0.54 -24.16
CA GLN A 1607 -25.14 0.13 -24.58
C GLN A 1607 -24.44 0.73 -23.36
N GLU A 1608 -23.12 0.82 -23.45
CA GLU A 1608 -22.31 1.42 -22.41
C GLU A 1608 -22.12 2.91 -22.68
N VAL A 1609 -21.84 3.66 -21.62
CA VAL A 1609 -21.76 5.11 -21.74
C VAL A 1609 -20.58 5.52 -22.62
N ARG A 1610 -19.47 4.80 -22.50
CA ARG A 1610 -18.22 5.23 -23.13
C ARG A 1610 -18.38 5.29 -24.64
N HIS A 1611 -18.73 4.15 -25.24
CA HIS A 1611 -18.86 4.08 -26.68
C HIS A 1611 -19.94 5.02 -27.22
N ALA A 1612 -20.77 5.63 -26.37
CA ALA A 1612 -21.68 6.65 -26.89
C ALA A 1612 -20.94 7.78 -27.58
N ALA A 1613 -19.66 7.97 -27.23
CA ALA A 1613 -18.83 8.99 -27.85
C ALA A 1613 -18.79 8.84 -29.36
N ARG A 1614 -19.08 7.65 -29.87
CA ARG A 1614 -19.12 7.46 -31.31
C ARG A 1614 -20.17 8.35 -31.96
N THR A 1615 -21.43 8.16 -31.60
CA THR A 1615 -22.46 8.49 -32.58
C THR A 1615 -22.97 9.92 -32.48
N MET A 1616 -23.50 10.30 -31.33
CA MET A 1616 -24.08 11.63 -31.11
C MET A 1616 -23.33 12.43 -30.08
N THR A 1617 -22.91 11.80 -28.99
CA THR A 1617 -22.12 12.49 -27.98
C THR A 1617 -20.85 13.09 -28.58
N GLY A 1618 -20.31 12.46 -29.63
CA GLY A 1618 -19.14 13.00 -30.27
C GLY A 1618 -19.42 14.24 -31.09
N ASP A 1619 -20.65 14.37 -31.58
CA ASP A 1619 -21.02 15.58 -32.31
C ASP A 1619 -21.06 16.75 -31.34
N TYR A 1620 -20.07 17.62 -31.43
CA TYR A 1620 -20.01 18.77 -30.54
C TYR A 1620 -21.20 19.69 -30.76
N SER A 1621 -21.73 20.23 -29.67
CA SER A 1621 -22.82 21.20 -29.71
C SER A 1621 -22.23 22.60 -29.67
N PRO A 1622 -22.08 23.29 -30.80
CA PRO A 1622 -21.56 24.66 -30.75
C PRO A 1622 -22.43 25.57 -29.89
N ASN A 1623 -21.82 26.18 -28.88
CA ASN A 1623 -22.52 27.08 -27.99
C ASN A 1623 -22.81 28.39 -28.73
N LYS A 1624 -24.08 28.57 -29.11
CA LYS A 1624 -24.50 29.73 -29.87
C LYS A 1624 -25.02 30.86 -28.97
N LYS A 1625 -24.58 30.91 -27.72
CA LYS A 1625 -24.79 32.05 -26.84
C LYS A 1625 -23.52 32.91 -26.83
N VAL A 1626 -23.69 34.18 -26.48
CA VAL A 1626 -22.60 35.14 -26.57
C VAL A 1626 -22.28 35.78 -25.23
N SER A 1627 -23.25 36.45 -24.61
CA SER A 1627 -22.99 37.23 -23.41
C SER A 1627 -24.31 37.48 -22.69
N ARG A 1628 -24.26 38.34 -21.67
CA ARG A 1628 -25.41 38.68 -20.84
C ARG A 1628 -25.62 40.19 -20.77
N LYS A 1629 -25.16 40.93 -21.79
CA LYS A 1629 -25.44 42.36 -21.94
C LYS A 1629 -24.98 43.17 -20.72
N VAL A 1630 -23.67 43.13 -20.46
CA VAL A 1630 -23.05 43.90 -19.38
C VAL A 1630 -22.05 44.88 -19.99
N GLY A 1631 -21.77 45.93 -19.23
CA GLY A 1631 -20.97 47.04 -19.71
C GLY A 1631 -19.52 46.69 -19.94
N CYS A 1632 -18.74 47.73 -20.25
CA CYS A 1632 -17.33 47.58 -20.60
C CYS A 1632 -16.45 47.23 -19.42
N SER A 1633 -16.93 47.38 -18.18
CA SER A 1633 -16.17 47.05 -16.98
C SER A 1633 -14.85 47.82 -16.93
N GLU A 1634 -14.98 49.14 -16.90
CA GLU A 1634 -13.82 50.03 -16.79
C GLU A 1634 -12.94 49.64 -15.61
N TRP A 1635 -11.64 49.73 -15.82
CA TRP A 1635 -10.65 49.21 -14.87
C TRP A 1635 -10.17 50.32 -13.93
N VAL A 1636 -9.44 49.90 -12.89
CA VAL A 1636 -9.14 50.76 -11.76
C VAL A 1636 -7.80 50.40 -11.15
N CYS A 1637 -7.28 51.31 -10.32
CA CYS A 1637 -6.00 51.18 -9.65
C CYS A 1637 -6.11 51.90 -8.32
N SER A 1638 -4.97 52.12 -7.66
CA SER A 1638 -4.94 52.85 -6.40
C SER A 1638 -3.59 53.56 -6.30
N ALA A 1639 -3.30 54.08 -5.10
CA ALA A 1639 -2.18 54.98 -4.90
C ALA A 1639 -0.87 54.19 -4.81
N GLN A 1640 0.21 54.88 -4.46
CA GLN A 1640 1.54 54.28 -4.45
C GLN A 1640 2.48 55.19 -3.67
N GLN A 1641 3.76 54.83 -3.66
CA GLN A 1641 4.79 55.67 -3.06
C GLN A 1641 6.14 55.18 -3.52
N VAL A 1642 7.04 56.12 -3.79
CA VAL A 1642 8.38 55.84 -4.29
C VAL A 1642 9.37 55.97 -3.15
N ALA A 1643 10.50 55.27 -3.26
CA ALA A 1643 11.59 55.38 -2.32
C ALA A 1643 12.90 55.18 -3.07
N VAL A 1644 13.95 55.74 -2.52
CA VAL A 1644 15.25 55.74 -3.17
C VAL A 1644 16.09 54.60 -2.62
N SER A 1645 17.02 54.11 -3.43
CA SER A 1645 17.93 53.05 -3.03
C SER A 1645 19.20 53.19 -3.86
N THR A 1646 20.24 53.74 -3.23
CA THR A 1646 21.53 53.90 -3.87
C THR A 1646 22.49 52.82 -3.35
N SER A 1647 23.72 52.84 -3.86
CA SER A 1647 24.65 51.76 -3.56
C SER A 1647 26.08 52.26 -3.71
N ALA A 1648 27.01 51.55 -3.06
CA ALA A 1648 28.43 51.77 -3.21
C ALA A 1648 29.18 50.57 -2.64
N ASN A 1649 30.51 50.63 -2.69
CA ASN A 1649 31.32 49.50 -2.23
C ASN A 1649 31.34 49.37 -0.71
N PRO A 1650 31.76 50.37 0.06
CA PRO A 1650 32.16 50.10 1.46
C PRO A 1650 31.03 49.58 2.33
N ALA A 1651 29.87 50.21 2.28
CA ALA A 1651 28.70 49.75 3.03
C ALA A 1651 28.94 49.72 4.53
N PRO A 1652 29.17 50.87 5.19
CA PRO A 1652 29.19 50.87 6.66
C PRO A 1652 27.83 50.55 7.23
N VAL A 1653 27.72 50.46 8.56
CA VAL A 1653 26.49 50.00 9.18
C VAL A 1653 26.31 50.70 10.51
N SER A 1654 25.05 51.05 10.81
CA SER A 1654 24.63 51.56 12.11
C SER A 1654 23.92 50.44 12.87
N GLU A 1655 23.53 50.74 14.11
CA GLU A 1655 22.88 49.78 14.99
C GLU A 1655 21.43 50.10 15.27
N LEU A 1656 21.06 51.37 15.35
CA LEU A 1656 19.68 51.72 15.66
C LEU A 1656 18.76 51.45 14.48
N ASP A 1657 19.28 51.56 13.27
CA ASP A 1657 18.46 51.28 12.09
C ASP A 1657 18.09 49.80 12.03
N ILE A 1658 19.09 48.93 12.23
CA ILE A 1658 18.80 47.50 12.35
C ILE A 1658 17.86 47.26 13.51
N ARG A 1659 18.01 48.04 14.58
CA ARG A 1659 17.24 47.80 15.80
C ARG A 1659 15.78 48.11 15.58
N ALA A 1660 15.47 49.14 14.80
CA ALA A 1660 14.11 49.57 14.54
C ALA A 1660 13.51 48.94 13.30
N LEU A 1661 14.33 48.34 12.43
CA LEU A 1661 13.87 47.81 11.16
C LEU A 1661 13.76 46.29 11.14
N SER A 1662 14.63 45.56 11.84
CA SER A 1662 14.76 44.13 11.69
C SER A 1662 13.84 43.35 12.60
N LYS A 1663 12.76 43.97 13.08
CA LYS A 1663 11.84 43.34 14.03
C LYS A 1663 10.53 43.05 13.30
N ARG A 1664 10.40 41.82 12.81
CA ARG A 1664 9.23 41.41 12.06
C ARG A 1664 8.02 41.34 12.98
N PHE A 1665 6.99 42.12 12.65
CA PHE A 1665 5.71 42.08 13.34
C PHE A 1665 4.71 41.33 12.49
N GLN A 1666 3.47 41.25 12.97
CA GLN A 1666 2.37 40.75 12.15
C GLN A 1666 1.05 41.21 12.75
N ASN A 1667 0.24 41.86 11.93
CA ASN A 1667 -1.03 42.45 12.34
C ASN A 1667 -1.94 42.55 11.13
N PRO A 1668 -2.74 41.54 10.82
CA PRO A 1668 -3.59 41.61 9.62
C PRO A 1668 -4.80 42.47 9.87
N LEU A 1669 -4.81 43.66 9.26
CA LEU A 1669 -6.01 44.40 8.95
C LEU A 1669 -6.15 44.59 7.45
N ILE A 1670 -5.08 45.01 6.81
CA ILE A 1670 -5.16 45.41 5.41
C ILE A 1670 -5.03 44.20 4.51
N SER A 1671 -4.40 43.13 4.97
CA SER A 1671 -4.47 41.86 4.26
C SER A 1671 -5.88 41.32 4.22
N GLY A 1672 -6.77 41.82 5.08
CA GLY A 1672 -8.18 41.49 5.01
C GLY A 1672 -8.95 42.52 4.24
N LEU A 1673 -8.46 43.76 4.21
CA LEU A 1673 -9.06 44.73 3.31
C LEU A 1673 -8.74 44.45 1.85
N ARG A 1674 -7.76 43.59 1.57
CA ARG A 1674 -7.49 43.18 0.20
C ARG A 1674 -8.57 42.18 -0.17
N VAL A 1675 -9.70 42.71 -0.61
CA VAL A 1675 -10.91 41.90 -0.77
C VAL A 1675 -10.68 40.78 -1.77
N VAL A 1676 -10.33 41.15 -3.00
CA VAL A 1676 -10.17 40.16 -4.05
C VAL A 1676 -8.98 39.27 -3.75
N GLN A 1677 -9.12 37.99 -4.07
CA GLN A 1677 -8.03 37.03 -3.95
C GLN A 1677 -8.03 36.17 -5.20
N TRP A 1678 -6.89 36.08 -5.87
CA TRP A 1678 -6.71 35.14 -6.96
C TRP A 1678 -5.68 34.08 -6.64
N ALA A 1679 -4.48 34.48 -6.21
CA ALA A 1679 -3.61 33.60 -5.46
C ALA A 1679 -3.39 34.07 -4.02
N THR A 1680 -2.96 35.32 -3.84
CA THR A 1680 -2.88 35.91 -2.51
C THR A 1680 -3.33 37.37 -2.46
N GLY A 1681 -3.84 37.94 -3.55
CA GLY A 1681 -4.17 39.35 -3.56
C GLY A 1681 -2.95 40.25 -3.72
N ALA A 1682 -2.16 40.00 -4.76
CA ALA A 1682 -0.92 40.75 -5.02
C ALA A 1682 -1.04 41.72 -6.18
N HIS A 1683 -1.94 41.46 -7.13
CA HIS A 1683 -2.10 42.37 -8.25
C HIS A 1683 -2.52 43.75 -7.76
N TYR A 1684 -3.25 43.82 -6.66
CA TYR A 1684 -3.48 45.10 -5.99
C TYR A 1684 -2.18 45.85 -5.79
N LYS A 1685 -1.13 45.14 -5.39
CA LYS A 1685 0.15 45.79 -5.11
C LYS A 1685 0.95 46.06 -6.37
N LEU A 1686 0.73 45.29 -7.44
CA LEU A 1686 1.54 45.41 -8.64
C LEU A 1686 0.82 46.11 -9.80
N LYS A 1687 -0.34 46.72 -9.55
CA LYS A 1687 -0.88 47.66 -10.51
C LYS A 1687 0.03 48.87 -10.70
N PRO A 1688 0.38 49.63 -9.65
CA PRO A 1688 0.89 50.99 -9.87
C PRO A 1688 2.25 51.02 -10.54
N ILE A 1689 3.13 50.09 -10.19
CA ILE A 1689 4.48 50.09 -10.76
C ILE A 1689 4.41 49.98 -12.27
N LEU A 1690 3.57 49.07 -12.76
CA LEU A 1690 3.48 48.88 -14.19
C LEU A 1690 2.67 49.99 -14.85
N ASP A 1691 1.69 50.54 -14.14
CA ASP A 1691 1.03 51.74 -14.67
C ASP A 1691 2.02 52.88 -14.82
N ASP A 1692 3.08 52.90 -14.00
CA ASP A 1692 4.13 53.89 -14.14
C ASP A 1692 5.09 53.52 -15.28
N LEU A 1693 5.22 52.23 -15.56
CA LEU A 1693 6.13 51.82 -16.62
C LEU A 1693 5.66 52.34 -17.96
N ASN A 1694 6.62 52.66 -18.84
CA ASN A 1694 6.36 53.38 -20.08
C ASN A 1694 7.00 52.71 -21.28
N VAL A 1695 6.87 51.38 -21.38
CA VAL A 1695 7.30 50.65 -22.57
C VAL A 1695 6.22 49.80 -23.19
N PHE A 1696 5.17 49.42 -22.47
CA PHE A 1696 4.20 48.43 -22.93
C PHE A 1696 4.95 47.17 -23.40
N PRO A 1697 5.56 46.42 -22.49
CA PRO A 1697 6.43 45.33 -22.91
C PRO A 1697 5.67 44.20 -23.58
N SER A 1698 6.26 43.68 -24.65
CA SER A 1698 5.68 42.52 -25.32
C SER A 1698 5.85 41.23 -24.54
N LEU A 1699 6.90 41.12 -23.71
CA LEU A 1699 7.34 39.84 -23.17
C LEU A 1699 7.68 39.95 -21.70
N CYS A 1700 6.80 39.43 -20.84
CA CYS A 1700 7.08 39.28 -19.42
C CYS A 1700 7.50 37.86 -19.05
N LEU A 1701 8.35 37.78 -18.04
CA LEU A 1701 8.78 36.51 -17.45
C LEU A 1701 8.41 36.53 -15.97
N VAL A 1702 7.26 35.96 -15.64
CA VAL A 1702 6.81 35.89 -14.26
C VAL A 1702 7.36 34.63 -13.63
N VAL A 1703 7.89 34.73 -12.40
CA VAL A 1703 8.43 33.57 -11.72
C VAL A 1703 8.05 33.56 -10.24
N GLY A 1704 8.09 32.34 -9.67
CA GLY A 1704 7.84 32.14 -8.27
C GLY A 1704 6.38 32.17 -7.86
N ASP A 1705 5.50 32.73 -8.68
CA ASP A 1705 4.13 32.90 -8.24
C ASP A 1705 3.39 31.57 -8.32
N GLY A 1706 2.28 31.49 -7.58
CA GLY A 1706 1.48 30.29 -7.58
C GLY A 1706 0.53 30.16 -8.75
N SER A 1707 -0.26 31.20 -9.00
CA SER A 1707 -1.37 31.08 -9.93
C SER A 1707 -1.80 32.46 -10.42
N GLY A 1708 -1.75 32.67 -11.74
CA GLY A 1708 -2.44 33.79 -12.34
C GLY A 1708 -2.09 35.15 -11.77
N GLY A 1709 -3.05 35.78 -11.09
CA GLY A 1709 -2.70 36.82 -10.15
C GLY A 1709 -1.95 37.97 -10.76
N ILE A 1710 -0.67 38.06 -10.38
CA ILE A 1710 0.24 39.05 -10.95
C ILE A 1710 0.27 38.91 -12.46
N SER A 1711 0.41 37.67 -12.94
CA SER A 1711 0.40 37.41 -14.38
C SER A 1711 -0.91 37.86 -14.99
N ARG A 1712 -2.01 37.51 -14.35
CA ARG A 1712 -3.32 37.86 -14.90
C ARG A 1712 -3.48 39.36 -15.02
N ALA A 1713 -2.98 40.10 -14.03
CA ALA A 1713 -3.03 41.56 -14.11
C ALA A 1713 -2.15 42.08 -15.22
N VAL A 1714 -0.99 41.45 -15.41
CA VAL A 1714 -0.11 41.83 -16.51
C VAL A 1714 -0.83 41.67 -17.84
N LEU A 1715 -1.60 40.61 -17.97
CA LEU A 1715 -2.35 40.40 -19.21
C LEU A 1715 -3.53 41.36 -19.32
N ASN A 1716 -4.06 41.82 -18.19
CA ASN A 1716 -5.09 42.85 -18.23
C ASN A 1716 -4.53 44.14 -18.81
N MET A 1717 -3.49 44.68 -18.18
CA MET A 1717 -2.97 45.99 -18.57
C MET A 1717 -2.51 45.99 -20.01
N PHE A 1718 -1.51 45.17 -20.34
CA PHE A 1718 -0.93 45.19 -21.67
C PHE A 1718 -1.60 44.13 -22.55
N PRO A 1719 -2.50 44.50 -23.47
CA PRO A 1719 -3.09 43.48 -24.34
C PRO A 1719 -2.07 42.79 -25.24
N ASP A 1720 -1.08 43.53 -25.71
CA ASP A 1720 -0.09 42.99 -26.65
C ASP A 1720 1.12 42.47 -25.87
N ALA A 1721 0.85 41.51 -25.00
CA ALA A 1721 1.83 40.98 -24.07
C ALA A 1721 1.70 39.47 -23.98
N LYS A 1722 2.82 38.82 -23.68
CA LYS A 1722 2.85 37.39 -23.49
C LYS A 1722 3.76 37.09 -22.30
N LEU A 1723 3.84 35.82 -21.95
CA LEU A 1723 4.17 35.42 -20.58
C LEU A 1723 4.99 34.15 -20.54
N VAL A 1724 5.88 34.08 -19.57
CA VAL A 1724 6.60 32.86 -19.24
C VAL A 1724 6.37 32.57 -17.76
N PHE A 1725 5.44 31.66 -17.49
CA PHE A 1725 5.15 31.12 -16.15
C PHE A 1725 6.27 30.22 -15.64
N ASN A 1726 6.96 30.67 -14.59
CA ASN A 1726 7.87 29.86 -13.80
C ASN A 1726 7.29 29.54 -12.42
N SER A 1727 5.98 29.29 -12.38
CA SER A 1727 5.32 28.82 -11.18
C SER A 1727 5.73 27.38 -10.83
N LEU A 1728 6.17 27.19 -9.59
CA LEU A 1728 6.52 25.87 -9.06
C LEU A 1728 5.33 24.92 -9.04
N LEU A 1729 5.61 23.63 -9.27
CA LEU A 1729 4.58 22.60 -9.24
C LEU A 1729 4.25 22.14 -7.81
N GLU A 1730 5.25 21.63 -7.10
CA GLU A 1730 5.09 21.08 -5.75
C GLU A 1730 3.88 20.14 -5.65
N VAL A 1731 3.92 19.06 -6.43
CA VAL A 1731 2.80 18.13 -6.48
C VAL A 1731 2.62 17.45 -5.12
N ASN A 1732 1.39 17.04 -4.83
CA ASN A 1732 1.03 16.28 -3.65
C ASN A 1732 0.36 14.98 -4.04
N ASP A 1733 0.23 14.09 -3.06
CA ASP A 1733 -0.36 12.77 -3.28
C ASP A 1733 -1.88 12.79 -3.34
N LEU A 1734 -2.51 13.95 -3.25
CA LEU A 1734 -3.97 14.04 -3.34
C LEU A 1734 -4.46 14.06 -4.79
N MET A 1735 -3.57 13.94 -5.76
CA MET A 1735 -3.94 14.08 -7.16
C MET A 1735 -4.50 12.75 -7.65
N ALA A 1736 -4.73 12.64 -8.95
CA ALA A 1736 -5.17 11.39 -9.55
C ALA A 1736 -4.01 10.41 -9.62
N SER A 1737 -4.27 9.25 -10.20
CA SER A 1737 -3.26 8.20 -10.20
C SER A 1737 -2.21 8.45 -11.28
N GLY A 1738 -2.63 8.51 -12.54
CA GLY A 1738 -1.69 8.75 -13.62
C GLY A 1738 -1.75 10.11 -14.29
N THR A 1739 -2.95 10.66 -14.42
CA THR A 1739 -3.17 11.76 -15.36
C THR A 1739 -2.33 12.97 -15.00
N HIS A 1740 -2.05 13.79 -16.01
CA HIS A 1740 -1.24 14.97 -15.81
C HIS A 1740 -2.01 16.04 -15.06
N PRO A 1741 -1.32 16.93 -14.35
CA PRO A 1741 -2.00 18.06 -13.72
C PRO A 1741 -2.51 19.06 -14.74
N LEU A 1742 -3.32 19.98 -14.27
CA LEU A 1742 -4.00 20.97 -15.09
C LEU A 1742 -3.49 22.37 -14.80
N PRO A 1743 -3.64 23.31 -15.74
CA PRO A 1743 -3.03 24.62 -15.58
C PRO A 1743 -3.66 25.40 -14.45
N PRO A 1744 -3.08 26.55 -14.06
CA PRO A 1744 -3.62 27.29 -12.92
C PRO A 1744 -4.99 27.89 -13.22
N SER A 1745 -5.88 27.75 -12.25
CA SER A 1745 -7.29 28.02 -12.51
C SER A 1745 -7.50 29.50 -12.76
N ALA A 1746 -6.69 30.34 -12.12
CA ALA A 1746 -6.84 31.78 -12.27
C ALA A 1746 -6.77 32.18 -13.72
N ILE A 1747 -5.83 31.60 -14.47
CA ILE A 1747 -5.69 32.04 -15.84
C ILE A 1747 -6.84 31.49 -16.67
N MET A 1748 -7.24 30.25 -16.39
CA MET A 1748 -8.41 29.73 -17.06
C MET A 1748 -9.67 30.48 -16.66
N ARG A 1749 -9.63 31.29 -15.60
CA ARG A 1749 -10.76 32.18 -15.32
C ARG A 1749 -10.77 33.39 -16.22
N GLY A 1750 -9.59 33.79 -16.73
CA GLY A 1750 -9.50 35.00 -17.52
C GLY A 1750 -10.34 35.01 -18.77
N GLY A 1751 -10.01 34.14 -19.72
CA GLY A 1751 -10.76 34.07 -20.95
C GLY A 1751 -9.94 33.48 -22.08
N ASN A 1752 -10.56 33.49 -23.26
CA ASN A 1752 -9.99 32.82 -24.42
C ASN A 1752 -8.87 33.64 -25.02
N ASP A 1753 -9.09 34.94 -25.18
CA ASP A 1753 -8.06 35.79 -25.78
C ASP A 1753 -6.86 35.89 -24.85
N ILE A 1754 -7.10 36.13 -23.56
CA ILE A 1754 -6.00 36.21 -22.59
C ILE A 1754 -5.24 34.89 -22.53
N VAL A 1755 -5.94 33.77 -22.72
CA VAL A 1755 -5.26 32.50 -22.65
C VAL A 1755 -4.41 32.27 -23.90
N SER A 1756 -4.97 32.56 -25.07
CA SER A 1756 -4.20 32.39 -26.29
C SER A 1756 -3.00 33.30 -26.33
N ARG A 1757 -3.09 34.50 -25.75
CA ARG A 1757 -1.90 35.34 -25.64
C ARG A 1757 -0.98 34.91 -24.51
N VAL A 1758 -1.35 33.87 -23.74
CA VAL A 1758 -0.30 33.09 -23.08
C VAL A 1758 0.37 32.17 -24.11
N ILE A 1759 1.60 31.77 -23.83
CA ILE A 1759 2.37 31.05 -24.84
C ILE A 1759 1.85 29.63 -25.01
N ASP A 1760 1.88 28.86 -23.94
CA ASP A 1760 1.46 27.45 -23.98
C ASP A 1760 0.93 27.08 -22.61
N LEU A 1761 -0.35 26.77 -22.53
CA LEU A 1761 -1.00 26.51 -21.26
C LEU A 1761 -1.13 25.02 -20.96
N ASP A 1762 -1.37 24.19 -21.98
CA ASP A 1762 -1.48 22.77 -21.79
C ASP A 1762 -0.13 22.06 -21.80
N SER A 1763 0.97 22.80 -21.72
CA SER A 1763 2.29 22.20 -21.76
C SER A 1763 3.23 22.84 -20.74
N ILE A 1764 2.69 23.31 -19.61
CA ILE A 1764 3.54 23.90 -18.58
C ILE A 1764 4.23 22.82 -17.76
N TRP A 1765 3.44 21.90 -17.21
CA TRP A 1765 3.99 20.83 -16.37
C TRP A 1765 5.08 20.05 -17.08
N GLU A 1766 5.01 19.97 -18.40
CA GLU A 1766 6.11 19.37 -19.15
C GLU A 1766 7.41 20.15 -19.00
N LYS A 1767 7.30 21.45 -18.67
CA LYS A 1767 8.49 22.26 -18.48
C LYS A 1767 8.94 22.23 -17.02
N PRO A 1768 10.21 22.47 -16.74
CA PRO A 1768 10.66 22.48 -15.36
C PRO A 1768 10.24 23.74 -14.63
N SER A 1769 10.37 23.69 -13.30
CA SER A 1769 10.05 24.82 -12.45
C SER A 1769 11.09 25.04 -11.36
N ASP A 1770 12.24 24.37 -11.42
CA ASP A 1770 13.23 24.44 -10.35
C ASP A 1770 13.99 25.75 -10.51
N LEU A 1771 13.62 26.73 -9.69
CA LEU A 1771 14.32 28.01 -9.70
C LEU A 1771 15.80 27.85 -9.38
N ARG A 1772 16.12 26.92 -8.50
CA ARG A 1772 17.50 26.76 -8.05
C ARG A 1772 18.39 26.06 -9.08
N ASN A 1773 17.84 25.59 -10.19
CA ASN A 1773 18.62 24.96 -11.26
C ASN A 1773 18.76 25.90 -12.45
N LEU A 1774 19.61 25.49 -13.39
CA LEU A 1774 19.90 26.30 -14.57
C LEU A 1774 19.00 26.01 -15.75
N ALA A 1775 18.49 24.77 -15.84
CA ALA A 1775 17.72 24.38 -17.01
C ALA A 1775 16.49 25.25 -17.20
N THR A 1776 15.91 25.74 -16.10
CA THR A 1776 14.79 26.66 -16.21
C THR A 1776 15.17 27.90 -17.01
N TRP A 1777 16.35 28.44 -16.75
CA TRP A 1777 16.74 29.66 -17.42
C TRP A 1777 17.18 29.39 -18.86
N LYS A 1778 17.71 28.20 -19.10
CA LYS A 1778 17.94 27.81 -20.48
C LYS A 1778 16.63 27.67 -21.23
N TYR A 1779 15.57 27.23 -20.55
CA TYR A 1779 14.26 27.16 -21.20
C TYR A 1779 13.73 28.55 -21.52
N PHE A 1780 13.97 29.51 -20.63
CA PHE A 1780 13.56 30.88 -20.92
C PHE A 1780 14.29 31.41 -22.16
N GLN A 1781 15.60 31.20 -22.21
CA GLN A 1781 16.34 31.64 -23.39
C GLN A 1781 15.88 30.93 -24.64
N SER A 1782 15.53 29.64 -24.53
CA SER A 1782 15.01 28.91 -25.68
C SER A 1782 13.70 29.51 -26.17
N VAL A 1783 12.84 29.94 -25.25
CA VAL A 1783 11.61 30.60 -25.65
C VAL A 1783 11.93 31.90 -26.38
N GLN A 1784 12.91 32.63 -25.86
CA GLN A 1784 13.28 33.90 -26.49
C GLN A 1784 13.80 33.67 -27.90
N LYS A 1785 14.48 32.55 -28.13
CA LYS A 1785 15.03 32.30 -29.46
C LYS A 1785 13.97 31.76 -30.40
N GLN A 1786 13.14 30.82 -29.94
CA GLN A 1786 12.15 30.23 -30.82
C GLN A 1786 11.13 31.27 -31.25
N VAL A 1787 10.78 32.21 -30.38
CA VAL A 1787 9.84 33.26 -30.71
C VAL A 1787 10.62 34.49 -31.16
N ASN A 1788 10.13 35.15 -32.20
CA ASN A 1788 10.80 36.33 -32.75
C ASN A 1788 10.51 37.52 -31.83
N MET A 1789 11.12 37.47 -30.65
CA MET A 1789 10.88 38.44 -29.60
C MET A 1789 12.05 38.42 -28.65
N SER A 1790 12.10 39.44 -27.79
CA SER A 1790 13.15 39.57 -26.80
C SER A 1790 12.55 40.04 -25.49
N TYR A 1791 13.02 39.46 -24.39
CA TYR A 1791 12.48 39.80 -23.09
C TYR A 1791 12.58 41.29 -22.81
N ASP A 1792 11.56 41.83 -22.19
CA ASP A 1792 11.54 43.21 -21.76
C ASP A 1792 11.23 43.36 -20.28
N LEU A 1793 10.37 42.51 -19.73
CA LEU A 1793 10.02 42.58 -18.31
C LEU A 1793 10.28 41.26 -17.61
N ILE A 1794 10.69 41.37 -16.35
CA ILE A 1794 10.81 40.22 -15.47
C ILE A 1794 10.16 40.55 -14.14
N ILE A 1795 9.47 39.57 -13.57
CA ILE A 1795 8.80 39.70 -12.29
C ILE A 1795 9.17 38.51 -11.43
N CYS A 1796 9.59 38.76 -10.19
CA CYS A 1796 9.89 37.71 -9.25
C CYS A 1796 9.11 37.95 -7.96
N ASP A 1797 8.29 36.95 -7.60
CA ASP A 1797 7.41 37.08 -6.44
C ASP A 1797 7.46 35.83 -5.59
N ALA A 1798 8.64 35.23 -5.48
CA ALA A 1798 8.80 34.04 -4.65
C ALA A 1798 8.93 34.45 -3.20
N GLU A 1799 7.93 34.11 -2.39
CA GLU A 1799 8.02 34.35 -0.95
C GLU A 1799 8.83 33.22 -0.32
N VAL A 1800 9.92 33.60 0.34
CA VAL A 1800 10.77 32.64 1.03
C VAL A 1800 11.32 33.29 2.29
N THR A 1801 11.35 32.53 3.38
CA THR A 1801 12.01 32.96 4.61
C THR A 1801 13.43 32.44 4.71
N ASP A 1802 13.76 31.37 3.98
CA ASP A 1802 15.10 30.80 4.00
C ASP A 1802 16.05 31.73 3.25
N ILE A 1803 17.32 31.31 3.18
CA ILE A 1803 18.41 32.15 2.66
C ILE A 1803 19.06 31.53 1.43
N ALA A 1804 19.45 30.25 1.52
CA ALA A 1804 20.21 29.63 0.44
C ALA A 1804 19.41 29.62 -0.87
N SER A 1805 18.10 29.34 -0.77
CA SER A 1805 17.28 29.26 -1.96
C SER A 1805 17.22 30.61 -2.67
N ILE A 1806 16.98 31.68 -1.91
CA ILE A 1806 16.90 32.99 -2.54
C ILE A 1806 18.26 33.43 -3.05
N ASN A 1807 19.34 33.00 -2.40
CA ASN A 1807 20.68 33.30 -2.92
C ASN A 1807 20.86 32.68 -4.30
N ARG A 1808 20.52 31.40 -4.43
CA ARG A 1808 20.62 30.73 -5.73
C ARG A 1808 19.73 31.43 -6.76
N ILE A 1809 18.51 31.78 -6.35
CA ILE A 1809 17.58 32.45 -7.25
C ILE A 1809 18.19 33.72 -7.79
N THR A 1810 18.82 34.50 -6.92
CA THR A 1810 19.36 35.78 -7.34
C THR A 1810 20.59 35.60 -8.22
N LEU A 1811 21.43 34.60 -7.88
CA LEU A 1811 22.57 34.29 -8.74
C LEU A 1811 22.11 34.02 -10.18
N LEU A 1812 21.12 33.14 -10.33
CA LEU A 1812 20.73 32.78 -11.68
C LEU A 1812 19.96 33.90 -12.37
N MET A 1813 19.17 34.67 -11.63
CA MET A 1813 18.50 35.82 -12.24
C MET A 1813 19.50 36.85 -12.71
N SER A 1814 20.60 37.02 -11.96
CA SER A 1814 21.64 37.95 -12.38
C SER A 1814 22.31 37.47 -13.66
N ASP A 1815 22.67 36.18 -13.71
CA ASP A 1815 23.28 35.66 -14.93
C ASP A 1815 22.32 35.75 -16.10
N PHE A 1816 21.01 35.71 -15.83
CA PHE A 1816 20.02 35.82 -16.91
C PHE A 1816 19.98 37.24 -17.46
N ALA A 1817 19.73 38.21 -16.58
CA ALA A 1817 19.69 39.59 -17.02
C ALA A 1817 21.00 40.01 -17.66
N LEU A 1818 22.12 39.43 -17.21
CA LEU A 1818 23.36 39.64 -17.92
C LEU A 1818 23.32 38.96 -19.29
N SER A 1819 22.60 37.85 -19.40
CA SER A 1819 22.26 37.28 -20.70
C SER A 1819 20.91 37.81 -21.19
N ILE A 1820 20.82 39.13 -21.20
CA ILE A 1820 19.87 39.86 -22.04
C ILE A 1820 20.59 41.12 -22.51
N ASP A 1821 20.34 41.51 -23.75
CA ASP A 1821 21.01 42.67 -24.35
C ASP A 1821 20.11 43.89 -24.51
N GLY A 1822 18.82 43.70 -24.75
CA GLY A 1822 17.93 44.80 -24.99
C GLY A 1822 17.60 45.55 -23.72
N PRO A 1823 16.69 46.52 -23.80
CA PRO A 1823 16.23 47.19 -22.58
C PRO A 1823 15.60 46.18 -21.64
N LEU A 1824 15.54 46.53 -20.36
CA LEU A 1824 15.01 45.60 -19.40
C LEU A 1824 14.51 46.31 -18.17
N TYR A 1825 13.36 45.84 -17.67
CA TYR A 1825 12.84 46.22 -16.37
C TYR A 1825 12.59 44.96 -15.55
N LEU A 1826 13.12 44.95 -14.33
CA LEU A 1826 12.96 43.85 -13.40
C LEU A 1826 12.21 44.34 -12.17
N VAL A 1827 11.34 43.49 -11.64
CA VAL A 1827 10.63 43.74 -10.39
C VAL A 1827 10.92 42.59 -9.45
N PHE A 1828 11.34 42.92 -8.23
CA PHE A 1828 11.67 41.94 -7.21
C PHE A 1828 10.87 42.27 -5.97
N LYS A 1829 10.08 41.32 -5.49
CA LYS A 1829 9.44 41.48 -4.19
C LYS A 1829 10.42 41.06 -3.09
N THR A 1830 10.48 41.85 -2.02
CA THR A 1830 11.38 41.53 -0.94
C THR A 1830 10.82 42.06 0.37
N TYR A 1831 11.42 41.59 1.47
CA TYR A 1831 11.09 42.02 2.81
C TYR A 1831 12.27 42.79 3.39
N GLY A 1832 11.98 43.97 3.96
CA GLY A 1832 13.06 44.84 4.41
C GLY A 1832 13.93 44.23 5.47
N THR A 1833 13.39 43.29 6.24
CA THR A 1833 14.16 42.67 7.31
C THR A 1833 15.39 41.97 6.77
N MET A 1834 15.23 41.19 5.71
CA MET A 1834 16.37 40.53 5.09
C MET A 1834 17.30 41.50 4.38
N LEU A 1835 16.87 42.75 4.17
CA LEU A 1835 17.67 43.70 3.42
C LEU A 1835 18.83 44.28 4.22
N VAL A 1836 19.01 43.86 5.47
CA VAL A 1836 20.17 44.26 6.26
C VAL A 1836 20.95 43.08 6.81
N ASN A 1837 20.35 41.91 6.94
CA ASN A 1837 21.12 40.72 7.25
C ASN A 1837 22.17 40.52 6.18
N PRO A 1838 23.47 40.57 6.49
CA PRO A 1838 24.48 40.50 5.42
C PRO A 1838 24.50 39.17 4.70
N ASN A 1839 23.80 38.15 5.21
CA ASN A 1839 23.74 36.85 4.56
C ASN A 1839 22.62 36.76 3.53
N TYR A 1840 21.96 37.87 3.21
CA TYR A 1840 20.91 37.82 2.20
C TYR A 1840 21.48 37.71 0.80
N LYS A 1841 22.43 38.59 0.47
CA LYS A 1841 23.09 38.59 -0.83
C LYS A 1841 22.07 38.73 -1.95
N ALA A 1842 21.34 39.84 -1.90
CA ALA A 1842 20.34 40.16 -2.92
C ALA A 1842 20.70 41.38 -3.74
N ILE A 1843 21.00 42.51 -3.10
CA ILE A 1843 21.35 43.71 -3.85
C ILE A 1843 22.78 43.61 -4.36
N GLN A 1844 23.70 43.20 -3.50
CA GLN A 1844 25.10 43.07 -3.88
C GLN A 1844 25.33 41.90 -4.83
N HIS A 1845 24.33 41.04 -5.01
CA HIS A 1845 24.43 39.87 -5.87
C HIS A 1845 23.62 40.00 -7.14
N LEU A 1846 22.58 40.83 -7.13
CA LEU A 1846 21.75 41.09 -8.30
C LEU A 1846 22.18 42.33 -9.06
N SER A 1847 22.69 43.35 -8.38
CA SER A 1847 23.06 44.60 -9.04
C SER A 1847 24.38 44.42 -9.78
N ARG A 1848 24.33 43.58 -10.80
CA ARG A 1848 25.45 43.38 -11.71
C ARG A 1848 25.04 43.57 -13.16
N ALA A 1849 23.81 44.00 -13.43
CA ALA A 1849 23.44 44.48 -14.75
C ALA A 1849 22.66 45.78 -14.73
N PHE A 1850 22.15 46.23 -13.59
CA PHE A 1850 21.19 47.32 -13.55
C PHE A 1850 21.77 48.55 -12.87
N PRO A 1851 22.01 49.65 -13.59
CA PRO A 1851 22.29 50.91 -12.89
C PRO A 1851 21.08 51.58 -12.27
N SER A 1852 19.91 51.51 -12.91
CA SER A 1852 18.77 52.32 -12.45
C SER A 1852 17.95 51.52 -11.44
N VAL A 1853 17.68 52.13 -10.29
CA VAL A 1853 16.96 51.47 -9.21
C VAL A 1853 15.94 52.43 -8.61
N THR A 1854 14.79 51.88 -8.20
CA THR A 1854 13.82 52.63 -7.41
C THR A 1854 12.99 51.64 -6.60
N GLY A 1855 12.87 51.86 -5.30
CA GLY A 1855 12.00 51.05 -4.49
C GLY A 1855 10.58 51.59 -4.53
N PHE A 1856 9.61 50.70 -4.32
CA PHE A 1856 8.21 51.09 -4.38
C PHE A 1856 7.44 50.44 -3.24
N ILE A 1857 6.49 51.21 -2.71
CA ILE A 1857 5.59 50.79 -1.66
C ILE A 1857 4.17 51.11 -2.12
N THR A 1858 3.22 50.35 -1.61
CA THR A 1858 1.83 50.46 -2.00
C THR A 1858 0.97 50.90 -0.81
N GLN A 1859 -0.18 51.49 -1.13
CA GLN A 1859 -1.13 51.85 -0.11
C GLN A 1859 -1.88 50.64 0.43
N VAL A 1860 -1.74 49.49 -0.19
CA VAL A 1860 -2.31 48.24 0.30
C VAL A 1860 -1.15 47.29 0.56
N THR A 1861 -0.71 47.26 1.81
CA THR A 1861 0.34 46.37 2.24
C THR A 1861 0.07 46.03 3.69
N SER A 1862 0.56 44.88 4.15
CA SER A 1862 0.26 44.42 5.49
C SER A 1862 0.61 45.49 6.51
N SER A 1863 -0.27 45.64 7.50
CA SER A 1863 -0.31 46.85 8.31
C SER A 1863 1.03 47.19 8.94
N PHE A 1864 1.83 46.18 9.26
CA PHE A 1864 3.20 46.40 9.73
C PHE A 1864 4.07 45.35 9.02
N SER A 1865 4.63 45.75 7.89
CA SER A 1865 5.42 44.83 7.09
C SER A 1865 6.44 45.62 6.30
N SER A 1866 7.66 45.12 6.23
CA SER A 1866 8.70 45.76 5.44
C SER A 1866 8.72 45.19 4.03
N GLU A 1867 7.57 45.23 3.36
CA GLU A 1867 7.48 44.79 1.98
C GLU A 1867 7.94 45.91 1.07
N LEU A 1868 8.88 45.59 0.18
CA LEU A 1868 9.34 46.52 -0.84
C LEU A 1868 9.29 45.82 -2.19
N TYR A 1869 8.72 46.48 -3.18
CA TYR A 1869 8.83 46.04 -4.56
C TYR A 1869 9.90 46.91 -5.20
N LEU A 1870 11.10 46.36 -5.32
CA LEU A 1870 12.19 47.14 -5.90
C LEU A 1870 12.22 46.90 -7.40
N ARG A 1871 12.33 47.99 -8.15
CA ARG A 1871 12.29 47.97 -9.60
C ARG A 1871 13.66 48.38 -10.10
N PHE A 1872 14.32 47.46 -10.79
CA PHE A 1872 15.56 47.71 -11.50
C PHE A 1872 15.27 47.98 -12.97
N SER A 1873 16.16 48.74 -13.60
CA SER A 1873 16.03 49.03 -15.00
C SER A 1873 17.41 49.26 -15.61
N LYS A 1874 17.56 48.74 -16.83
CA LYS A 1874 18.78 48.88 -17.63
C LYS A 1874 18.40 49.00 -19.10
N ARG A 1875 19.40 49.32 -19.91
CA ARG A 1875 19.25 49.48 -21.34
C ARG A 1875 20.12 48.55 -22.17
N GLY A 1876 21.16 47.94 -21.59
CA GLY A 1876 21.96 46.97 -22.31
C GLY A 1876 23.45 47.00 -22.00
N LYS A 1877 24.03 45.83 -21.75
CA LYS A 1877 25.47 45.64 -21.67
C LYS A 1877 26.09 46.53 -20.59
N PHE A 1878 25.66 46.31 -19.36
CA PHE A 1878 26.24 46.95 -18.18
C PHE A 1878 26.61 45.87 -17.18
N PHE A 1879 27.77 46.01 -16.54
CA PHE A 1879 28.31 44.99 -15.65
C PHE A 1879 28.35 45.41 -14.19
N ARG A 1880 28.97 46.55 -13.87
CA ARG A 1880 28.96 47.09 -12.49
C ARG A 1880 29.34 46.03 -11.47
N ASP A 1881 30.58 45.54 -11.59
CA ASP A 1881 31.01 44.23 -11.10
C ASP A 1881 30.42 43.85 -9.74
N ALA A 1882 30.45 44.75 -8.77
CA ALA A 1882 29.77 44.48 -7.52
C ALA A 1882 29.65 45.76 -6.73
N GLU A 1883 28.51 45.91 -6.04
CA GLU A 1883 28.24 47.11 -5.26
C GLU A 1883 27.33 46.75 -4.11
N TYR A 1884 27.80 47.00 -2.89
CA TYR A 1884 27.01 46.73 -1.69
C TYR A 1884 26.03 47.88 -1.47
N LEU A 1885 25.25 47.78 -0.40
CA LEU A 1885 24.25 48.78 -0.05
C LEU A 1885 24.81 49.74 0.99
N THR A 1886 24.59 51.03 0.77
CA THR A 1886 25.14 52.07 1.63
C THR A 1886 24.28 52.21 2.90
N SER A 1887 24.56 53.26 3.68
CA SER A 1887 23.91 53.48 4.96
C SER A 1887 22.94 54.65 4.96
N SER A 1888 23.15 55.66 4.11
CA SER A 1888 22.27 56.81 4.10
C SER A 1888 20.88 56.43 3.61
N THR A 1889 20.82 55.73 2.48
CA THR A 1889 19.53 55.22 2.00
C THR A 1889 18.93 54.25 3.00
N LEU A 1890 19.77 53.51 3.72
CA LEU A 1890 19.26 52.61 4.74
C LEU A 1890 18.59 53.39 5.87
N ARG A 1891 19.17 54.54 6.24
CA ARG A 1891 18.53 55.40 7.23
C ARG A 1891 17.20 55.91 6.74
N GLU A 1892 17.15 56.39 5.49
CA GLU A 1892 15.88 56.89 4.98
C GLU A 1892 14.85 55.76 4.89
N MET A 1893 15.29 54.54 4.65
CA MET A 1893 14.38 53.42 4.59
C MET A 1893 13.89 53.05 5.98
N SER A 1894 14.77 53.12 6.98
CA SER A 1894 14.35 52.95 8.36
C SER A 1894 13.50 54.10 8.85
N LEU A 1895 13.44 55.20 8.10
CA LEU A 1895 12.51 56.27 8.40
C LEU A 1895 11.15 56.05 7.78
N VAL A 1896 11.10 55.43 6.59
CA VAL A 1896 9.82 55.05 6.01
C VAL A 1896 9.87 53.63 5.45
N LEU A 1897 9.35 52.66 6.20
CA LEU A 1897 9.16 51.31 5.67
C LEU A 1897 7.82 50.69 6.05
N PHE A 1898 6.88 51.45 6.62
CA PHE A 1898 5.52 51.01 6.90
C PHE A 1898 5.44 49.93 7.97
N ASN A 1899 6.56 49.57 8.61
CA ASN A 1899 6.60 48.58 9.67
C ASN A 1899 7.00 49.19 11.00
N CYS A 1900 7.95 50.12 11.00
CA CYS A 1900 8.32 50.88 12.17
C CYS A 1900 7.56 52.19 12.29
N SER A 1901 6.61 52.43 11.40
CA SER A 1901 5.79 53.64 11.46
C SER A 1901 4.74 53.49 12.54
N SER A 1902 4.01 54.58 12.77
CA SER A 1902 3.07 54.56 13.88
C SER A 1902 1.82 53.74 13.56
N PRO A 1903 1.19 53.14 14.57
CA PRO A 1903 -0.12 52.56 14.36
C PRO A 1903 -1.16 53.61 14.03
N LYS A 1904 -0.91 54.87 14.39
CA LYS A 1904 -1.78 55.95 13.93
C LYS A 1904 -1.76 56.04 12.42
N SER A 1905 -0.57 55.97 11.83
CA SER A 1905 -0.46 56.02 10.37
C SER A 1905 -1.11 54.80 9.73
N GLU A 1906 -0.92 53.62 10.31
CA GLU A 1906 -1.51 52.43 9.70
C GLU A 1906 -3.04 52.47 9.78
N MET A 1907 -3.57 52.92 10.91
CA MET A 1907 -5.01 53.07 11.05
C MET A 1907 -5.54 54.08 10.04
N GLN A 1908 -4.83 55.19 9.87
CA GLN A 1908 -5.32 56.20 8.94
C GLN A 1908 -5.31 55.68 7.51
N ARG A 1909 -4.30 54.88 7.15
CA ARG A 1909 -4.32 54.23 5.84
C ARG A 1909 -5.56 53.35 5.68
N ALA A 1910 -5.77 52.45 6.65
CA ALA A 1910 -6.86 51.49 6.53
C ALA A 1910 -8.22 52.16 6.56
N ARG A 1911 -8.32 53.33 7.19
CA ARG A 1911 -9.55 54.10 7.10
C ARG A 1911 -9.60 54.93 5.83
N SER A 1912 -8.46 55.16 5.20
CA SER A 1912 -8.41 55.97 3.99
C SER A 1912 -8.95 55.21 2.80
N LEU A 1913 -8.40 54.04 2.51
CA LEU A 1913 -8.79 53.34 1.29
C LEU A 1913 -10.26 52.95 1.35
N ASN A 1914 -10.87 52.85 0.17
CA ASN A 1914 -12.30 52.59 0.04
C ASN A 1914 -12.54 51.24 -0.63
N TYR A 1915 -13.83 50.88 -0.69
CA TYR A 1915 -14.26 49.62 -1.27
C TYR A 1915 -14.44 49.70 -2.78
N GLN A 1916 -15.02 50.79 -3.27
CA GLN A 1916 -15.33 50.90 -4.69
C GLN A 1916 -14.05 50.93 -5.52
N ASP A 1917 -13.02 51.59 -5.01
CA ASP A 1917 -11.75 51.68 -5.73
C ASP A 1917 -11.09 50.33 -5.90
N LEU A 1918 -11.49 49.34 -5.09
CA LEU A 1918 -10.87 48.02 -5.11
C LEU A 1918 -11.77 46.96 -5.69
N VAL A 1919 -13.07 47.20 -5.82
CA VAL A 1919 -13.97 46.21 -6.40
C VAL A 1919 -14.30 46.57 -7.85
N ARG A 1920 -14.28 47.86 -8.20
CA ARG A 1920 -14.77 48.27 -9.51
C ARG A 1920 -13.89 47.70 -10.61
N GLY A 1921 -14.50 47.48 -11.76
CA GLY A 1921 -13.86 46.82 -12.88
C GLY A 1921 -14.06 45.32 -12.90
N PHE A 1922 -13.82 44.67 -11.77
CA PHE A 1922 -14.08 43.25 -11.68
C PHE A 1922 -15.58 42.99 -11.79
N PRO A 1923 -15.99 41.79 -12.19
CA PRO A 1923 -17.41 41.46 -12.25
C PRO A 1923 -17.93 41.08 -10.87
N GLU A 1924 -19.21 40.71 -10.84
CA GLU A 1924 -19.87 40.29 -9.61
C GLU A 1924 -19.74 38.80 -9.35
N GLU A 1925 -18.75 38.15 -9.96
CA GLU A 1925 -18.57 36.71 -9.86
C GLU A 1925 -17.41 36.30 -8.94
N ILE A 1926 -16.30 37.02 -8.97
CA ILE A 1926 -15.16 36.65 -8.15
C ILE A 1926 -15.43 36.91 -6.67
N ILE A 1927 -16.47 37.69 -6.34
CA ILE A 1927 -16.81 37.96 -4.96
C ILE A 1927 -17.57 36.75 -4.43
N SER A 1928 -16.87 35.88 -3.71
CA SER A 1928 -17.53 34.75 -3.08
C SER A 1928 -18.61 35.25 -2.13
N ASN A 1929 -19.69 34.50 -2.05
CA ASN A 1929 -20.79 34.86 -1.18
C ASN A 1929 -20.27 34.89 0.25
N PRO A 1930 -20.16 36.06 0.89
CA PRO A 1930 -19.61 36.08 2.25
C PRO A 1930 -20.46 35.35 3.25
N TYR A 1931 -21.75 35.23 2.99
CA TYR A 1931 -22.64 34.58 3.94
C TYR A 1931 -22.37 33.09 4.01
N ASN A 1932 -22.16 32.46 2.85
CA ASN A 1932 -21.82 31.04 2.81
C ASN A 1932 -20.54 30.76 3.59
N GLU A 1933 -19.50 31.57 3.35
CA GLU A 1933 -18.25 31.38 4.07
C GLU A 1933 -18.44 31.58 5.57
N MET A 1934 -19.28 32.55 5.94
CA MET A 1934 -19.54 32.80 7.35
C MET A 1934 -20.15 31.57 8.01
N ILE A 1935 -21.23 31.05 7.43
CA ILE A 1935 -21.89 29.88 8.02
C ILE A 1935 -20.95 28.69 8.01
N ILE A 1936 -20.09 28.59 7.00
CA ILE A 1936 -19.19 27.45 6.92
C ILE A 1936 -18.18 27.50 8.06
N THR A 1937 -17.54 28.64 8.26
CA THR A 1937 -16.58 28.75 9.36
C THR A 1937 -17.25 28.56 10.70
N LEU A 1938 -18.50 29.00 10.84
CA LEU A 1938 -19.16 28.87 12.14
C LEU A 1938 -19.48 27.41 12.43
N ILE A 1939 -20.07 26.71 11.46
CA ILE A 1939 -20.33 25.29 11.65
C ILE A 1939 -19.03 24.52 11.82
N ASP A 1940 -17.95 24.99 11.19
CA ASP A 1940 -16.64 24.40 11.46
C ASP A 1940 -16.25 24.58 12.92
N SER A 1941 -16.72 25.65 13.55
CA SER A 1941 -16.45 25.87 14.97
C SER A 1941 -17.50 25.24 15.88
N ASP A 1942 -18.26 24.27 15.38
CA ASP A 1942 -19.21 23.50 16.19
C ASP A 1942 -20.22 24.42 16.88
N VAL A 1943 -20.98 25.14 16.05
CA VAL A 1943 -22.07 25.99 16.51
C VAL A 1943 -23.36 25.45 15.91
N GLU A 1944 -24.47 25.78 16.56
CA GLU A 1944 -25.76 25.22 16.18
C GLU A 1944 -26.15 25.72 14.81
N SER A 1945 -26.43 24.79 13.90
CA SER A 1945 -26.69 25.15 12.51
C SER A 1945 -27.92 26.03 12.38
N PHE A 1946 -28.99 25.68 13.09
CA PHE A 1946 -30.20 26.48 13.07
C PHE A 1946 -29.92 27.92 13.48
N LEU A 1947 -29.23 28.07 14.63
CA LEU A 1947 -28.97 29.40 15.17
C LEU A 1947 -28.13 30.22 14.20
N VAL A 1948 -27.01 29.67 13.76
CA VAL A 1948 -26.12 30.45 12.89
C VAL A 1948 -26.80 30.75 11.55
N HIS A 1949 -27.61 29.83 11.03
CA HIS A 1949 -28.32 30.12 9.80
C HIS A 1949 -29.29 31.27 9.99
N LYS A 1950 -30.05 31.27 11.09
CA LYS A 1950 -30.95 32.39 11.37
C LYS A 1950 -30.17 33.68 11.51
N MET A 1951 -29.02 33.63 12.18
CA MET A 1951 -28.18 34.80 12.36
C MET A 1951 -27.77 35.38 11.02
N VAL A 1952 -27.24 34.54 10.14
CA VAL A 1952 -26.73 35.00 8.86
C VAL A 1952 -27.87 35.47 7.97
N ASP A 1953 -29.05 34.86 8.07
CA ASP A 1953 -30.18 35.34 7.29
C ASP A 1953 -30.61 36.73 7.75
N ASP A 1954 -30.67 36.94 9.07
CA ASP A 1954 -31.00 38.27 9.56
C ASP A 1954 -29.94 39.28 9.13
N LEU A 1955 -28.68 38.84 9.10
CA LEU A 1955 -27.60 39.74 8.69
C LEU A 1955 -27.72 40.13 7.23
N GLU A 1956 -28.11 39.16 6.38
CA GLU A 1956 -28.34 39.47 4.98
C GLU A 1956 -29.53 40.40 4.80
N LEU A 1957 -30.63 40.12 5.50
CA LEU A 1957 -31.86 40.86 5.25
C LEU A 1957 -31.79 42.28 5.79
N GLN A 1958 -31.01 42.53 6.84
CA GLN A 1958 -31.11 43.82 7.49
C GLN A 1958 -30.46 44.91 6.65
N ARG A 1959 -30.90 46.15 6.88
CA ARG A 1959 -30.44 47.33 6.19
C ARG A 1959 -29.86 48.31 7.19
N GLY A 1960 -28.65 48.78 6.93
CA GLY A 1960 -27.98 49.71 7.82
C GLY A 1960 -26.65 49.17 8.32
N THR A 1961 -25.58 49.92 8.04
CA THR A 1961 -24.25 49.50 8.45
C THR A 1961 -24.15 49.33 9.97
N LEU A 1962 -24.86 50.17 10.72
CA LEU A 1962 -24.81 50.09 12.18
C LEU A 1962 -25.36 48.74 12.67
N SER A 1963 -26.60 48.44 12.29
CA SER A 1963 -27.22 47.21 12.76
C SER A 1963 -26.44 45.98 12.29
N LYS A 1964 -25.80 46.06 11.13
CA LYS A 1964 -25.05 44.93 10.63
C LYS A 1964 -23.84 44.64 11.51
N VAL A 1965 -23.09 45.68 11.88
CA VAL A 1965 -21.92 45.46 12.72
C VAL A 1965 -22.35 45.08 14.14
N ALA A 1966 -23.50 45.58 14.59
CA ALA A 1966 -24.01 45.13 15.88
C ALA A 1966 -24.34 43.65 15.84
N ILE A 1967 -24.97 43.18 14.77
CA ILE A 1967 -25.24 41.76 14.63
C ILE A 1967 -23.93 40.98 14.55
N ILE A 1968 -22.90 41.57 13.95
CA ILE A 1968 -21.59 40.90 13.93
C ILE A 1968 -21.08 40.69 15.34
N ILE A 1969 -21.16 41.73 16.18
CA ILE A 1969 -20.73 41.58 17.56
C ILE A 1969 -21.60 40.56 18.27
N ALA A 1970 -22.86 40.44 17.87
CA ALA A 1970 -23.71 39.41 18.45
C ALA A 1970 -23.20 38.02 18.07
N ILE A 1971 -22.77 37.85 16.82
CA ILE A 1971 -22.13 36.60 16.43
C ILE A 1971 -20.93 36.34 17.32
N MET A 1972 -20.17 37.40 17.60
CA MET A 1972 -18.95 37.24 18.38
C MET A 1972 -19.27 36.75 19.79
N ILE A 1973 -20.25 37.37 20.44
CA ILE A 1973 -20.56 37.01 21.82
C ILE A 1973 -21.20 35.63 21.89
N VAL A 1974 -22.09 35.31 20.94
CA VAL A 1974 -22.71 33.99 21.00
C VAL A 1974 -21.68 32.90 20.71
N PHE A 1975 -20.70 33.19 19.84
CA PHE A 1975 -19.61 32.25 19.60
C PHE A 1975 -18.80 32.02 20.86
N SER A 1976 -18.36 33.10 21.49
CA SER A 1976 -17.56 33.03 22.71
C SER A 1976 -18.36 32.58 23.92
N ASN A 1977 -19.68 32.45 23.79
CA ASN A 1977 -20.48 31.83 24.85
C ASN A 1977 -20.78 30.36 24.57
N ARG A 1978 -20.97 29.98 23.31
CA ARG A 1978 -21.12 28.57 22.99
C ARG A 1978 -19.87 27.81 23.38
N VAL A 1979 -18.70 28.31 22.96
CA VAL A 1979 -17.46 27.87 23.60
C VAL A 1979 -17.23 28.76 24.81
N PHE A 1980 -16.46 28.27 25.77
CA PHE A 1980 -16.21 29.00 27.01
C PHE A 1980 -17.52 29.38 27.69
N ASN A 1981 -18.32 28.36 28.01
CA ASN A 1981 -19.66 28.59 28.52
C ASN A 1981 -19.61 29.35 29.83
N VAL A 1982 -20.10 30.58 29.82
CA VAL A 1982 -20.01 31.46 30.97
C VAL A 1982 -21.28 31.34 31.80
N SER A 1983 -22.42 31.63 31.19
CA SER A 1983 -23.67 31.68 31.94
C SER A 1983 -24.11 30.30 32.42
N LYS A 1984 -23.55 29.24 31.88
CA LYS A 1984 -23.85 27.91 32.38
C LYS A 1984 -23.26 27.76 33.78
N PRO A 1985 -24.06 27.43 34.81
CA PRO A 1985 -23.49 27.30 36.16
C PRO A 1985 -22.44 26.21 36.34
N LEU A 1986 -22.21 25.40 35.31
CA LEU A 1986 -21.17 24.36 35.31
C LEU A 1986 -21.22 23.52 36.59
N THR A 1987 -22.36 22.84 36.78
CA THR A 1987 -22.61 22.09 38.00
C THR A 1987 -21.54 21.04 38.29
N ASP A 1988 -20.80 20.59 37.25
CA ASP A 1988 -19.78 19.56 37.45
C ASP A 1988 -18.42 20.19 37.77
N PRO A 1989 -17.53 19.45 38.46
CA PRO A 1989 -16.26 20.03 38.88
C PRO A 1989 -15.16 19.90 37.83
N SER A 1990 -15.38 19.03 36.87
CA SER A 1990 -14.43 18.79 35.79
C SER A 1990 -14.59 19.84 34.70
N PHE A 1991 -13.53 20.58 34.45
CA PHE A 1991 -13.43 21.57 33.40
C PHE A 1991 -12.52 21.02 32.30
N TYR A 1992 -13.12 20.68 31.17
CA TYR A 1992 -12.39 20.17 30.02
C TYR A 1992 -12.26 21.32 29.01
N PRO A 1993 -11.15 22.05 28.98
CA PRO A 1993 -11.03 23.12 28.00
C PRO A 1993 -10.79 22.55 26.61
N PRO A 1994 -10.96 23.36 25.58
CA PRO A 1994 -10.82 22.85 24.21
C PRO A 1994 -9.38 22.82 23.73
N SER A 1995 -9.18 22.32 22.53
CA SER A 1995 -7.85 22.20 21.97
C SER A 1995 -7.25 23.58 21.69
N ASP A 1996 -5.94 23.61 21.53
CA ASP A 1996 -5.27 24.85 21.17
C ASP A 1996 -5.70 25.38 19.81
N PRO A 1997 -5.92 24.55 18.77
CA PRO A 1997 -6.48 25.08 17.52
C PRO A 1997 -7.75 25.88 17.70
N LYS A 1998 -8.71 25.36 18.46
CA LYS A 1998 -9.95 26.08 18.68
C LYS A 1998 -9.69 27.37 19.44
N ILE A 1999 -8.74 27.35 20.36
CA ILE A 1999 -8.40 28.56 21.11
C ILE A 1999 -7.84 29.61 20.17
N LEU A 2000 -6.96 29.20 19.25
CA LEU A 2000 -6.40 30.15 18.30
C LEU A 2000 -7.46 30.71 17.37
N ARG A 2001 -8.35 29.85 16.89
CA ARG A 2001 -9.48 30.31 16.07
C ARG A 2001 -10.27 31.37 16.82
N HIS A 2002 -10.62 31.07 18.08
CA HIS A 2002 -11.40 32.00 18.89
C HIS A 2002 -10.68 33.32 19.04
N PHE A 2003 -9.41 33.27 19.44
CA PHE A 2003 -8.64 34.49 19.69
C PHE A 2003 -8.53 35.33 18.42
N ASN A 2004 -8.26 34.68 17.29
CA ASN A 2004 -8.09 35.40 16.05
C ASN A 2004 -9.37 36.10 15.65
N ILE A 2005 -10.50 35.38 15.68
CA ILE A 2005 -11.76 36.00 15.27
C ILE A 2005 -12.10 37.17 16.18
N CYS A 2006 -11.96 36.97 17.50
CA CYS A 2006 -12.27 38.04 18.44
C CYS A 2006 -11.41 39.27 18.18
N CYS A 2007 -10.09 39.10 18.15
CA CYS A 2007 -9.22 40.26 18.04
C CYS A 2007 -9.39 40.95 16.70
N SER A 2008 -9.65 40.18 15.65
CA SER A 2008 -9.86 40.78 14.33
C SER A 2008 -11.13 41.63 14.31
N THR A 2009 -12.23 41.07 14.82
CA THR A 2009 -13.47 41.83 14.89
C THR A 2009 -13.27 43.12 15.67
N MET A 2010 -12.62 43.01 16.84
CA MET A 2010 -12.46 44.19 17.68
C MET A 2010 -11.52 45.20 17.05
N MET A 2011 -10.50 44.74 16.33
CA MET A 2011 -9.58 45.66 15.66
C MET A 2011 -10.31 46.41 14.56
N TYR A 2012 -11.10 45.70 13.74
CA TYR A 2012 -11.87 46.38 12.72
C TYR A 2012 -12.82 47.40 13.34
N LEU A 2013 -13.41 47.07 14.48
CA LEU A 2013 -14.34 48.00 15.11
C LEU A 2013 -13.62 49.24 15.61
N SER A 2014 -12.47 49.04 16.27
CA SER A 2014 -11.68 50.18 16.72
C SER A 2014 -11.28 51.06 15.55
N THR A 2015 -10.92 50.43 14.42
CA THR A 2015 -10.56 51.20 13.24
C THR A 2015 -11.74 52.02 12.75
N ALA A 2016 -12.92 51.40 12.70
CA ALA A 2016 -14.12 52.14 12.32
C ALA A 2016 -14.38 53.32 13.25
N LEU A 2017 -14.03 53.16 14.53
CA LEU A 2017 -14.19 54.23 15.50
C LEU A 2017 -12.93 55.04 15.73
N GLY A 2018 -11.78 54.56 15.27
CA GLY A 2018 -10.57 55.35 15.36
C GLY A 2018 -10.03 55.55 16.76
N ASP A 2019 -9.59 54.47 17.40
CA ASP A 2019 -9.09 54.49 18.77
C ASP A 2019 -7.68 53.91 18.79
N VAL A 2020 -6.70 54.80 18.79
CA VAL A 2020 -5.29 54.43 18.65
C VAL A 2020 -4.75 53.63 19.83
N PRO A 2021 -5.11 53.91 21.09
CA PRO A 2021 -4.53 53.07 22.15
C PRO A 2021 -5.07 51.66 22.12
N SER A 2022 -6.36 51.49 21.84
CA SER A 2022 -6.90 50.15 21.66
C SER A 2022 -6.24 49.44 20.49
N PHE A 2023 -5.98 50.18 19.41
CA PHE A 2023 -5.31 49.56 18.27
C PHE A 2023 -3.91 49.12 18.65
N ALA A 2024 -3.21 49.94 19.43
CA ALA A 2024 -1.86 49.57 19.86
C ALA A 2024 -1.90 48.35 20.77
N ARG A 2025 -2.89 48.29 21.65
CA ARG A 2025 -2.99 47.16 22.56
C ARG A 2025 -3.28 45.87 21.79
N LEU A 2026 -4.11 45.96 20.75
CA LEU A 2026 -4.40 44.77 19.96
C LEU A 2026 -3.19 44.34 19.13
N HIS A 2027 -2.47 45.31 18.57
CA HIS A 2027 -1.20 45.00 17.92
C HIS A 2027 -0.26 44.30 18.89
N ASP A 2028 -0.26 44.73 20.15
CA ASP A 2028 0.57 44.10 21.17
C ASP A 2028 0.13 42.67 21.40
N LEU A 2029 -1.19 42.45 21.51
CA LEU A 2029 -1.69 41.10 21.69
C LEU A 2029 -1.24 40.19 20.56
N TYR A 2030 -1.37 40.66 19.31
CA TYR A 2030 -0.98 39.81 18.19
C TYR A 2030 0.51 39.53 18.20
N ASN A 2031 1.33 40.55 18.47
CA ASN A 2031 2.77 40.35 18.43
C ASN A 2031 3.28 39.57 19.63
N ARG A 2032 2.55 39.54 20.72
CA ARG A 2032 2.94 38.82 21.93
C ARG A 2032 2.38 37.40 21.88
N PRO A 2033 2.88 36.52 22.73
CA PRO A 2033 2.27 35.19 22.81
C PRO A 2033 0.84 35.27 23.29
N ILE A 2034 0.10 34.20 23.06
CA ILE A 2034 -1.29 34.11 23.47
C ILE A 2034 -1.36 33.45 24.84
N THR A 2035 -2.06 34.09 25.77
CA THR A 2035 -2.17 33.60 27.15
C THR A 2035 -3.60 33.81 27.62
N TYR A 2036 -4.41 32.76 27.58
CA TYR A 2036 -5.73 32.77 28.19
C TYR A 2036 -5.57 32.53 29.67
N TYR A 2037 -5.72 33.60 30.45
CA TYR A 2037 -5.72 33.54 31.90
C TYR A 2037 -7.13 33.20 32.39
N PHE A 2038 -7.26 32.04 33.01
CA PHE A 2038 -8.53 31.52 33.51
C PHE A 2038 -8.66 31.81 35.00
N ARG A 2039 -9.89 32.07 35.42
CA ARG A 2039 -10.24 32.17 36.82
C ARG A 2039 -11.74 31.95 36.94
N LYS A 2040 -12.28 32.15 38.14
CA LYS A 2040 -13.70 31.89 38.35
C LYS A 2040 -14.22 32.85 39.40
N GLN A 2041 -15.54 32.83 39.54
CA GLN A 2041 -16.26 33.69 40.48
C GLN A 2041 -17.40 32.88 41.08
N VAL A 2042 -17.81 33.28 42.28
CA VAL A 2042 -18.95 32.67 42.96
C VAL A 2042 -20.00 33.74 43.17
N ILE A 2043 -21.19 33.50 42.67
CA ILE A 2043 -22.35 34.31 43.02
C ILE A 2043 -23.24 33.48 43.94
N ARG A 2044 -24.21 34.16 44.55
CA ARG A 2044 -24.85 33.62 45.75
C ARG A 2044 -25.44 32.27 45.40
N GLY A 2045 -24.90 31.22 45.99
CA GLY A 2045 -25.12 29.90 45.47
C GLY A 2045 -23.94 29.45 44.64
N ASN A 2046 -24.14 29.50 43.33
CA ASN A 2046 -23.33 28.76 42.36
C ASN A 2046 -22.11 29.57 41.91
N VAL A 2047 -21.37 29.00 40.96
CA VAL A 2047 -20.14 29.59 40.45
C VAL A 2047 -20.29 29.84 38.95
N TYR A 2048 -19.34 30.59 38.42
CA TYR A 2048 -19.23 30.84 36.99
C TYR A 2048 -17.75 30.98 36.66
N LEU A 2049 -17.44 30.82 35.38
CA LEU A 2049 -16.08 30.90 34.87
C LEU A 2049 -15.77 32.31 34.41
N SER A 2050 -14.49 32.58 34.17
CA SER A 2050 -14.05 33.88 33.70
C SER A 2050 -12.69 33.71 33.02
N TRP A 2051 -12.50 34.45 31.92
CA TRP A 2051 -11.26 34.39 31.16
C TRP A 2051 -10.84 35.80 30.78
N SER A 2052 -9.54 35.99 30.64
CA SER A 2052 -9.02 37.28 30.22
C SER A 2052 -7.71 37.09 29.47
N TRP A 2053 -7.40 38.06 28.62
CA TRP A 2053 -6.12 38.08 27.93
C TRP A 2053 -5.04 38.79 28.73
N SER A 2054 -5.40 39.78 29.55
CA SER A 2054 -4.46 40.54 30.36
C SER A 2054 -4.82 40.39 31.83
N ASN A 2055 -4.27 39.36 32.47
CA ASN A 2055 -4.35 39.19 33.92
C ASN A 2055 -3.29 38.17 34.30
N ASP A 2056 -3.03 38.08 35.60
CA ASP A 2056 -2.25 36.98 36.17
C ASP A 2056 -2.99 36.43 37.38
N THR A 2057 -3.78 35.36 37.19
CA THR A 2057 -4.20 34.52 38.31
C THR A 2057 -3.71 33.09 38.14
N SER A 2058 -2.69 32.90 37.30
CA SER A 2058 -1.69 31.85 37.39
C SER A 2058 -2.17 30.45 36.99
N VAL A 2059 -3.46 30.28 36.70
CA VAL A 2059 -3.94 29.13 35.93
C VAL A 2059 -4.16 29.57 34.49
N PHE A 2060 -3.15 29.39 33.64
CA PHE A 2060 -3.23 29.87 32.27
C PHE A 2060 -3.02 28.75 31.27
N LYS A 2061 -3.63 28.93 30.10
CA LYS A 2061 -3.26 28.20 28.88
C LYS A 2061 -2.54 29.16 27.95
N ARG A 2062 -1.32 28.83 27.55
CA ARG A 2062 -0.56 29.69 26.65
C ARG A 2062 -0.11 28.93 25.41
N VAL A 2063 0.02 29.69 24.32
CA VAL A 2063 0.60 29.19 23.08
C VAL A 2063 1.48 30.28 22.49
N ALA A 2064 2.65 29.89 22.00
CA ALA A 2064 3.67 30.79 21.49
C ALA A 2064 3.65 30.89 19.96
N CYS A 2065 2.48 30.73 19.35
CA CYS A 2065 2.38 30.85 17.90
C CYS A 2065 0.91 30.94 17.52
N ASN A 2066 0.62 31.84 16.58
CA ASN A 2066 -0.77 32.02 16.15
C ASN A 2066 -1.15 30.96 15.12
N SER A 2067 -0.43 30.92 14.01
CA SER A 2067 -0.57 29.90 12.97
C SER A 2067 -1.94 29.88 12.30
N SER A 2068 -2.80 30.86 12.59
CA SER A 2068 -4.11 30.93 11.96
C SER A 2068 -4.47 32.35 11.54
N LEU A 2069 -3.48 33.22 11.38
CA LEU A 2069 -3.76 34.60 11.00
C LEU A 2069 -4.50 34.68 9.68
N SER A 2070 -4.31 33.68 8.80
CA SER A 2070 -5.09 33.64 7.58
C SER A 2070 -6.57 33.61 7.87
N LEU A 2071 -6.97 32.99 8.98
CA LEU A 2071 -8.37 32.99 9.37
C LEU A 2071 -8.82 34.38 9.82
N SER A 2072 -7.93 35.11 10.47
CA SER A 2072 -8.25 36.48 10.85
C SER A 2072 -8.48 37.34 9.61
N SER A 2073 -7.61 37.20 8.61
CA SER A 2073 -7.81 37.93 7.37
C SER A 2073 -9.09 37.51 6.68
N HIS A 2074 -9.42 36.22 6.75
CA HIS A 2074 -10.66 35.72 6.16
C HIS A 2074 -11.86 36.39 6.80
N TRP A 2075 -11.88 36.44 8.14
CA TRP A 2075 -13.00 37.06 8.83
C TRP A 2075 -13.07 38.55 8.50
N ILE A 2076 -11.92 39.19 8.33
CA ILE A 2076 -11.92 40.61 7.99
C ILE A 2076 -12.53 40.82 6.61
N ARG A 2077 -12.14 39.97 5.64
CA ARG A 2077 -12.72 40.06 4.31
C ARG A 2077 -14.22 39.86 4.37
N LEU A 2078 -14.67 38.92 5.20
CA LEU A 2078 -16.10 38.64 5.30
C LEU A 2078 -16.85 39.86 5.82
N ILE A 2079 -16.40 40.39 6.96
CA ILE A 2079 -17.11 41.50 7.57
C ILE A 2079 -17.05 42.74 6.69
N TYR A 2080 -16.01 42.87 5.87
CA TYR A 2080 -15.93 44.04 5.01
C TYR A 2080 -16.83 43.89 3.79
N LYS A 2081 -16.81 42.72 3.16
CA LYS A 2081 -17.70 42.47 2.05
C LYS A 2081 -19.15 42.53 2.49
N ILE A 2082 -19.43 42.31 3.77
CA ILE A 2082 -20.79 42.50 4.27
C ILE A 2082 -21.09 43.97 4.46
N VAL A 2083 -20.25 44.67 5.23
CA VAL A 2083 -20.38 46.10 5.46
C VAL A 2083 -19.40 46.80 4.53
N LYS A 2084 -19.87 47.26 3.38
CA LYS A 2084 -18.98 47.94 2.44
C LYS A 2084 -18.85 49.42 2.78
N THR A 2085 -18.48 49.72 4.03
CA THR A 2085 -18.07 51.07 4.39
C THR A 2085 -17.26 51.00 5.67
N THR A 2086 -16.00 51.38 5.61
CA THR A 2086 -15.20 51.63 6.79
C THR A 2086 -15.38 53.10 7.18
N ARG A 2087 -14.57 53.57 8.13
CA ARG A 2087 -14.71 54.89 8.75
C ARG A 2087 -16.16 55.18 9.11
N LEU A 2088 -16.77 54.19 9.76
CA LEU A 2088 -18.15 54.31 10.21
C LEU A 2088 -18.28 55.42 11.24
N VAL A 2089 -19.51 55.88 11.43
CA VAL A 2089 -19.81 56.96 12.35
C VAL A 2089 -21.18 56.72 12.95
N GLY A 2090 -21.35 57.14 14.20
CA GLY A 2090 -22.59 56.95 14.90
C GLY A 2090 -22.35 56.88 16.40
N SER A 2091 -23.46 56.94 17.14
CA SER A 2091 -23.36 56.94 18.59
C SER A 2091 -22.96 55.56 19.10
N ILE A 2092 -21.99 55.53 20.01
CA ILE A 2092 -21.61 54.29 20.66
C ILE A 2092 -22.76 53.75 21.50
N LYS A 2093 -23.59 54.64 22.04
CA LYS A 2093 -24.73 54.22 22.84
C LYS A 2093 -25.67 53.37 22.00
N ASP A 2094 -25.92 53.80 20.76
CA ASP A 2094 -26.84 53.07 19.90
C ASP A 2094 -26.31 51.66 19.63
N LEU A 2095 -25.01 51.52 19.42
CA LEU A 2095 -24.42 50.19 19.25
C LEU A 2095 -24.69 49.32 20.47
N SER A 2096 -24.50 49.88 21.66
CA SER A 2096 -24.72 49.11 22.88
C SER A 2096 -26.16 48.64 22.98
N ARG A 2097 -27.10 49.56 22.78
CA ARG A 2097 -28.51 49.19 22.92
C ARG A 2097 -28.93 48.20 21.85
N GLU A 2098 -28.41 48.36 20.62
CA GLU A 2098 -28.77 47.44 19.54
C GLU A 2098 -28.23 46.05 19.82
N VAL A 2099 -26.99 45.96 20.28
CA VAL A 2099 -26.41 44.66 20.62
C VAL A 2099 -27.19 44.02 21.76
N GLU A 2100 -27.59 44.82 22.75
CA GLU A 2100 -28.38 44.29 23.85
C GLU A 2100 -29.70 43.72 23.35
N ARG A 2101 -30.37 44.44 22.45
CA ARG A 2101 -31.64 43.97 21.93
C ARG A 2101 -31.48 42.68 21.13
N HIS A 2102 -30.51 42.67 20.22
CA HIS A 2102 -30.28 41.46 19.43
C HIS A 2102 -29.89 40.29 20.32
N LEU A 2103 -29.22 40.56 21.44
CA LEU A 2103 -28.83 39.49 22.33
C LEU A 2103 -30.03 38.95 23.09
N HIS A 2104 -30.91 39.83 23.58
CA HIS A 2104 -32.16 39.36 24.16
C HIS A 2104 -32.95 38.53 23.17
N ARG A 2105 -32.82 38.83 21.88
CA ARG A 2105 -33.52 38.03 20.87
C ARG A 2105 -32.88 36.66 20.71
N TYR A 2106 -31.55 36.62 20.48
CA TYR A 2106 -30.92 35.38 20.03
C TYR A 2106 -30.64 34.42 21.19
N ASN A 2107 -29.84 34.86 22.17
CA ASN A 2107 -29.38 33.95 23.21
C ASN A 2107 -30.36 33.79 24.36
N ARG A 2108 -31.01 34.88 24.77
CA ARG A 2108 -32.04 34.91 25.80
C ARG A 2108 -31.49 34.76 27.21
N TRP A 2109 -30.18 34.55 27.38
CA TRP A 2109 -29.60 34.30 28.69
C TRP A 2109 -28.63 35.39 29.13
N ILE A 2110 -27.67 35.74 28.29
CA ILE A 2110 -26.55 36.58 28.70
C ILE A 2110 -26.88 38.05 28.47
N THR A 2111 -26.16 38.90 29.18
CA THR A 2111 -26.23 40.34 29.03
C THR A 2111 -24.79 40.85 29.06
N LEU A 2112 -24.63 42.17 29.13
CA LEU A 2112 -23.30 42.76 29.12
C LEU A 2112 -22.69 42.86 30.51
N GLU A 2113 -23.52 43.04 31.54
CA GLU A 2113 -22.98 43.09 32.89
C GLU A 2113 -22.46 41.73 33.35
N ASP A 2114 -22.92 40.64 32.74
CA ASP A 2114 -22.30 39.33 32.94
C ASP A 2114 -21.04 39.16 32.11
N ILE A 2115 -20.64 40.18 31.36
CA ILE A 2115 -19.52 40.10 30.43
C ILE A 2115 -18.37 41.00 30.85
N ARG A 2116 -18.67 42.20 31.31
CA ARG A 2116 -17.61 43.14 31.65
C ARG A 2116 -16.74 42.59 32.78
N SER A 2117 -15.44 42.63 32.57
CA SER A 2117 -14.44 42.16 33.53
C SER A 2117 -14.60 40.68 33.86
N ARG A 2118 -15.26 39.93 32.97
CA ARG A 2118 -15.45 38.50 33.15
C ARG A 2118 -15.15 37.69 31.90
N SER A 2119 -15.03 38.33 30.73
CA SER A 2119 -14.59 37.65 29.52
C SER A 2119 -13.45 38.42 28.84
N SER A 2120 -13.40 39.72 29.08
CA SER A 2120 -12.39 40.61 28.51
C SER A 2120 -12.60 40.83 27.02
N LEU A 2121 -13.84 40.70 26.53
CA LEU A 2121 -14.09 40.98 25.12
C LEU A 2121 -14.23 42.46 24.86
N LEU A 2122 -15.22 43.09 25.49
CA LEU A 2122 -15.42 44.53 25.40
C LEU A 2122 -14.71 45.28 26.52
N ASP A 2123 -13.41 45.05 26.66
CA ASP A 2123 -12.58 45.81 27.59
C ASP A 2123 -11.74 46.88 26.89
N TYR A 2124 -11.91 47.06 25.59
CA TYR A 2124 -11.17 48.04 24.80
C TYR A 2124 -12.06 49.16 24.26
N SER A 2125 -13.13 48.81 23.57
CA SER A 2125 -14.12 49.79 23.17
C SER A 2125 -14.88 50.31 24.40
N CYS A 2126 -15.77 51.26 24.16
CA CYS A 2126 -16.61 51.83 25.20
C CYS A 2126 -18.00 51.22 25.22
N LEU A 2127 -18.10 49.95 24.85
CA LEU A 2127 -19.37 49.23 24.82
C LEU A 2127 -19.32 47.95 25.64
N UNK B 1 -9.55 62.13 23.81
CA UNK B 1 -9.82 60.73 24.09
C UNK B 1 -11.03 60.26 23.31
N UNK B 2 -11.48 59.04 23.60
CA UNK B 2 -12.63 58.46 22.92
C UNK B 2 -13.46 57.63 23.88
N UNK B 3 -12.91 56.49 24.31
CA UNK B 3 -13.62 55.59 25.20
C UNK B 3 -13.55 56.09 26.65
N UNK B 4 -14.65 55.95 27.37
CA UNK B 4 -14.73 56.36 28.77
C UNK B 4 -14.80 55.14 29.67
N UNK B 5 -14.89 55.38 30.98
CA UNK B 5 -14.95 54.32 31.97
C UNK B 5 -16.38 54.10 32.43
N GLU B 6 -12.15 38.02 45.07
CA GLU B 6 -12.32 37.11 43.94
C GLU B 6 -11.72 35.75 44.23
N ASP B 7 -12.22 34.73 43.55
CA ASP B 7 -11.79 33.35 43.76
C ASP B 7 -10.65 33.02 42.79
N MET B 8 -10.26 31.75 42.78
CA MET B 8 -9.21 31.23 41.91
C MET B 8 -9.55 29.80 41.57
N GLY B 9 -9.08 29.34 40.41
CA GLY B 9 -9.44 28.03 39.94
C GLY B 9 -8.47 26.94 40.36
N ARG B 10 -8.93 26.02 41.22
CA ARG B 10 -8.29 24.72 41.39
C ARG B 10 -9.33 23.63 41.44
N LEU B 11 -10.34 23.71 40.57
CA LEU B 11 -11.28 22.61 40.41
C LEU B 11 -10.62 21.51 39.58
N HIS B 12 -11.39 20.47 39.25
CA HIS B 12 -10.87 19.44 38.37
C HIS B 12 -10.58 20.12 37.03
N LEU B 13 -9.32 20.22 36.63
CA LEU B 13 -8.92 20.98 35.46
C LEU B 13 -8.16 20.05 34.50
N ASP B 14 -8.86 19.51 33.51
CA ASP B 14 -8.22 18.62 32.56
C ASP B 14 -7.36 19.40 31.59
N ASP B 15 -6.36 18.73 31.03
CA ASP B 15 -5.55 19.31 29.98
C ASP B 15 -6.20 19.09 28.62
N GLY B 16 -5.98 20.03 27.71
CA GLY B 16 -6.51 19.92 26.37
C GLY B 16 -5.78 18.88 25.55
N LYS B 17 -5.81 19.03 24.23
CA LYS B 17 -5.05 18.14 23.35
C LYS B 17 -4.60 18.95 22.13
N SER B 18 -3.37 19.44 22.17
CA SER B 18 -2.72 20.11 21.05
C SER B 18 -2.20 19.17 19.97
N PRO B 19 -1.47 18.09 20.33
CA PRO B 19 -0.71 17.38 19.29
C PRO B 19 -1.59 16.57 18.37
N ASN B 20 -2.65 15.95 18.88
CA ASN B 20 -3.53 15.13 18.06
C ASN B 20 -4.43 16.05 17.23
N HIS B 21 -3.78 16.69 16.25
CA HIS B 21 -4.41 17.67 15.39
C HIS B 21 -4.60 17.16 13.97
N GLY B 22 -4.07 15.99 13.63
CA GLY B 22 -4.17 15.49 12.26
C GLY B 22 -5.59 15.27 11.81
N GLU B 23 -6.51 15.06 12.75
CA GLU B 23 -7.90 14.83 12.39
C GLU B 23 -8.62 16.11 11.96
N ILE B 24 -8.25 17.26 12.54
CA ILE B 24 -8.90 18.52 12.17
C ILE B 24 -8.13 19.25 11.07
N ALA B 25 -6.82 19.04 10.96
CA ALA B 25 -6.04 19.72 9.94
C ALA B 25 -6.38 19.25 8.53
N LYS B 26 -7.15 18.18 8.38
CA LYS B 26 -7.52 17.67 7.08
C LYS B 26 -8.85 16.94 7.21
N VAL B 27 -9.93 17.54 6.72
CA VAL B 27 -11.14 16.79 6.40
C VAL B 27 -10.96 16.34 4.96
N GLY B 28 -10.29 15.20 4.79
CA GLY B 28 -9.99 14.67 3.47
C GLY B 28 -10.67 13.34 3.20
N GLU B 29 -10.90 12.56 4.24
CA GLU B 29 -11.52 11.25 4.14
C GLU B 29 -12.93 11.29 4.72
N GLY B 30 -13.70 10.25 4.40
CA GLY B 30 -15.11 10.12 4.75
C GLY B 30 -15.39 8.73 5.32
N LYS B 31 -14.51 8.30 6.25
CA LYS B 31 -14.55 6.93 6.77
C LYS B 31 -15.94 6.53 7.24
N TYR B 32 -16.50 7.28 8.20
CA TYR B 32 -17.82 6.97 8.71
C TYR B 32 -18.49 8.22 9.24
N ARG B 33 -19.82 8.18 9.30
CA ARG B 33 -20.62 9.27 9.82
C ARG B 33 -22.03 8.74 10.07
N GLU B 34 -22.63 9.19 11.17
CA GLU B 34 -23.86 8.64 11.72
C GLU B 34 -24.83 9.76 12.06
N ASP B 35 -24.99 10.70 11.12
CA ASP B 35 -25.46 12.06 11.42
C ASP B 35 -26.73 12.05 12.28
N PHE B 36 -27.80 11.44 11.79
CA PHE B 36 -29.05 11.36 12.57
C PHE B 36 -29.54 12.76 12.93
N GLN B 37 -29.86 13.53 11.89
CA GLN B 37 -30.21 14.94 12.03
C GLN B 37 -31.25 15.14 13.14
N MET B 38 -31.16 16.29 13.80
CA MET B 38 -31.67 16.46 15.15
C MET B 38 -33.18 16.27 15.22
N ASP B 39 -33.67 16.19 16.46
CA ASP B 39 -35.06 15.96 16.77
C ASP B 39 -35.56 17.04 17.70
N GLU B 40 -36.89 17.17 17.76
CA GLU B 40 -37.57 18.15 18.60
C GLU B 40 -38.52 17.52 19.61
N GLY B 41 -39.00 16.31 19.35
CA GLY B 41 -39.88 15.62 20.28
C GLY B 41 -41.32 15.61 19.81
N GLU B 42 -41.77 16.73 19.25
CA GLU B 42 -43.13 16.87 18.75
C GLU B 42 -44.18 16.46 19.78
ZN ZN C . 8.62 14.02 -28.22
ZN ZN D . 5.80 -4.73 -32.65
#